data_2CT5
#
_entry.id   2CT5
#
_cell.length_a   1.000
_cell.length_b   1.000
_cell.length_c   1.000
_cell.angle_alpha   90.00
_cell.angle_beta   90.00
_cell.angle_gamma   90.00
#
_symmetry.space_group_name_H-M   'P 1'
#
loop_
_entity.id
_entity.type
_entity.pdbx_description
1 polymer 'Zinc finger BED domain containing protein 1'
2 non-polymer 'ZINC ION'
#
_entity_poly.entity_id   1
_entity_poly.type   'polypeptide(L)'
_entity_poly.pdbx_seq_one_letter_code
;GSSGSSGSKVWKYFGFDTNAEGCILQWKKIYCRICMAQIAYSGNTSNLSYHLEKNHPEEFCEFVKSNSGPSSG
;
_entity_poly.pdbx_strand_id   A
#
# COMPACT_ATOMS: atom_id res chain seq x y z
N GLY A 1 9.81 6.41 -10.35
CA GLY A 1 8.72 5.55 -10.76
C GLY A 1 7.38 6.27 -10.74
N SER A 2 7.25 7.32 -11.55
CA SER A 2 6.02 8.09 -11.61
C SER A 2 5.49 8.16 -13.04
N SER A 3 6.37 8.53 -13.97
CA SER A 3 6.00 8.64 -15.38
C SER A 3 6.00 7.27 -16.05
N GLY A 4 4.87 6.57 -15.95
CA GLY A 4 4.75 5.26 -16.55
C GLY A 4 4.50 4.17 -15.53
N SER A 5 3.31 4.19 -14.94
CA SER A 5 2.94 3.20 -13.93
C SER A 5 2.08 2.10 -14.54
N SER A 6 2.45 0.84 -14.27
CA SER A 6 1.71 -0.30 -14.79
C SER A 6 0.27 -0.27 -14.32
N GLY A 7 0.08 -0.29 -13.00
CA GLY A 7 -1.26 -0.27 -12.44
C GLY A 7 -1.26 -0.17 -10.93
N SER A 8 -0.51 0.79 -10.40
CA SER A 8 -0.43 0.99 -8.96
C SER A 8 -1.82 1.00 -8.33
N LYS A 9 -2.10 -0.03 -7.52
CA LYS A 9 -3.40 -0.13 -6.85
C LYS A 9 -3.22 -0.20 -5.34
N VAL A 10 -2.09 -0.76 -4.91
CA VAL A 10 -1.80 -0.89 -3.49
C VAL A 10 -1.15 0.38 -2.94
N TRP A 11 -1.58 1.53 -3.45
CA TRP A 11 -1.04 2.81 -3.02
C TRP A 11 -2.16 3.75 -2.56
N LYS A 12 -3.32 3.63 -3.21
CA LYS A 12 -4.46 4.47 -2.87
C LYS A 12 -4.69 4.50 -1.36
N TYR A 13 -4.42 3.37 -0.70
CA TYR A 13 -4.60 3.27 0.74
C TYR A 13 -3.40 3.87 1.47
N PHE A 14 -2.20 3.55 1.00
CA PHE A 14 -0.98 4.06 1.61
C PHE A 14 -0.40 5.21 0.80
N GLY A 15 -0.91 6.41 1.02
CA GLY A 15 -0.44 7.57 0.30
C GLY A 15 0.24 8.58 1.21
N PHE A 16 1.51 8.86 0.94
CA PHE A 16 2.27 9.80 1.74
C PHE A 16 2.10 11.23 1.22
N ASP A 17 1.39 12.05 1.97
CA ASP A 17 1.16 13.43 1.58
C ASP A 17 2.00 14.39 2.41
N THR A 18 3.28 14.51 2.07
CA THR A 18 4.19 15.40 2.78
C THR A 18 4.91 16.34 1.83
N ASN A 19 5.11 17.57 2.27
CA ASN A 19 5.80 18.58 1.46
C ASN A 19 6.35 19.70 2.33
N ALA A 20 7.67 19.84 2.34
CA ALA A 20 8.32 20.88 3.12
C ALA A 20 9.81 20.95 2.81
N GLU A 21 10.50 21.91 3.42
CA GLU A 21 11.93 22.07 3.21
C GLU A 21 12.63 20.73 3.07
N GLY A 22 12.24 19.78 3.92
CA GLY A 22 12.83 18.46 3.88
C GLY A 22 12.26 17.60 2.76
N CYS A 23 10.96 17.69 2.55
CA CYS A 23 10.31 16.92 1.50
C CYS A 23 10.63 15.43 1.64
N ILE A 24 10.37 14.88 2.81
CA ILE A 24 10.63 13.47 3.07
C ILE A 24 9.97 12.58 2.02
N LEU A 25 8.95 13.12 1.36
CA LEU A 25 8.23 12.38 0.33
C LEU A 25 9.20 11.62 -0.57
N GLN A 26 10.36 12.23 -0.82
CA GLN A 26 11.37 11.61 -1.67
C GLN A 26 11.88 10.32 -1.05
N TRP A 27 12.16 10.35 0.25
CA TRP A 27 12.66 9.19 0.96
C TRP A 27 11.68 8.03 0.86
N LYS A 28 12.09 6.87 1.35
CA LYS A 28 11.25 5.67 1.32
C LYS A 28 10.45 5.53 2.62
N LYS A 29 9.41 6.34 2.75
CA LYS A 29 8.56 6.31 3.94
C LYS A 29 7.09 6.27 3.56
N ILE A 30 6.36 5.33 4.15
CA ILE A 30 4.93 5.18 3.88
C ILE A 30 4.13 5.11 5.17
N TYR A 31 2.91 5.64 5.14
CA TYR A 31 2.04 5.64 6.31
C TYR A 31 0.59 5.46 5.90
N CYS A 32 -0.14 4.62 6.64
CA CYS A 32 -1.54 4.36 6.36
C CYS A 32 -2.42 5.50 6.87
N ARG A 33 -2.89 6.33 5.94
CA ARG A 33 -3.75 7.46 6.30
C ARG A 33 -5.04 6.99 6.93
N ILE A 34 -5.58 5.88 6.42
CA ILE A 34 -6.82 5.32 6.94
C ILE A 34 -6.81 5.27 8.46
N CYS A 35 -5.81 4.60 9.02
CA CYS A 35 -5.66 4.48 10.46
C CYS A 35 -4.51 5.34 10.98
N MET A 36 -4.20 6.40 10.24
CA MET A 36 -3.12 7.30 10.63
C MET A 36 -1.97 6.52 11.25
N ALA A 37 -1.60 5.41 10.63
CA ALA A 37 -0.50 4.59 11.12
C ALA A 37 0.74 4.74 10.24
N GLN A 38 1.87 4.26 10.76
CA GLN A 38 3.13 4.35 10.02
C GLN A 38 3.62 2.96 9.62
N ILE A 39 3.81 2.76 8.31
CA ILE A 39 4.27 1.48 7.80
C ILE A 39 5.46 1.67 6.86
N ALA A 40 6.61 1.16 7.27
CA ALA A 40 7.83 1.27 6.46
C ALA A 40 7.71 0.45 5.18
N TYR A 41 8.34 0.93 4.12
CA TYR A 41 8.29 0.23 2.83
C TYR A 41 9.39 -0.82 2.75
N SER A 42 9.07 -1.97 2.17
CA SER A 42 10.03 -3.06 2.02
C SER A 42 10.37 -3.30 0.56
N GLY A 43 11.22 -4.28 0.31
CA GLY A 43 11.62 -4.60 -1.06
C GLY A 43 10.46 -4.48 -2.03
N ASN A 44 9.28 -4.95 -1.62
CA ASN A 44 8.10 -4.90 -2.47
C ASN A 44 6.87 -4.49 -1.66
N THR A 45 5.73 -4.42 -2.33
CA THR A 45 4.48 -4.04 -1.67
C THR A 45 3.80 -5.25 -1.05
N SER A 46 4.59 -6.14 -0.48
CA SER A 46 4.06 -7.35 0.15
C SER A 46 3.44 -7.02 1.51
N ASN A 47 4.13 -6.18 2.28
CA ASN A 47 3.65 -5.79 3.59
C ASN A 47 2.45 -4.85 3.48
N LEU A 48 2.47 -3.98 2.47
CA LEU A 48 1.40 -3.04 2.25
C LEU A 48 0.04 -3.72 2.37
N SER A 49 -0.13 -4.84 1.68
CA SER A 49 -1.39 -5.57 1.72
C SER A 49 -1.56 -6.28 3.06
N TYR A 50 -0.56 -7.03 3.47
CA TYR A 50 -0.60 -7.75 4.73
C TYR A 50 -1.17 -6.87 5.84
N HIS A 51 -0.62 -5.67 5.97
CA HIS A 51 -1.08 -4.72 6.99
C HIS A 51 -2.61 -4.69 7.05
N LEU A 52 -3.24 -4.55 5.89
CA LEU A 52 -4.69 -4.50 5.81
C LEU A 52 -5.30 -5.86 6.14
N GLU A 53 -4.77 -6.91 5.52
CA GLU A 53 -5.27 -8.25 5.75
C GLU A 53 -5.62 -8.47 7.22
N LYS A 54 -4.88 -7.80 8.10
CA LYS A 54 -5.11 -7.90 9.53
C LYS A 54 -5.80 -6.64 10.07
N ASN A 55 -5.32 -5.49 9.63
CA ASN A 55 -5.89 -4.21 10.07
C ASN A 55 -7.28 -4.00 9.47
N HIS A 56 -7.31 -3.64 8.19
CA HIS A 56 -8.57 -3.41 7.50
C HIS A 56 -8.91 -4.57 6.57
N PRO A 57 -9.70 -5.52 7.07
CA PRO A 57 -10.12 -6.70 6.30
C PRO A 57 -11.08 -6.35 5.17
N GLU A 58 -11.64 -5.14 5.23
CA GLU A 58 -12.58 -4.69 4.21
C GLU A 58 -11.84 -4.20 2.96
N GLU A 59 -10.81 -3.38 3.19
CA GLU A 59 -10.02 -2.85 2.09
C GLU A 59 -9.18 -3.93 1.43
N PHE A 60 -8.63 -4.82 2.26
CA PHE A 60 -7.80 -5.91 1.75
C PHE A 60 -8.54 -6.72 0.70
N CYS A 61 -9.77 -7.11 1.00
CA CYS A 61 -10.59 -7.88 0.08
C CYS A 61 -10.77 -7.14 -1.24
N GLU A 62 -11.29 -5.92 -1.16
CA GLU A 62 -11.51 -5.09 -2.35
C GLU A 62 -10.24 -5.02 -3.19
N PHE A 63 -9.09 -5.02 -2.54
CA PHE A 63 -7.81 -4.94 -3.23
C PHE A 63 -7.37 -6.33 -3.69
N VAL A 64 -7.78 -7.36 -2.96
CA VAL A 64 -7.42 -8.72 -3.30
C VAL A 64 -8.45 -9.34 -4.24
N LYS A 65 -8.43 -8.91 -5.49
CA LYS A 65 -9.36 -9.41 -6.50
C LYS A 65 -8.63 -10.28 -7.52
N SER A 66 -8.42 -11.54 -7.18
CA SER A 66 -7.73 -12.48 -8.08
C SER A 66 -8.72 -13.20 -8.98
N ASN A 67 -8.43 -13.22 -10.28
CA ASN A 67 -9.30 -13.88 -11.25
C ASN A 67 -8.71 -15.21 -11.69
N SER A 68 -8.91 -16.24 -10.87
CA SER A 68 -8.39 -17.58 -11.18
C SER A 68 -8.90 -18.60 -10.17
N GLY A 69 -8.56 -19.87 -10.41
CA GLY A 69 -8.98 -20.93 -9.51
C GLY A 69 -8.67 -20.63 -8.06
N PRO A 70 -9.47 -21.20 -7.15
CA PRO A 70 -9.30 -21.01 -5.71
C PRO A 70 -8.04 -21.69 -5.18
N SER A 71 -7.32 -20.99 -4.29
CA SER A 71 -6.10 -21.53 -3.71
C SER A 71 -6.31 -21.89 -2.24
N SER A 72 -5.47 -22.78 -1.73
CA SER A 72 -5.56 -23.22 -0.34
C SER A 72 -5.87 -22.04 0.57
N GLY A 73 -5.19 -20.92 0.35
CA GLY A 73 -5.41 -19.74 1.16
C GLY A 73 -4.22 -19.42 2.05
N GLY A 1 5.26 1.44 -11.91
CA GLY A 1 5.18 2.61 -12.75
C GLY A 1 4.66 2.29 -14.14
N SER A 2 3.48 2.81 -14.47
CA SER A 2 2.88 2.57 -15.77
C SER A 2 1.67 3.48 -15.99
N SER A 3 1.33 3.71 -17.26
CA SER A 3 0.19 4.56 -17.61
C SER A 3 -1.12 3.93 -17.16
N GLY A 4 -1.93 4.71 -16.44
CA GLY A 4 -3.21 4.20 -15.97
C GLY A 4 -3.16 3.76 -14.52
N SER A 5 -4.30 3.84 -13.83
CA SER A 5 -4.37 3.46 -12.43
C SER A 5 -4.54 1.94 -12.30
N SER A 6 -3.77 1.20 -13.08
CA SER A 6 -3.84 -0.26 -13.05
C SER A 6 -2.48 -0.86 -12.66
N GLY A 7 -2.53 -1.98 -11.95
CA GLY A 7 -1.30 -2.63 -11.52
C GLY A 7 -0.92 -2.27 -10.11
N SER A 8 -0.71 -0.99 -9.86
CA SER A 8 -0.33 -0.51 -8.53
C SER A 8 -1.48 0.24 -7.87
N LYS A 9 -2.35 -0.49 -7.19
CA LYS A 9 -3.50 0.12 -6.52
C LYS A 9 -3.25 0.20 -5.01
N VAL A 10 -2.43 -0.71 -4.49
CA VAL A 10 -2.13 -0.74 -3.07
C VAL A 10 -1.76 0.65 -2.57
N TRP A 11 -1.16 1.46 -3.44
CA TRP A 11 -0.76 2.81 -3.07
C TRP A 11 -1.97 3.64 -2.66
N LYS A 12 -3.04 3.55 -3.43
CA LYS A 12 -4.27 4.28 -3.15
C LYS A 12 -4.52 4.35 -1.65
N TYR A 13 -4.23 3.25 -0.96
CA TYR A 13 -4.42 3.17 0.48
C TYR A 13 -3.33 3.92 1.23
N PHE A 14 -2.10 3.81 0.73
CA PHE A 14 -0.96 4.48 1.35
C PHE A 14 -0.27 5.41 0.35
N GLY A 15 -0.49 6.71 0.53
CA GLY A 15 0.12 7.69 -0.36
C GLY A 15 1.06 8.64 0.37
N PHE A 16 2.02 9.18 -0.36
CA PHE A 16 2.99 10.10 0.23
C PHE A 16 2.94 11.45 -0.47
N ASP A 17 3.34 12.51 0.24
CA ASP A 17 3.34 13.85 -0.31
C ASP A 17 4.73 14.24 -0.79
N THR A 18 4.96 14.15 -2.09
CA THR A 18 6.25 14.49 -2.66
C THR A 18 6.15 15.73 -3.55
N ASN A 19 7.28 16.40 -3.75
CA ASN A 19 7.32 17.60 -4.58
C ASN A 19 6.64 18.77 -3.87
N ALA A 20 6.82 18.85 -2.55
CA ALA A 20 6.23 19.92 -1.76
C ALA A 20 7.31 20.83 -1.19
N GLU A 21 8.31 20.24 -0.56
CA GLU A 21 9.40 21.01 0.03
C GLU A 21 10.74 20.61 -0.58
N GLY A 22 10.80 19.42 -1.16
CA GLY A 22 12.01 18.95 -1.78
C GLY A 22 12.59 17.73 -1.06
N CYS A 23 13.11 17.94 0.14
CA CYS A 23 13.69 16.87 0.92
C CYS A 23 12.92 15.57 0.71
N ILE A 24 11.61 15.63 0.91
CA ILE A 24 10.76 14.45 0.76
C ILE A 24 11.09 13.71 -0.54
N LEU A 25 11.29 14.46 -1.61
CA LEU A 25 11.61 13.88 -2.91
C LEU A 25 12.67 12.79 -2.76
N GLN A 26 13.79 13.14 -2.16
CA GLN A 26 14.89 12.19 -1.96
C GLN A 26 14.64 11.34 -0.71
N TRP A 27 13.40 10.91 -0.53
CA TRP A 27 13.03 10.09 0.61
C TRP A 27 11.80 9.24 0.31
N LYS A 28 11.86 7.96 0.65
CA LYS A 28 10.76 7.05 0.41
C LYS A 28 10.10 6.64 1.73
N LYS A 29 8.98 7.28 2.04
CA LYS A 29 8.25 6.99 3.27
C LYS A 29 6.78 6.73 2.99
N ILE A 30 6.19 5.78 3.70
CA ILE A 30 4.78 5.44 3.52
C ILE A 30 4.04 5.47 4.85
N TYR A 31 2.80 5.95 4.82
CA TYR A 31 1.97 6.03 6.02
C TYR A 31 0.53 5.64 5.72
N CYS A 32 -0.09 4.93 6.65
CA CYS A 32 -1.47 4.50 6.49
C CYS A 32 -2.44 5.64 6.75
N ARG A 33 -3.10 6.11 5.69
CA ARG A 33 -4.05 7.21 5.80
C ARG A 33 -5.43 6.70 6.19
N ILE A 34 -5.46 5.62 6.97
CA ILE A 34 -6.72 5.04 7.41
C ILE A 34 -6.81 4.97 8.93
N CYS A 35 -5.72 4.53 9.55
CA CYS A 35 -5.68 4.42 11.00
C CYS A 35 -4.46 5.15 11.56
N MET A 36 -4.13 6.29 10.97
CA MET A 36 -2.99 7.08 11.41
C MET A 36 -1.85 6.18 11.88
N ALA A 37 -1.52 5.17 11.07
CA ALA A 37 -0.46 4.25 11.41
C ALA A 37 0.67 4.30 10.38
N GLN A 38 1.88 4.55 10.86
CA GLN A 38 3.05 4.64 9.97
C GLN A 38 3.45 3.26 9.47
N ILE A 39 3.56 3.12 8.15
CA ILE A 39 3.94 1.86 7.54
C ILE A 39 5.43 1.83 7.23
N ALA A 40 6.01 0.63 7.24
CA ALA A 40 7.42 0.46 6.95
C ALA A 40 7.63 -0.01 5.52
N TYR A 41 8.30 0.83 4.72
CA TYR A 41 8.57 0.50 3.33
C TYR A 41 10.01 0.07 3.14
N SER A 42 10.21 -1.24 2.95
CA SER A 42 11.55 -1.79 2.76
C SER A 42 11.73 -2.30 1.34
N GLY A 43 11.15 -1.59 0.38
CA GLY A 43 11.26 -1.99 -1.02
C GLY A 43 9.93 -2.48 -1.58
N ASN A 44 9.80 -3.79 -1.72
CA ASN A 44 8.58 -4.38 -2.25
C ASN A 44 7.34 -3.77 -1.59
N THR A 45 6.22 -3.82 -2.30
CA THR A 45 4.97 -3.26 -1.78
C THR A 45 4.22 -4.30 -0.94
N SER A 46 4.49 -5.58 -1.20
CA SER A 46 3.84 -6.66 -0.47
C SER A 46 3.57 -6.26 0.97
N ASN A 47 4.53 -5.58 1.58
CA ASN A 47 4.39 -5.14 2.96
C ASN A 47 3.15 -4.26 3.14
N LEU A 48 2.98 -3.29 2.25
CA LEU A 48 1.83 -2.39 2.30
C LEU A 48 0.55 -3.17 2.63
N SER A 49 0.27 -4.20 1.84
CA SER A 49 -0.93 -5.01 2.05
C SER A 49 -0.86 -5.72 3.40
N TYR A 50 0.25 -6.40 3.66
CA TYR A 50 0.43 -7.13 4.91
C TYR A 50 -0.17 -6.35 6.08
N HIS A 51 0.18 -5.07 6.17
CA HIS A 51 -0.32 -4.21 7.24
C HIS A 51 -1.85 -4.33 7.37
N LEU A 52 -2.53 -4.24 6.24
CA LEU A 52 -3.99 -4.33 6.21
C LEU A 52 -4.44 -5.76 6.50
N GLU A 53 -3.93 -6.71 5.73
CA GLU A 53 -4.28 -8.12 5.90
C GLU A 53 -4.33 -8.48 7.39
N LYS A 54 -3.61 -7.73 8.20
CA LYS A 54 -3.57 -7.97 9.64
C LYS A 54 -4.40 -6.93 10.39
N ASN A 55 -4.28 -5.67 9.98
CA ASN A 55 -5.03 -4.59 10.62
C ASN A 55 -6.43 -4.49 10.04
N HIS A 56 -6.53 -4.05 8.79
CA HIS A 56 -7.82 -3.90 8.13
C HIS A 56 -8.09 -5.10 7.21
N PRO A 57 -8.92 -6.03 7.70
CA PRO A 57 -9.28 -7.24 6.94
C PRO A 57 -10.18 -6.92 5.74
N GLU A 58 -11.19 -6.09 5.96
CA GLU A 58 -12.12 -5.71 4.91
C GLU A 58 -11.39 -4.94 3.80
N GLU A 59 -10.47 -4.08 4.20
CA GLU A 59 -9.70 -3.29 3.25
C GLU A 59 -8.74 -4.17 2.44
N PHE A 60 -8.07 -5.08 3.13
CA PHE A 60 -7.12 -5.98 2.48
C PHE A 60 -7.77 -6.69 1.30
N CYS A 61 -8.90 -7.35 1.56
CA CYS A 61 -9.62 -8.07 0.51
C CYS A 61 -9.90 -7.16 -0.68
N GLU A 62 -10.65 -6.09 -0.44
CA GLU A 62 -10.99 -5.15 -1.49
C GLU A 62 -9.81 -4.90 -2.42
N PHE A 63 -8.61 -4.94 -1.84
CA PHE A 63 -7.38 -4.71 -2.61
C PHE A 63 -6.91 -6.01 -3.25
N VAL A 64 -7.13 -7.13 -2.57
CA VAL A 64 -6.72 -8.43 -3.07
C VAL A 64 -7.89 -9.14 -3.74
N LYS A 65 -8.59 -8.43 -4.62
CA LYS A 65 -9.74 -9.00 -5.33
C LYS A 65 -9.30 -9.60 -6.66
N SER A 66 -9.13 -10.91 -6.70
CA SER A 66 -8.71 -11.60 -7.92
C SER A 66 -9.46 -12.91 -8.08
N ASN A 67 -9.37 -13.49 -9.27
CA ASN A 67 -10.05 -14.76 -9.56
C ASN A 67 -10.03 -15.67 -8.34
N SER A 68 -8.85 -15.88 -7.76
CA SER A 68 -8.71 -16.73 -6.59
C SER A 68 -9.82 -16.46 -5.57
N GLY A 69 -9.94 -15.19 -5.17
CA GLY A 69 -10.96 -14.83 -4.21
C GLY A 69 -10.55 -15.10 -2.78
N PRO A 70 -11.38 -14.67 -1.82
CA PRO A 70 -11.12 -14.87 -0.40
C PRO A 70 -11.23 -16.34 0.02
N SER A 71 -10.80 -16.64 1.24
CA SER A 71 -10.84 -18.00 1.75
C SER A 71 -10.55 -18.03 3.25
N SER A 72 -11.59 -18.23 4.04
CA SER A 72 -11.45 -18.27 5.50
C SER A 72 -12.31 -19.38 6.09
N GLY A 73 -12.01 -19.76 7.33
CA GLY A 73 -12.75 -20.81 7.99
C GLY A 73 -13.90 -20.27 8.84
N GLY A 1 6.91 -11.06 -14.44
CA GLY A 1 6.99 -10.05 -15.47
C GLY A 1 8.06 -9.01 -15.19
N SER A 2 9.30 -9.33 -15.56
CA SER A 2 10.42 -8.41 -15.34
C SER A 2 9.98 -6.96 -15.50
N SER A 3 9.19 -6.70 -16.53
CA SER A 3 8.69 -5.35 -16.80
C SER A 3 7.44 -5.39 -17.67
N GLY A 4 6.49 -4.53 -17.36
CA GLY A 4 5.26 -4.47 -18.12
C GLY A 4 4.11 -3.87 -17.32
N SER A 5 2.89 -4.36 -17.58
CA SER A 5 1.71 -3.85 -16.88
C SER A 5 1.89 -3.94 -15.37
N SER A 6 2.32 -2.83 -14.76
CA SER A 6 2.53 -2.78 -13.32
C SER A 6 1.30 -2.22 -12.61
N GLY A 7 0.63 -3.06 -11.85
CA GLY A 7 -0.55 -2.63 -11.12
C GLY A 7 -0.45 -2.91 -9.64
N SER A 8 -0.04 -1.89 -8.88
CA SER A 8 0.10 -2.03 -7.44
C SER A 8 -1.26 -1.95 -6.75
N LYS A 9 -2.04 -0.94 -7.09
CA LYS A 9 -3.36 -0.75 -6.51
C LYS A 9 -3.32 -0.90 -4.99
N VAL A 10 -2.16 -0.59 -4.40
CA VAL A 10 -1.99 -0.68 -2.96
C VAL A 10 -1.56 0.65 -2.37
N TRP A 11 -1.22 1.60 -3.24
CA TRP A 11 -0.79 2.92 -2.80
C TRP A 11 -1.99 3.78 -2.41
N LYS A 12 -3.05 3.70 -3.21
CA LYS A 12 -4.26 4.46 -2.95
C LYS A 12 -4.60 4.47 -1.46
N TYR A 13 -4.44 3.31 -0.82
CA TYR A 13 -4.72 3.19 0.61
C TYR A 13 -3.65 3.89 1.43
N PHE A 14 -2.39 3.62 1.12
CA PHE A 14 -1.27 4.23 1.84
C PHE A 14 -0.61 5.31 1.00
N GLY A 15 -0.82 6.56 1.38
CA GLY A 15 -0.24 7.67 0.64
C GLY A 15 1.20 7.94 1.05
N PHE A 16 1.86 8.85 0.32
CA PHE A 16 3.24 9.18 0.61
C PHE A 16 3.45 10.69 0.59
N ASP A 17 4.60 11.13 1.11
CA ASP A 17 4.92 12.55 1.16
C ASP A 17 6.11 12.87 0.26
N THR A 18 5.83 13.44 -0.91
CA THR A 18 6.88 13.79 -1.85
C THR A 18 6.93 15.30 -2.09
N ASN A 19 8.11 15.88 -1.93
CA ASN A 19 8.29 17.31 -2.13
C ASN A 19 7.67 17.76 -3.45
N ALA A 20 8.12 17.16 -4.54
CA ALA A 20 7.61 17.50 -5.86
C ALA A 20 6.71 16.39 -6.40
N GLU A 21 5.99 16.68 -7.49
CA GLU A 21 5.11 15.70 -8.10
C GLU A 21 5.88 14.48 -8.57
N GLY A 22 7.08 14.71 -9.10
CA GLY A 22 7.90 13.61 -9.57
C GLY A 22 8.89 13.13 -8.53
N CYS A 23 10.04 13.79 -8.46
CA CYS A 23 11.08 13.42 -7.50
C CYS A 23 10.45 12.98 -6.18
N ILE A 24 11.17 12.13 -5.45
CA ILE A 24 10.68 11.63 -4.17
C ILE A 24 11.63 12.03 -3.04
N LEU A 25 11.06 12.48 -1.94
CA LEU A 25 11.84 12.90 -0.78
C LEU A 25 12.98 11.92 -0.51
N GLN A 26 14.11 12.45 -0.08
CA GLN A 26 15.28 11.63 0.22
C GLN A 26 14.87 10.35 0.95
N TRP A 27 14.29 10.51 2.13
CA TRP A 27 13.86 9.37 2.93
C TRP A 27 12.49 8.87 2.47
N LYS A 28 12.47 7.71 1.83
CA LYS A 28 11.23 7.13 1.34
C LYS A 28 10.52 6.36 2.45
N LYS A 29 9.37 6.88 2.86
CA LYS A 29 8.58 6.25 3.92
C LYS A 29 7.09 6.30 3.59
N ILE A 30 6.38 5.24 3.96
CA ILE A 30 4.94 5.18 3.71
C ILE A 30 4.15 5.19 5.01
N TYR A 31 2.87 5.57 4.93
CA TYR A 31 2.02 5.62 6.10
C TYR A 31 0.56 5.36 5.72
N CYS A 32 -0.15 4.69 6.62
CA CYS A 32 -1.56 4.36 6.38
C CYS A 32 -2.46 5.50 6.84
N ARG A 33 -2.99 6.26 5.88
CA ARG A 33 -3.87 7.38 6.20
C ARG A 33 -5.17 6.89 6.83
N ILE A 34 -5.62 5.71 6.40
CA ILE A 34 -6.85 5.13 6.93
C ILE A 34 -6.85 5.13 8.45
N CYS A 35 -5.82 4.53 9.03
CA CYS A 35 -5.70 4.46 10.48
C CYS A 35 -4.55 5.33 10.98
N MET A 36 -4.23 6.36 10.21
CA MET A 36 -3.15 7.28 10.57
C MET A 36 -1.96 6.53 11.16
N ALA A 37 -1.63 5.39 10.56
CA ALA A 37 -0.52 4.57 11.04
C ALA A 37 0.72 4.80 10.18
N GLN A 38 1.84 4.22 10.62
CA GLN A 38 3.10 4.36 9.89
C GLN A 38 3.65 3.00 9.48
N ILE A 39 3.74 2.77 8.17
CA ILE A 39 4.24 1.51 7.64
C ILE A 39 5.45 1.74 6.75
N ALA A 40 6.60 1.23 7.17
CA ALA A 40 7.82 1.37 6.40
C ALA A 40 7.83 0.45 5.19
N TYR A 41 8.24 0.97 4.05
CA TYR A 41 8.28 0.20 2.81
C TYR A 41 9.35 -0.89 2.88
N SER A 42 9.07 -2.02 2.27
CA SER A 42 10.02 -3.14 2.26
C SER A 42 10.34 -3.57 0.84
N GLY A 43 9.31 -3.87 0.07
CA GLY A 43 9.50 -4.29 -1.31
C GLY A 43 8.26 -4.90 -1.92
N ASN A 44 8.09 -4.73 -3.23
CA ASN A 44 6.93 -5.27 -3.93
C ASN A 44 5.67 -5.12 -3.08
N THR A 45 5.55 -3.99 -2.40
CA THR A 45 4.40 -3.73 -1.55
C THR A 45 3.91 -5.01 -0.88
N SER A 46 4.82 -5.72 -0.23
CA SER A 46 4.48 -6.96 0.46
C SER A 46 3.79 -6.68 1.78
N ASN A 47 4.40 -5.81 2.59
CA ASN A 47 3.84 -5.45 3.89
C ASN A 47 2.58 -4.60 3.73
N LEU A 48 2.63 -3.64 2.82
CA LEU A 48 1.50 -2.76 2.57
C LEU A 48 0.18 -3.51 2.71
N SER A 49 -0.02 -4.49 1.83
CA SER A 49 -1.24 -5.29 1.85
C SER A 49 -1.38 -6.03 3.18
N TYR A 50 -0.32 -6.70 3.60
CA TYR A 50 -0.32 -7.44 4.86
C TYR A 50 -0.96 -6.61 5.98
N HIS A 51 -0.55 -5.35 6.08
CA HIS A 51 -1.07 -4.46 7.11
C HIS A 51 -2.60 -4.52 7.13
N LEU A 52 -3.22 -4.27 5.99
CA LEU A 52 -4.66 -4.28 5.88
C LEU A 52 -5.24 -5.62 6.36
N GLU A 53 -4.85 -6.69 5.69
CA GLU A 53 -5.33 -8.03 6.06
C GLU A 53 -5.15 -8.28 7.54
N LYS A 54 -4.29 -7.48 8.17
CA LYS A 54 -4.03 -7.62 9.61
C LYS A 54 -5.00 -6.77 10.42
N ASN A 55 -5.28 -5.56 9.92
CA ASN A 55 -6.19 -4.65 10.60
C ASN A 55 -7.48 -4.48 9.81
N HIS A 56 -7.38 -3.79 8.68
CA HIS A 56 -8.55 -3.55 7.83
C HIS A 56 -8.88 -4.80 7.01
N PRO A 57 -10.01 -5.44 7.32
CA PRO A 57 -10.46 -6.64 6.62
C PRO A 57 -10.91 -6.35 5.19
N GLU A 58 -11.78 -5.36 5.03
CA GLU A 58 -12.28 -4.99 3.72
C GLU A 58 -11.15 -4.50 2.82
N GLU A 59 -10.45 -3.46 3.27
CA GLU A 59 -9.34 -2.89 2.51
C GLU A 59 -8.49 -4.00 1.90
N PHE A 60 -8.35 -5.11 2.62
CA PHE A 60 -7.56 -6.23 2.15
C PHE A 60 -8.26 -6.96 1.01
N CYS A 61 -9.47 -7.44 1.28
CA CYS A 61 -10.25 -8.15 0.27
C CYS A 61 -10.37 -7.32 -1.01
N GLU A 62 -10.75 -6.06 -0.86
CA GLU A 62 -10.90 -5.17 -2.01
C GLU A 62 -9.64 -5.16 -2.87
N PHE A 63 -8.50 -5.41 -2.23
CA PHE A 63 -7.23 -5.44 -2.94
C PHE A 63 -6.97 -6.81 -3.56
N VAL A 64 -7.59 -7.84 -2.99
CA VAL A 64 -7.44 -9.20 -3.47
C VAL A 64 -8.53 -9.55 -4.48
N LYS A 65 -8.56 -8.83 -5.59
CA LYS A 65 -9.55 -9.06 -6.63
C LYS A 65 -8.99 -9.95 -7.74
N SER A 66 -8.22 -10.96 -7.33
CA SER A 66 -7.63 -11.89 -8.28
C SER A 66 -8.31 -13.25 -8.23
N ASN A 67 -8.58 -13.73 -7.02
CA ASN A 67 -9.24 -15.01 -6.82
C ASN A 67 -10.49 -14.86 -5.96
N SER A 68 -11.29 -15.92 -5.91
CA SER A 68 -12.52 -15.91 -5.13
C SER A 68 -12.22 -16.01 -3.64
N GLY A 69 -11.98 -14.86 -3.01
CA GLY A 69 -11.68 -14.84 -1.59
C GLY A 69 -10.33 -15.45 -1.27
N PRO A 70 -9.66 -14.92 -0.24
CA PRO A 70 -8.34 -15.40 0.19
C PRO A 70 -8.42 -16.78 0.82
N SER A 71 -7.29 -17.25 1.35
CA SER A 71 -7.21 -18.56 1.99
C SER A 71 -7.31 -18.43 3.50
N SER A 72 -8.03 -19.35 4.13
CA SER A 72 -8.19 -19.33 5.57
C SER A 72 -6.89 -18.95 6.27
N GLY A 73 -7.00 -18.12 7.30
CA GLY A 73 -5.83 -17.69 8.04
C GLY A 73 -6.15 -16.56 9.01
N GLY A 1 16.38 -7.55 -7.67
CA GLY A 1 15.04 -7.27 -8.17
C GLY A 1 14.66 -8.16 -9.33
N SER A 2 13.51 -7.90 -9.93
CA SER A 2 13.04 -8.70 -11.06
C SER A 2 12.28 -7.82 -12.06
N SER A 3 12.42 -8.15 -13.34
CA SER A 3 11.77 -7.39 -14.40
C SER A 3 10.25 -7.53 -14.31
N GLY A 4 9.63 -6.74 -13.44
CA GLY A 4 8.20 -6.80 -13.27
C GLY A 4 7.52 -5.49 -13.61
N SER A 5 7.08 -4.76 -12.58
CA SER A 5 6.41 -3.48 -12.77
C SER A 5 6.30 -2.72 -11.46
N SER A 6 6.12 -1.41 -11.56
CA SER A 6 6.00 -0.56 -10.38
C SER A 6 4.73 0.28 -10.43
N GLY A 7 3.76 -0.07 -9.59
CA GLY A 7 2.51 0.66 -9.56
C GLY A 7 1.31 -0.25 -9.43
N SER A 8 0.38 0.12 -8.55
CA SER A 8 -0.82 -0.69 -8.32
C SER A 8 -1.78 0.03 -7.39
N LYS A 9 -3.02 -0.45 -7.33
CA LYS A 9 -4.04 0.15 -6.47
C LYS A 9 -3.56 0.22 -5.03
N VAL A 10 -2.69 -0.72 -4.65
CA VAL A 10 -2.15 -0.76 -3.29
C VAL A 10 -1.64 0.62 -2.86
N TRP A 11 -1.33 1.46 -3.84
CA TRP A 11 -0.83 2.80 -3.56
C TRP A 11 -1.98 3.81 -3.49
N LYS A 12 -3.09 3.39 -2.89
CA LYS A 12 -4.26 4.25 -2.75
C LYS A 12 -4.62 4.45 -1.28
N TYR A 13 -4.31 3.45 -0.46
CA TYR A 13 -4.61 3.51 0.97
C TYR A 13 -3.43 4.10 1.74
N PHE A 14 -2.23 3.88 1.23
CA PHE A 14 -1.02 4.39 1.86
C PHE A 14 -0.43 5.55 1.08
N GLY A 15 0.64 6.14 1.61
CA GLY A 15 1.28 7.26 0.94
C GLY A 15 2.36 6.82 -0.03
N PHE A 16 2.99 7.79 -0.68
CA PHE A 16 4.04 7.50 -1.65
C PHE A 16 5.42 7.73 -1.03
N ASP A 17 6.42 7.03 -1.55
CA ASP A 17 7.78 7.16 -1.05
C ASP A 17 8.76 7.35 -2.21
N THR A 18 8.34 8.10 -3.22
CA THR A 18 9.18 8.36 -4.38
C THR A 18 9.98 9.65 -4.20
N ASN A 19 11.29 9.56 -4.44
CA ASN A 19 12.16 10.72 -4.30
C ASN A 19 13.11 10.83 -5.49
N ALA A 20 13.08 11.96 -6.18
CA ALA A 20 13.94 12.19 -7.33
C ALA A 20 13.89 11.01 -8.29
N GLU A 21 12.69 10.48 -8.52
CA GLU A 21 12.51 9.35 -9.42
C GLU A 21 11.64 9.73 -10.61
N GLY A 22 10.39 10.09 -10.34
CA GLY A 22 9.49 10.48 -11.40
C GLY A 22 8.24 11.17 -10.89
N CYS A 23 7.37 10.40 -10.25
CA CYS A 23 6.13 10.94 -9.71
C CYS A 23 6.37 12.31 -9.07
N ILE A 24 7.32 12.37 -8.15
CA ILE A 24 7.64 13.62 -7.47
C ILE A 24 9.08 13.61 -6.95
N LEU A 25 9.69 14.79 -6.87
CA LEU A 25 11.06 14.92 -6.39
C LEU A 25 11.12 14.82 -4.87
N GLN A 26 10.58 15.82 -4.20
CA GLN A 26 10.57 15.84 -2.73
C GLN A 26 10.42 14.43 -2.17
N TRP A 27 11.13 14.15 -1.09
CA TRP A 27 11.08 12.85 -0.45
C TRP A 27 9.78 12.66 0.31
N LYS A 28 9.40 11.42 0.55
CA LYS A 28 8.17 11.10 1.27
C LYS A 28 8.23 9.70 1.86
N LYS A 29 7.35 9.42 2.82
CA LYS A 29 7.29 8.11 3.45
C LYS A 29 5.90 7.50 3.32
N ILE A 30 5.82 6.18 3.46
CA ILE A 30 4.55 5.47 3.36
C ILE A 30 3.86 5.41 4.71
N TYR A 31 2.57 5.73 4.73
CA TYR A 31 1.78 5.71 5.95
C TYR A 31 0.32 5.41 5.67
N CYS A 32 -0.34 4.74 6.61
CA CYS A 32 -1.74 4.38 6.45
C CYS A 32 -2.65 5.49 6.98
N ARG A 33 -3.12 6.34 6.07
CA ARG A 33 -4.00 7.44 6.44
C ARG A 33 -5.31 6.92 7.02
N ILE A 34 -5.68 5.71 6.65
CA ILE A 34 -6.91 5.10 7.13
C ILE A 34 -6.96 5.09 8.65
N CYS A 35 -5.94 4.50 9.27
CA CYS A 35 -5.86 4.42 10.72
C CYS A 35 -4.73 5.30 11.25
N MET A 36 -4.37 6.31 10.48
CA MET A 36 -3.30 7.23 10.87
C MET A 36 -2.11 6.45 11.45
N ALA A 37 -1.73 5.38 10.77
CA ALA A 37 -0.60 4.56 11.21
C ALA A 37 0.63 4.80 10.34
N GLN A 38 1.71 4.12 10.67
CA GLN A 38 2.96 4.26 9.92
C GLN A 38 3.44 2.91 9.40
N ILE A 39 3.82 2.88 8.12
CA ILE A 39 4.29 1.65 7.50
C ILE A 39 5.59 1.89 6.75
N ALA A 40 6.65 1.19 7.17
CA ALA A 40 7.95 1.32 6.54
C ALA A 40 8.04 0.45 5.29
N TYR A 41 8.34 1.10 4.16
CA TYR A 41 8.45 0.39 2.88
C TYR A 41 9.69 -0.52 2.87
N SER A 42 9.46 -1.81 2.64
CA SER A 42 10.55 -2.77 2.61
C SER A 42 10.27 -3.87 1.59
N GLY A 43 11.01 -3.84 0.48
CA GLY A 43 10.82 -4.85 -0.56
C GLY A 43 9.90 -4.36 -1.66
N ASN A 44 8.99 -5.24 -2.09
CA ASN A 44 8.04 -4.90 -3.14
C ASN A 44 6.61 -4.87 -2.61
N THR A 45 6.18 -3.69 -2.17
CA THR A 45 4.84 -3.52 -1.63
C THR A 45 4.39 -4.77 -0.88
N SER A 46 5.27 -5.29 -0.03
CA SER A 46 4.97 -6.49 0.76
C SER A 46 4.33 -6.11 2.09
N ASN A 47 4.78 -5.00 2.66
CA ASN A 47 4.25 -4.53 3.94
C ASN A 47 2.95 -3.76 3.74
N LEU A 48 2.83 -3.12 2.58
CA LEU A 48 1.64 -2.33 2.26
C LEU A 48 0.37 -3.15 2.52
N SER A 49 0.14 -4.16 1.69
CA SER A 49 -1.03 -5.02 1.83
C SER A 49 -1.05 -5.70 3.19
N TYR A 50 0.03 -6.40 3.51
CA TYR A 50 0.14 -7.09 4.79
C TYR A 50 -0.47 -6.27 5.92
N HIS A 51 -0.17 -4.98 5.93
CA HIS A 51 -0.69 -4.08 6.96
C HIS A 51 -2.21 -4.17 7.03
N LEU A 52 -2.85 -4.14 5.87
CA LEU A 52 -4.31 -4.22 5.80
C LEU A 52 -4.80 -5.63 6.14
N GLU A 53 -4.19 -6.62 5.50
CA GLU A 53 -4.57 -8.02 5.73
C GLU A 53 -4.51 -8.35 7.21
N LYS A 54 -3.81 -7.53 7.97
CA LYS A 54 -3.68 -7.74 9.41
C LYS A 54 -4.55 -6.75 10.18
N ASN A 55 -4.59 -5.51 9.70
CA ASN A 55 -5.38 -4.46 10.35
C ASN A 55 -6.76 -4.35 9.71
N HIS A 56 -6.78 -4.04 8.41
CA HIS A 56 -8.03 -3.90 7.68
C HIS A 56 -8.26 -5.10 6.75
N PRO A 57 -8.91 -6.14 7.29
CA PRO A 57 -9.20 -7.36 6.53
C PRO A 57 -10.25 -7.13 5.45
N GLU A 58 -11.06 -6.09 5.62
CA GLU A 58 -12.11 -5.77 4.66
C GLU A 58 -11.52 -5.04 3.45
N GLU A 59 -10.65 -4.06 3.72
CA GLU A 59 -10.03 -3.30 2.65
C GLU A 59 -9.14 -4.18 1.78
N PHE A 60 -8.23 -4.89 2.43
CA PHE A 60 -7.31 -5.78 1.71
C PHE A 60 -8.04 -6.56 0.62
N CYS A 61 -9.28 -6.94 0.91
CA CYS A 61 -10.09 -7.69 -0.04
C CYS A 61 -10.32 -6.88 -1.32
N GLU A 62 -11.05 -5.77 -1.18
CA GLU A 62 -11.35 -4.91 -2.32
C GLU A 62 -10.11 -4.72 -3.20
N PHE A 63 -8.95 -4.65 -2.56
CA PHE A 63 -7.69 -4.48 -3.29
C PHE A 63 -7.27 -5.77 -3.96
N VAL A 64 -7.42 -6.89 -3.24
CA VAL A 64 -7.05 -8.19 -3.77
C VAL A 64 -8.20 -8.80 -4.57
N LYS A 65 -8.38 -8.32 -5.79
CA LYS A 65 -9.45 -8.82 -6.66
C LYS A 65 -8.86 -9.59 -7.85
N SER A 66 -7.86 -10.42 -7.57
CA SER A 66 -7.21 -11.21 -8.61
C SER A 66 -7.95 -12.52 -8.83
N ASN A 67 -8.35 -13.17 -7.74
CA ASN A 67 -9.07 -14.43 -7.81
C ASN A 67 -9.91 -14.65 -6.56
N SER A 68 -11.23 -14.52 -6.71
CA SER A 68 -12.16 -14.71 -5.60
C SER A 68 -12.56 -16.17 -5.46
N GLY A 69 -13.09 -16.53 -4.30
CA GLY A 69 -13.52 -17.89 -4.06
C GLY A 69 -15.01 -18.09 -4.27
N PRO A 70 -15.40 -19.32 -4.62
CA PRO A 70 -16.81 -19.67 -4.85
C PRO A 70 -17.63 -19.65 -3.57
N SER A 71 -17.01 -20.05 -2.46
CA SER A 71 -17.68 -20.09 -1.17
C SER A 71 -16.85 -19.38 -0.10
N SER A 72 -16.36 -18.19 -0.44
CA SER A 72 -15.56 -17.40 0.48
C SER A 72 -16.34 -16.20 1.01
N GLY A 73 -16.88 -15.41 0.09
CA GLY A 73 -17.66 -14.25 0.48
C GLY A 73 -17.12 -13.59 1.73
N GLY A 1 8.43 11.97 -17.88
CA GLY A 1 7.23 11.24 -18.28
C GLY A 1 7.40 9.73 -18.12
N SER A 2 6.66 9.15 -17.19
CA SER A 2 6.74 7.72 -16.94
C SER A 2 6.36 6.92 -18.19
N SER A 3 5.24 7.30 -18.81
CA SER A 3 4.76 6.63 -20.01
C SER A 3 4.88 5.11 -19.87
N GLY A 4 4.53 4.61 -18.69
CA GLY A 4 4.60 3.18 -18.44
C GLY A 4 3.25 2.58 -18.10
N SER A 5 2.66 1.86 -19.04
CA SER A 5 1.36 1.23 -18.84
C SER A 5 1.44 0.17 -17.74
N SER A 6 1.19 0.58 -16.50
CA SER A 6 1.24 -0.34 -15.38
C SER A 6 0.11 -0.05 -14.39
N GLY A 7 -0.26 -1.05 -13.60
CA GLY A 7 -1.32 -0.88 -12.63
C GLY A 7 -0.79 -0.76 -11.22
N SER A 8 -1.14 0.34 -10.54
CA SER A 8 -0.70 0.56 -9.17
C SER A 8 -1.89 0.85 -8.26
N LYS A 9 -2.44 -0.21 -7.67
CA LYS A 9 -3.58 -0.08 -6.78
C LYS A 9 -3.12 -0.01 -5.32
N VAL A 10 -2.17 -0.86 -4.97
CA VAL A 10 -1.64 -0.90 -3.61
C VAL A 10 -1.30 0.50 -3.11
N TRP A 11 -1.08 1.41 -4.05
CA TRP A 11 -0.74 2.79 -3.71
C TRP A 11 -1.99 3.66 -3.69
N LYS A 12 -3.11 3.08 -3.27
CA LYS A 12 -4.37 3.80 -3.20
C LYS A 12 -4.76 4.08 -1.75
N TYR A 13 -4.42 3.15 -0.87
CA TYR A 13 -4.73 3.29 0.55
C TYR A 13 -3.68 4.15 1.26
N PHE A 14 -2.42 3.92 0.92
CA PHE A 14 -1.31 4.66 1.52
C PHE A 14 -0.74 5.67 0.54
N GLY A 15 -0.81 6.95 0.89
CA GLY A 15 -0.28 7.99 0.02
C GLY A 15 1.09 8.46 0.45
N PHE A 16 1.91 8.82 -0.52
CA PHE A 16 3.27 9.30 -0.23
C PHE A 16 3.28 10.82 -0.03
N ASP A 17 4.05 11.27 0.94
CA ASP A 17 4.15 12.70 1.24
C ASP A 17 4.55 13.48 -0.01
N THR A 18 5.81 13.37 -0.39
CA THR A 18 6.33 14.07 -1.56
C THR A 18 5.91 15.54 -1.55
N ASN A 19 5.96 16.16 -0.37
CA ASN A 19 5.59 17.56 -0.22
C ASN A 19 5.99 18.36 -1.46
N ALA A 20 5.01 18.67 -2.31
CA ALA A 20 5.26 19.42 -3.52
C ALA A 20 6.32 20.49 -3.29
N GLU A 21 6.12 21.31 -2.26
CA GLU A 21 7.07 22.38 -1.94
C GLU A 21 8.40 21.79 -1.47
N GLY A 22 9.21 21.34 -2.42
CA GLY A 22 10.50 20.77 -2.09
C GLY A 22 10.52 19.26 -2.22
N CYS A 23 11.40 18.74 -3.06
CA CYS A 23 11.51 17.30 -3.28
C CYS A 23 11.40 16.55 -1.95
N ILE A 24 10.92 15.32 -2.02
CA ILE A 24 10.76 14.48 -0.83
C ILE A 24 11.88 14.75 0.16
N LEU A 25 11.54 14.68 1.46
CA LEU A 25 12.52 14.91 2.52
C LEU A 25 13.23 13.61 2.89
N GLN A 26 12.64 12.48 2.50
CA GLN A 26 13.22 11.18 2.79
C GLN A 26 13.19 10.28 1.55
N TRP A 27 13.97 9.21 1.59
CA TRP A 27 14.03 8.27 0.48
C TRP A 27 12.66 7.70 0.17
N LYS A 28 11.93 7.30 1.21
CA LYS A 28 10.61 6.74 1.05
C LYS A 28 9.95 6.48 2.40
N LYS A 29 8.87 7.19 2.68
CA LYS A 29 8.15 7.04 3.94
C LYS A 29 6.66 6.82 3.69
N ILE A 30 6.18 5.61 3.94
CA ILE A 30 4.78 5.29 3.75
C ILE A 30 4.03 5.27 5.08
N TYR A 31 2.80 5.75 5.06
CA TYR A 31 1.97 5.79 6.26
C TYR A 31 0.53 5.44 5.95
N CYS A 32 -0.14 4.80 6.90
CA CYS A 32 -1.53 4.40 6.73
C CYS A 32 -2.48 5.51 7.17
N ARG A 33 -2.92 6.31 6.21
CA ARG A 33 -3.83 7.42 6.50
C ARG A 33 -5.11 6.91 7.15
N ILE A 34 -5.53 5.71 6.76
CA ILE A 34 -6.74 5.11 7.32
C ILE A 34 -6.73 5.15 8.84
N CYS A 35 -5.74 4.47 9.43
CA CYS A 35 -5.62 4.42 10.88
C CYS A 35 -4.48 5.32 11.37
N MET A 36 -4.23 6.39 10.61
CA MET A 36 -3.17 7.34 10.96
C MET A 36 -1.98 6.61 11.57
N ALA A 37 -1.58 5.50 10.95
CA ALA A 37 -0.46 4.72 11.44
C ALA A 37 0.74 4.85 10.51
N GLN A 38 1.87 4.28 10.91
CA GLN A 38 3.08 4.32 10.11
C GLN A 38 3.33 3.00 9.41
N ILE A 39 3.95 3.07 8.23
CA ILE A 39 4.23 1.87 7.45
C ILE A 39 5.71 1.81 7.07
N ALA A 40 6.29 0.61 7.16
CA ALA A 40 7.69 0.42 6.83
C ALA A 40 7.85 -0.15 5.42
N TYR A 41 8.06 0.73 4.45
CA TYR A 41 8.22 0.32 3.07
C TYR A 41 9.52 -0.45 2.88
N SER A 42 9.40 -1.71 2.45
CA SER A 42 10.56 -2.56 2.23
C SER A 42 10.22 -3.72 1.32
N GLY A 43 10.96 -3.86 0.22
CA GLY A 43 10.72 -4.95 -0.71
C GLY A 43 9.87 -4.50 -1.90
N ASN A 44 8.91 -5.34 -2.28
CA ASN A 44 8.03 -5.04 -3.40
C ASN A 44 6.60 -4.83 -2.93
N THR A 45 6.29 -3.61 -2.49
CA THR A 45 4.95 -3.28 -2.02
C THR A 45 4.34 -4.44 -1.24
N SER A 46 5.15 -5.08 -0.41
CA SER A 46 4.69 -6.21 0.39
C SER A 46 4.10 -5.74 1.71
N ASN A 47 4.80 -4.82 2.38
CA ASN A 47 4.35 -4.29 3.66
C ASN A 47 3.08 -3.47 3.49
N LEU A 48 2.93 -2.85 2.32
CA LEU A 48 1.75 -2.04 2.02
C LEU A 48 0.47 -2.83 2.28
N SER A 49 0.30 -3.93 1.56
CA SER A 49 -0.88 -4.76 1.71
C SER A 49 -0.84 -5.54 3.01
N TYR A 50 0.28 -6.22 3.25
CA TYR A 50 0.45 -7.01 4.47
C TYR A 50 -0.10 -6.27 5.68
N HIS A 51 0.13 -4.96 5.72
CA HIS A 51 -0.34 -4.13 6.82
C HIS A 51 -1.85 -4.27 7.01
N LEU A 52 -2.57 -4.31 5.89
CA LEU A 52 -4.02 -4.45 5.93
C LEU A 52 -4.43 -5.87 6.31
N GLU A 53 -4.00 -6.83 5.51
CA GLU A 53 -4.32 -8.23 5.76
C GLU A 53 -4.16 -8.56 7.24
N LYS A 54 -3.34 -7.78 7.94
CA LYS A 54 -3.11 -7.98 9.36
C LYS A 54 -3.92 -7.00 10.19
N ASN A 55 -4.02 -5.77 9.71
CA ASN A 55 -4.77 -4.73 10.41
C ASN A 55 -6.21 -4.66 9.90
N HIS A 56 -6.38 -4.12 8.70
CA HIS A 56 -7.71 -3.99 8.11
C HIS A 56 -8.00 -5.17 7.19
N PRO A 57 -8.86 -6.09 7.65
CA PRO A 57 -9.23 -7.28 6.88
C PRO A 57 -10.11 -6.94 5.68
N GLU A 58 -11.07 -6.04 5.89
CA GLU A 58 -11.96 -5.63 4.82
C GLU A 58 -11.19 -5.01 3.66
N GLU A 59 -10.46 -3.94 3.95
CA GLU A 59 -9.67 -3.25 2.93
C GLU A 59 -8.83 -4.25 2.13
N PHE A 60 -8.12 -5.11 2.84
CA PHE A 60 -7.27 -6.12 2.21
C PHE A 60 -8.02 -6.83 1.09
N CYS A 61 -9.25 -7.26 1.39
CA CYS A 61 -10.07 -7.97 0.40
C CYS A 61 -10.31 -7.09 -0.83
N GLU A 62 -10.55 -5.80 -0.59
CA GLU A 62 -10.80 -4.87 -1.68
C GLU A 62 -9.62 -4.84 -2.65
N PHE A 63 -8.41 -4.97 -2.11
CA PHE A 63 -7.20 -4.96 -2.92
C PHE A 63 -6.94 -6.34 -3.53
N VAL A 64 -7.20 -7.38 -2.75
CA VAL A 64 -6.99 -8.75 -3.21
C VAL A 64 -8.26 -9.30 -3.85
N LYS A 65 -9.20 -8.43 -4.15
CA LYS A 65 -10.46 -8.84 -4.77
C LYS A 65 -10.23 -9.96 -5.76
N SER A 66 -9.17 -9.85 -6.56
CA SER A 66 -8.85 -10.86 -7.56
C SER A 66 -8.76 -12.25 -6.92
N ASN A 67 -9.36 -13.23 -7.56
CA ASN A 67 -9.36 -14.60 -7.07
C ASN A 67 -8.04 -14.91 -6.38
N SER A 68 -8.07 -15.02 -5.05
CA SER A 68 -6.87 -15.32 -4.27
C SER A 68 -7.04 -16.61 -3.50
N GLY A 69 -7.62 -17.61 -4.14
CA GLY A 69 -7.84 -18.90 -3.49
C GLY A 69 -9.25 -19.06 -2.96
N PRO A 70 -9.76 -20.29 -3.00
CA PRO A 70 -11.12 -20.60 -2.53
C PRO A 70 -11.22 -20.50 -1.01
N SER A 71 -10.20 -20.96 -0.31
CA SER A 71 -10.19 -20.93 1.15
C SER A 71 -10.27 -19.49 1.66
N SER A 72 -10.92 -19.31 2.80
CA SER A 72 -11.07 -17.99 3.40
C SER A 72 -12.05 -17.14 2.59
N GLY A 73 -13.14 -17.76 2.16
CA GLY A 73 -14.14 -17.05 1.38
C GLY A 73 -15.44 -16.87 2.13
N GLY A 1 19.19 5.24 -18.47
CA GLY A 1 17.78 4.90 -18.58
C GLY A 1 17.16 4.61 -17.23
N SER A 2 15.83 4.67 -17.16
CA SER A 2 15.12 4.43 -15.92
C SER A 2 13.97 3.45 -16.14
N SER A 3 14.13 2.22 -15.66
CA SER A 3 13.11 1.20 -15.80
C SER A 3 12.88 0.47 -14.48
N GLY A 4 11.80 -0.32 -14.44
CA GLY A 4 11.48 -1.05 -13.23
C GLY A 4 9.99 -1.15 -13.00
N SER A 5 9.42 -0.15 -12.32
CA SER A 5 7.99 -0.14 -12.02
C SER A 5 7.53 1.26 -11.62
N SER A 6 6.33 1.63 -12.06
CA SER A 6 5.78 2.94 -11.74
C SER A 6 4.27 2.87 -11.59
N GLY A 7 3.76 3.44 -10.51
CA GLY A 7 2.32 3.43 -10.27
C GLY A 7 1.83 2.10 -9.73
N SER A 8 0.88 2.15 -8.81
CA SER A 8 0.33 0.93 -8.23
C SER A 8 -0.98 1.23 -7.50
N LYS A 9 -1.75 0.19 -7.23
CA LYS A 9 -3.03 0.32 -6.54
C LYS A 9 -2.82 0.36 -5.03
N VAL A 10 -1.91 -0.48 -4.54
CA VAL A 10 -1.62 -0.54 -3.11
C VAL A 10 -1.50 0.86 -2.51
N TRP A 11 -0.94 1.78 -3.29
CA TRP A 11 -0.76 3.16 -2.82
C TRP A 11 -2.10 3.77 -2.42
N LYS A 12 -3.12 3.55 -3.24
CA LYS A 12 -4.45 4.07 -2.96
C LYS A 12 -4.73 4.10 -1.46
N TYR A 13 -4.29 3.06 -0.77
CA TYR A 13 -4.49 2.95 0.67
C TYR A 13 -3.42 3.74 1.43
N PHE A 14 -2.17 3.64 0.95
CA PHE A 14 -1.07 4.34 1.58
C PHE A 14 -0.62 5.52 0.73
N GLY A 15 -0.87 6.73 1.23
CA GLY A 15 -0.49 7.93 0.51
C GLY A 15 0.99 8.24 0.64
N PHE A 16 1.51 9.04 -0.29
CA PHE A 16 2.92 9.41 -0.28
C PHE A 16 3.08 10.92 -0.20
N ASP A 17 3.85 11.38 0.78
CA ASP A 17 4.10 12.80 0.96
C ASP A 17 4.84 13.39 -0.23
N THR A 18 4.10 13.94 -1.18
CA THR A 18 4.69 14.53 -2.37
C THR A 18 4.33 16.02 -2.48
N ASN A 19 5.31 16.87 -2.19
CA ASN A 19 5.10 18.32 -2.25
C ASN A 19 4.52 18.72 -3.61
N ALA A 20 3.69 19.75 -3.61
CA ALA A 20 3.09 20.23 -4.84
C ALA A 20 4.14 20.54 -5.89
N GLU A 21 5.16 21.29 -5.50
CA GLU A 21 6.23 21.66 -6.41
C GLU A 21 7.36 20.63 -6.37
N GLY A 22 7.69 20.07 -7.53
CA GLY A 22 8.74 19.08 -7.61
C GLY A 22 8.33 17.75 -7.01
N CYS A 23 9.31 16.93 -6.66
CA CYS A 23 9.05 15.62 -6.08
C CYS A 23 9.77 15.46 -4.74
N ILE A 24 9.33 14.48 -3.95
CA ILE A 24 9.94 14.23 -2.65
C ILE A 24 11.44 14.49 -2.68
N LEU A 25 11.95 15.09 -1.61
CA LEU A 25 13.38 15.40 -1.51
C LEU A 25 13.93 14.97 -0.16
N GLN A 26 13.10 15.09 0.87
CA GLN A 26 13.51 14.72 2.23
C GLN A 26 13.87 13.24 2.30
N TRP A 27 12.89 12.39 2.04
CA TRP A 27 13.09 10.94 2.07
C TRP A 27 11.84 10.20 1.60
N LYS A 28 11.94 8.88 1.52
CA LYS A 28 10.82 8.05 1.08
C LYS A 28 10.20 7.31 2.25
N LYS A 29 9.03 7.78 2.68
CA LYS A 29 8.32 7.16 3.79
C LYS A 29 6.86 6.92 3.44
N ILE A 30 6.32 5.80 3.92
CA ILE A 30 4.93 5.45 3.66
C ILE A 30 4.12 5.40 4.95
N TYR A 31 2.84 5.75 4.86
CA TYR A 31 1.96 5.74 6.03
C TYR A 31 0.53 5.40 5.63
N CYS A 32 -0.26 4.97 6.60
CA CYS A 32 -1.66 4.61 6.36
C CYS A 32 -2.58 5.80 6.60
N ARG A 33 -3.36 6.16 5.58
CA ARG A 33 -4.27 7.28 5.69
C ARG A 33 -5.66 6.81 6.14
N ILE A 34 -5.70 5.67 6.82
CA ILE A 34 -6.95 5.11 7.30
C ILE A 34 -6.97 5.02 8.83
N CYS A 35 -5.82 4.67 9.40
CA CYS A 35 -5.70 4.55 10.85
C CYS A 35 -4.55 5.41 11.37
N MET A 36 -4.25 6.48 10.65
CA MET A 36 -3.18 7.40 11.04
C MET A 36 -1.99 6.62 11.59
N ALA A 37 -1.50 5.66 10.82
CA ALA A 37 -0.37 4.84 11.23
C ALA A 37 0.78 4.94 10.22
N GLN A 38 1.85 4.21 10.49
CA GLN A 38 3.02 4.22 9.60
C GLN A 38 3.36 2.81 9.14
N ILE A 39 4.00 2.71 7.99
CA ILE A 39 4.39 1.42 7.44
C ILE A 39 5.85 1.43 6.99
N ALA A 40 6.55 0.32 7.25
CA ALA A 40 7.96 0.20 6.86
C ALA A 40 8.09 -0.12 5.38
N TYR A 41 8.73 0.78 4.64
CA TYR A 41 8.93 0.59 3.20
C TYR A 41 10.37 0.22 2.90
N SER A 42 10.56 -0.93 2.26
CA SER A 42 11.89 -1.41 1.91
C SER A 42 12.08 -1.42 0.39
N GLY A 43 11.56 -0.41 -0.28
CA GLY A 43 11.68 -0.32 -1.72
C GLY A 43 10.51 -0.94 -2.44
N ASN A 44 10.12 -2.15 -2.01
CA ASN A 44 8.99 -2.84 -2.62
C ASN A 44 7.72 -2.65 -1.81
N THR A 45 6.57 -2.81 -2.46
CA THR A 45 5.28 -2.65 -1.80
C THR A 45 4.76 -3.99 -1.29
N SER A 46 5.62 -4.74 -0.60
CA SER A 46 5.24 -6.04 -0.06
C SER A 46 4.59 -5.88 1.32
N ASN A 47 5.21 -5.06 2.16
CA ASN A 47 4.71 -4.82 3.51
C ASN A 47 3.38 -4.08 3.47
N LEU A 48 3.31 -3.07 2.61
CA LEU A 48 2.09 -2.27 2.47
C LEU A 48 0.85 -3.15 2.59
N SER A 49 0.62 -3.99 1.59
CA SER A 49 -0.54 -4.88 1.58
C SER A 49 -0.64 -5.65 2.89
N TYR A 50 0.51 -6.15 3.36
CA TYR A 50 0.54 -6.91 4.60
C TYR A 50 -0.14 -6.15 5.73
N HIS A 51 0.30 -4.92 5.95
CA HIS A 51 -0.26 -4.08 7.00
C HIS A 51 -1.77 -4.29 7.10
N LEU A 52 -2.49 -3.99 6.03
CA LEU A 52 -3.93 -4.14 5.99
C LEU A 52 -4.35 -5.51 6.52
N GLU A 53 -3.88 -6.56 5.86
CA GLU A 53 -4.19 -7.93 6.26
C GLU A 53 -3.95 -8.12 7.75
N LYS A 54 -3.11 -7.26 8.33
CA LYS A 54 -2.78 -7.34 9.74
C LYS A 54 -3.69 -6.43 10.56
N ASN A 55 -4.08 -5.31 9.97
CA ASN A 55 -4.95 -4.35 10.65
C ASN A 55 -6.34 -4.35 10.02
N HIS A 56 -6.42 -3.86 8.79
CA HIS A 56 -7.71 -3.80 8.07
C HIS A 56 -7.90 -5.03 7.20
N PRO A 57 -8.77 -5.96 7.65
CA PRO A 57 -9.06 -7.20 6.92
C PRO A 57 -9.84 -6.94 5.63
N GLU A 58 -10.89 -6.12 5.73
CA GLU A 58 -11.71 -5.79 4.57
C GLU A 58 -10.89 -5.11 3.49
N GLU A 59 -10.42 -3.89 3.80
CA GLU A 59 -9.63 -3.13 2.85
C GLU A 59 -8.63 -4.02 2.13
N PHE A 60 -8.11 -5.02 2.84
CA PHE A 60 -7.15 -5.95 2.26
C PHE A 60 -7.77 -6.75 1.12
N CYS A 61 -8.92 -7.36 1.39
CA CYS A 61 -9.63 -8.16 0.40
C CYS A 61 -9.80 -7.37 -0.90
N GLU A 62 -10.50 -6.25 -0.82
CA GLU A 62 -10.74 -5.41 -2.00
C GLU A 62 -9.49 -5.33 -2.86
N PHE A 63 -8.33 -5.24 -2.21
CA PHE A 63 -7.06 -5.15 -2.92
C PHE A 63 -6.58 -6.53 -3.36
N VAL A 64 -6.87 -7.54 -2.54
CA VAL A 64 -6.48 -8.91 -2.83
C VAL A 64 -7.39 -9.54 -3.87
N LYS A 65 -7.30 -9.06 -5.11
CA LYS A 65 -8.12 -9.57 -6.19
C LYS A 65 -7.31 -10.47 -7.12
N SER A 66 -6.41 -11.25 -6.53
CA SER A 66 -5.56 -12.16 -7.30
C SER A 66 -6.18 -13.55 -7.36
N ASN A 67 -6.74 -13.89 -8.53
CA ASN A 67 -7.37 -15.19 -8.72
C ASN A 67 -8.36 -15.48 -7.61
N SER A 68 -9.17 -14.48 -7.26
CA SER A 68 -10.17 -14.63 -6.22
C SER A 68 -10.78 -16.03 -6.24
N GLY A 69 -11.23 -16.49 -5.08
CA GLY A 69 -11.82 -17.81 -4.99
C GLY A 69 -12.43 -18.08 -3.63
N PRO A 70 -13.52 -18.87 -3.60
CA PRO A 70 -14.21 -19.22 -2.36
C PRO A 70 -13.39 -20.16 -1.48
N SER A 71 -13.25 -19.80 -0.21
CA SER A 71 -12.49 -20.61 0.73
C SER A 71 -13.34 -21.00 1.93
N SER A 72 -13.00 -22.12 2.55
CA SER A 72 -13.74 -22.61 3.72
C SER A 72 -12.87 -23.53 4.57
N GLY A 73 -13.15 -23.57 5.87
CA GLY A 73 -12.39 -24.41 6.77
C GLY A 73 -12.09 -23.72 8.09
N GLY A 1 8.38 6.75 -12.92
CA GLY A 1 9.49 6.85 -13.84
C GLY A 1 9.74 8.27 -14.31
N SER A 2 10.23 8.40 -15.54
CA SER A 2 10.50 9.71 -16.11
C SER A 2 9.22 10.38 -16.61
N SER A 3 8.49 9.66 -17.45
CA SER A 3 7.24 10.17 -18.01
C SER A 3 6.08 9.24 -17.67
N GLY A 4 5.04 9.82 -17.05
CA GLY A 4 3.88 9.02 -16.69
C GLY A 4 3.95 8.50 -15.27
N SER A 5 3.18 9.09 -14.37
CA SER A 5 3.18 8.68 -12.97
C SER A 5 2.15 7.57 -12.74
N SER A 6 2.56 6.33 -13.01
CA SER A 6 1.68 5.19 -12.83
C SER A 6 2.49 3.93 -12.51
N GLY A 7 2.00 3.15 -11.55
CA GLY A 7 2.69 1.93 -11.17
C GLY A 7 1.77 0.94 -10.48
N SER A 8 1.82 0.92 -9.15
CA SER A 8 0.99 0.01 -8.37
C SER A 8 -0.33 0.67 -7.99
N LYS A 9 -1.22 -0.12 -7.38
CA LYS A 9 -2.53 0.39 -6.96
C LYS A 9 -2.62 0.48 -5.45
N VAL A 10 -2.00 -0.47 -4.76
CA VAL A 10 -2.01 -0.50 -3.30
C VAL A 10 -1.79 0.90 -2.73
N TRP A 11 -0.99 1.70 -3.44
CA TRP A 11 -0.70 3.07 -3.00
C TRP A 11 -1.98 3.80 -2.61
N LYS A 12 -2.99 3.73 -3.49
CA LYS A 12 -4.26 4.39 -3.24
C LYS A 12 -4.61 4.36 -1.75
N TYR A 13 -4.50 3.17 -1.15
CA TYR A 13 -4.81 3.02 0.27
C TYR A 13 -3.81 3.78 1.13
N PHE A 14 -2.53 3.42 1.01
CA PHE A 14 -1.49 4.08 1.78
C PHE A 14 -0.99 5.34 1.07
N GLY A 15 -1.45 6.49 1.55
CA GLY A 15 -1.05 7.75 0.95
C GLY A 15 0.41 8.09 1.23
N PHE A 16 0.90 9.13 0.57
CA PHE A 16 2.29 9.55 0.74
C PHE A 16 2.39 10.71 1.74
N ASP A 17 3.34 10.62 2.66
CA ASP A 17 3.54 11.65 3.66
C ASP A 17 4.75 12.52 3.32
N THR A 18 4.92 12.80 2.03
CA THR A 18 6.04 13.62 1.57
C THR A 18 5.88 15.06 2.03
N ASN A 19 6.99 15.78 2.06
CA ASN A 19 6.99 17.17 2.49
C ASN A 19 6.00 17.99 1.66
N ALA A 20 5.09 18.68 2.34
CA ALA A 20 4.09 19.50 1.67
C ALA A 20 4.68 20.82 1.21
N GLU A 21 3.97 21.52 0.33
CA GLU A 21 4.43 22.80 -0.19
C GLU A 21 5.83 22.67 -0.78
N GLY A 22 6.07 21.59 -1.50
CA GLY A 22 7.37 21.37 -2.11
C GLY A 22 7.37 20.20 -3.07
N CYS A 23 8.49 19.99 -3.75
CA CYS A 23 8.62 18.90 -4.71
C CYS A 23 8.39 17.56 -4.02
N ILE A 24 7.93 16.58 -4.79
CA ILE A 24 7.67 15.24 -4.27
C ILE A 24 8.93 14.62 -3.70
N LEU A 25 8.91 14.31 -2.41
CA LEU A 25 10.06 13.70 -1.75
C LEU A 25 10.15 12.22 -2.07
N GLN A 26 11.37 11.69 -2.06
CA GLN A 26 11.59 10.28 -2.36
C GLN A 26 10.60 9.40 -1.61
N TRP A 27 10.62 8.10 -1.90
CA TRP A 27 9.72 7.15 -1.24
C TRP A 27 10.51 6.13 -0.43
N LYS A 28 10.73 6.43 0.84
CA LYS A 28 11.46 5.53 1.72
C LYS A 28 10.55 4.92 2.78
N LYS A 29 9.63 5.74 3.29
CA LYS A 29 8.69 5.29 4.31
C LYS A 29 7.25 5.54 3.87
N ILE A 30 6.32 4.74 4.38
CA ILE A 30 4.91 4.89 4.04
C ILE A 30 4.05 4.93 5.29
N TYR A 31 2.85 5.50 5.17
CA TYR A 31 1.94 5.60 6.29
C TYR A 31 0.50 5.30 5.85
N CYS A 32 -0.21 4.55 6.68
CA CYS A 32 -1.59 4.19 6.38
C CYS A 32 -2.55 5.32 6.76
N ARG A 33 -2.79 6.21 5.81
CA ARG A 33 -3.68 7.34 6.03
C ARG A 33 -4.98 6.88 6.69
N ILE A 34 -5.40 5.66 6.38
CA ILE A 34 -6.61 5.10 6.95
C ILE A 34 -6.59 5.13 8.47
N CYS A 35 -5.55 4.55 9.05
CA CYS A 35 -5.39 4.51 10.49
C CYS A 35 -4.26 5.42 10.95
N MET A 36 -3.98 6.45 10.16
CA MET A 36 -2.93 7.40 10.48
C MET A 36 -1.74 6.69 11.12
N ALA A 37 -1.40 5.51 10.61
CA ALA A 37 -0.29 4.74 11.14
C ALA A 37 0.92 4.81 10.21
N GLN A 38 2.10 4.59 10.77
CA GLN A 38 3.33 4.63 9.99
C GLN A 38 3.82 3.22 9.65
N ILE A 39 3.73 2.86 8.38
CA ILE A 39 4.17 1.54 7.93
C ILE A 39 5.34 1.65 6.96
N ALA A 40 6.52 1.28 7.43
CA ALA A 40 7.73 1.32 6.60
C ALA A 40 7.53 0.54 5.30
N TYR A 41 8.44 0.75 4.36
CA TYR A 41 8.37 0.06 3.07
C TYR A 41 9.60 -0.81 2.85
N SER A 42 9.38 -2.07 2.49
CA SER A 42 10.47 -3.01 2.24
C SER A 42 10.02 -4.13 1.32
N GLY A 43 10.49 -4.07 0.07
CA GLY A 43 10.13 -5.09 -0.91
C GLY A 43 9.15 -4.59 -1.94
N ASN A 44 8.28 -5.47 -2.41
CA ASN A 44 7.29 -5.10 -3.43
C ASN A 44 5.89 -5.07 -2.83
N THR A 45 5.57 -3.99 -2.13
CA THR A 45 4.27 -3.83 -1.50
C THR A 45 3.75 -5.17 -0.99
N SER A 46 4.62 -5.92 -0.32
CA SER A 46 4.25 -7.21 0.24
C SER A 46 3.60 -7.06 1.61
N ASN A 47 4.22 -6.26 2.47
CA ASN A 47 3.70 -6.03 3.81
C ASN A 47 2.48 -5.10 3.76
N LEU A 48 2.49 -4.16 2.81
CA LEU A 48 1.40 -3.22 2.67
C LEU A 48 0.05 -3.95 2.62
N SER A 49 -0.09 -4.83 1.64
CA SER A 49 -1.33 -5.59 1.47
C SER A 49 -1.65 -6.38 2.73
N TYR A 50 -0.63 -7.02 3.29
CA TYR A 50 -0.80 -7.82 4.50
C TYR A 50 -1.35 -6.97 5.64
N HIS A 51 -0.85 -5.75 5.77
CA HIS A 51 -1.29 -4.84 6.81
C HIS A 51 -2.81 -4.71 6.81
N LEU A 52 -3.40 -4.75 5.61
CA LEU A 52 -4.84 -4.63 5.47
C LEU A 52 -5.54 -5.93 5.86
N GLU A 53 -5.14 -7.03 5.22
CA GLU A 53 -5.73 -8.33 5.51
C GLU A 53 -5.60 -8.67 7.00
N LYS A 54 -4.75 -7.92 7.69
CA LYS A 54 -4.54 -8.14 9.12
C LYS A 54 -5.29 -7.11 9.95
N ASN A 55 -5.29 -5.86 9.47
CA ASN A 55 -5.98 -4.79 10.16
C ASN A 55 -7.32 -4.48 9.50
N HIS A 56 -7.27 -3.97 8.28
CA HIS A 56 -8.48 -3.64 7.54
C HIS A 56 -8.82 -4.73 6.53
N PRO A 57 -9.77 -5.60 6.91
CA PRO A 57 -10.20 -6.71 6.05
C PRO A 57 -10.99 -6.23 4.83
N GLU A 58 -11.94 -5.31 5.07
CA GLU A 58 -12.75 -4.78 3.99
C GLU A 58 -11.89 -4.12 2.92
N GLU A 59 -10.99 -3.24 3.36
CA GLU A 59 -10.10 -2.53 2.44
C GLU A 59 -9.29 -3.52 1.60
N PHE A 60 -8.79 -4.57 2.25
CA PHE A 60 -8.00 -5.59 1.57
C PHE A 60 -8.81 -6.28 0.49
N CYS A 61 -9.99 -6.79 0.87
CA CYS A 61 -10.86 -7.48 -0.07
C CYS A 61 -11.11 -6.62 -1.31
N GLU A 62 -11.23 -5.32 -1.10
CA GLU A 62 -11.48 -4.39 -2.20
C GLU A 62 -10.28 -4.36 -3.16
N PHE A 63 -9.08 -4.44 -2.59
CA PHE A 63 -7.86 -4.42 -3.39
C PHE A 63 -7.62 -5.77 -4.06
N VAL A 64 -7.90 -6.85 -3.33
CA VAL A 64 -7.71 -8.20 -3.85
C VAL A 64 -9.01 -8.72 -4.48
N LYS A 65 -9.94 -7.82 -4.76
CA LYS A 65 -11.21 -8.19 -5.36
C LYS A 65 -11.03 -9.36 -6.32
N SER A 66 -10.06 -9.24 -7.22
CA SER A 66 -9.80 -10.30 -8.19
C SER A 66 -9.06 -11.46 -7.54
N ASN A 67 -9.81 -12.38 -6.95
CA ASN A 67 -9.22 -13.54 -6.29
C ASN A 67 -10.20 -14.72 -6.29
N SER A 68 -9.72 -15.87 -5.82
CA SER A 68 -10.55 -17.07 -5.77
C SER A 68 -11.86 -16.79 -5.04
N GLY A 69 -12.77 -17.77 -5.07
CA GLY A 69 -14.05 -17.61 -4.41
C GLY A 69 -13.91 -17.41 -2.92
N PRO A 70 -15.05 -17.16 -2.25
CA PRO A 70 -15.08 -16.95 -0.79
C PRO A 70 -14.77 -18.23 -0.02
N SER A 71 -13.49 -18.48 0.20
CA SER A 71 -13.07 -19.68 0.94
C SER A 71 -13.14 -19.44 2.44
N SER A 72 -12.42 -18.42 2.90
CA SER A 72 -12.40 -18.08 4.32
C SER A 72 -12.19 -16.59 4.53
N GLY A 73 -12.35 -16.14 5.77
CA GLY A 73 -12.18 -14.72 6.08
C GLY A 73 -12.39 -14.43 7.54
N GLY A 1 13.61 4.25 -9.74
CA GLY A 1 12.73 4.69 -10.82
C GLY A 1 11.27 4.58 -10.46
N SER A 2 10.50 5.62 -10.78
CA SER A 2 9.08 5.64 -10.48
C SER A 2 8.31 4.69 -11.39
N SER A 3 7.71 3.66 -10.80
CA SER A 3 6.94 2.68 -11.55
C SER A 3 5.45 2.85 -11.31
N GLY A 4 4.65 2.40 -12.28
CA GLY A 4 3.20 2.52 -12.16
C GLY A 4 2.50 2.33 -13.49
N SER A 5 2.54 1.11 -14.02
CA SER A 5 1.89 0.80 -15.28
C SER A 5 0.62 -0.01 -15.08
N SER A 6 -0.53 0.66 -15.10
CA SER A 6 -1.80 -0.01 -14.91
C SER A 6 -1.69 -1.11 -13.86
N GLY A 7 -0.95 -0.83 -12.80
CA GLY A 7 -0.77 -1.81 -11.73
C GLY A 7 -0.53 -1.17 -10.38
N SER A 8 0.24 -1.85 -9.54
CA SER A 8 0.54 -1.34 -8.20
C SER A 8 -0.70 -0.72 -7.56
N LYS A 9 -1.76 -1.51 -7.49
CA LYS A 9 -3.02 -1.04 -6.89
C LYS A 9 -2.96 -1.14 -5.37
N VAL A 10 -1.82 -0.75 -4.80
CA VAL A 10 -1.64 -0.79 -3.36
C VAL A 10 -1.14 0.55 -2.83
N TRP A 11 -1.60 1.63 -3.44
CA TRP A 11 -1.20 2.97 -3.04
C TRP A 11 -2.39 3.77 -2.54
N LYS A 12 -3.54 3.57 -3.19
CA LYS A 12 -4.76 4.28 -2.81
C LYS A 12 -4.88 4.38 -1.29
N TYR A 13 -4.55 3.29 -0.60
CA TYR A 13 -4.62 3.27 0.85
C TYR A 13 -3.48 4.08 1.48
N PHE A 14 -2.27 3.80 1.02
CA PHE A 14 -1.09 4.51 1.54
C PHE A 14 -0.60 5.54 0.53
N GLY A 15 -0.99 6.80 0.75
CA GLY A 15 -0.59 7.87 -0.15
C GLY A 15 0.72 8.52 0.28
N PHE A 16 1.30 9.31 -0.61
CA PHE A 16 2.56 9.99 -0.32
C PHE A 16 2.33 11.46 0.00
N ASP A 17 3.24 12.04 0.77
CA ASP A 17 3.13 13.44 1.16
C ASP A 17 3.16 14.34 -0.07
N THR A 18 4.33 14.46 -0.70
CA THR A 18 4.48 15.30 -1.88
C THR A 18 3.67 16.58 -1.76
N ASN A 19 3.73 17.21 -0.58
CA ASN A 19 3.00 18.44 -0.35
C ASN A 19 3.13 19.40 -1.54
N ALA A 20 2.10 19.45 -2.37
CA ALA A 20 2.11 20.31 -3.53
C ALA A 20 3.46 20.29 -4.23
N GLU A 21 4.08 19.12 -4.26
CA GLU A 21 5.39 18.97 -4.89
C GLU A 21 5.54 17.58 -5.52
N GLY A 22 5.44 17.52 -6.84
CA GLY A 22 5.56 16.25 -7.53
C GLY A 22 6.59 15.33 -6.90
N CYS A 23 7.85 15.75 -6.93
CA CYS A 23 8.93 14.96 -6.35
C CYS A 23 8.73 14.78 -4.85
N ILE A 24 9.62 14.02 -4.23
CA ILE A 24 9.54 13.77 -2.79
C ILE A 24 10.46 14.71 -2.02
N LEU A 25 9.87 15.52 -1.16
CA LEU A 25 10.65 16.47 -0.36
C LEU A 25 10.70 16.01 1.10
N GLN A 26 10.89 14.71 1.30
CA GLN A 26 10.97 14.15 2.65
C GLN A 26 11.42 12.69 2.61
N TRP A 27 12.10 12.26 3.65
CA TRP A 27 12.59 10.88 3.73
C TRP A 27 11.60 9.92 3.09
N LYS A 28 12.11 8.93 2.37
CA LYS A 28 11.27 7.94 1.72
C LYS A 28 10.59 7.03 2.74
N LYS A 29 9.36 7.39 3.11
CA LYS A 29 8.60 6.61 4.08
C LYS A 29 7.12 6.61 3.72
N ILE A 30 6.40 5.59 4.20
CA ILE A 30 4.97 5.47 3.94
C ILE A 30 4.18 5.36 5.24
N TYR A 31 2.96 5.87 5.22
CA TYR A 31 2.10 5.83 6.40
C TYR A 31 0.65 5.53 6.01
N CYS A 32 -0.01 4.69 6.79
CA CYS A 32 -1.40 4.32 6.52
C CYS A 32 -2.33 5.46 6.90
N ARG A 33 -2.89 6.12 5.89
CA ARG A 33 -3.81 7.23 6.11
C ARG A 33 -5.08 6.76 6.82
N ILE A 34 -5.56 5.58 6.44
CA ILE A 34 -6.77 5.02 7.03
C ILE A 34 -6.73 5.13 8.55
N CYS A 35 -5.78 4.43 9.17
CA CYS A 35 -5.64 4.46 10.62
C CYS A 35 -4.49 5.36 11.03
N MET A 36 -4.21 6.37 10.21
CA MET A 36 -3.13 7.31 10.50
C MET A 36 -1.93 6.59 11.11
N ALA A 37 -1.64 5.40 10.61
CA ALA A 37 -0.52 4.61 11.10
C ALA A 37 0.69 4.75 10.20
N GLN A 38 1.84 4.27 10.66
CA GLN A 38 3.07 4.35 9.89
C GLN A 38 3.46 2.97 9.35
N ILE A 39 3.89 2.94 8.09
CA ILE A 39 4.29 1.70 7.45
C ILE A 39 5.79 1.68 7.17
N ALA A 40 6.41 0.52 7.37
CA ALA A 40 7.84 0.38 7.13
C ALA A 40 8.11 -0.20 5.75
N TYR A 41 8.27 0.68 4.77
CA TYR A 41 8.53 0.25 3.40
C TYR A 41 9.95 -0.28 3.25
N SER A 42 10.09 -1.40 2.54
CA SER A 42 11.39 -2.01 2.32
C SER A 42 11.64 -2.27 0.84
N GLY A 43 11.18 -1.34 0.01
CA GLY A 43 11.36 -1.48 -1.43
C GLY A 43 10.23 -2.24 -2.09
N ASN A 44 9.85 -3.38 -1.49
CA ASN A 44 8.78 -4.19 -2.02
C ASN A 44 7.48 -3.96 -1.26
N THR A 45 6.35 -4.08 -1.95
CA THR A 45 5.05 -3.87 -1.34
C THR A 45 4.53 -5.16 -0.70
N SER A 46 5.41 -5.83 0.04
CA SER A 46 5.05 -7.07 0.70
C SER A 46 4.39 -6.79 2.06
N ASN A 47 4.95 -5.84 2.79
CA ASN A 47 4.43 -5.48 4.10
C ASN A 47 3.13 -4.70 3.97
N LEU A 48 3.06 -3.83 2.97
CA LEU A 48 1.87 -3.03 2.73
C LEU A 48 0.61 -3.85 2.95
N SER A 49 0.44 -4.91 2.15
CA SER A 49 -0.71 -5.77 2.25
C SER A 49 -0.79 -6.43 3.63
N TYR A 50 0.35 -6.92 4.11
CA TYR A 50 0.41 -7.57 5.41
C TYR A 50 -0.25 -6.71 6.49
N HIS A 51 0.06 -5.42 6.46
CA HIS A 51 -0.51 -4.48 7.43
C HIS A 51 -2.03 -4.59 7.47
N LEU A 52 -2.65 -4.47 6.30
CA LEU A 52 -4.10 -4.55 6.20
C LEU A 52 -4.63 -5.84 6.84
N GLU A 53 -4.21 -6.98 6.28
CA GLU A 53 -4.64 -8.27 6.80
C GLU A 53 -4.53 -8.31 8.33
N LYS A 54 -3.68 -7.46 8.87
CA LYS A 54 -3.47 -7.40 10.32
C LYS A 54 -4.40 -6.37 10.94
N ASN A 55 -4.61 -5.25 10.25
CA ASN A 55 -5.48 -4.18 10.74
C ASN A 55 -6.76 -4.11 9.93
N HIS A 56 -6.64 -3.87 8.63
CA HIS A 56 -7.78 -3.78 7.74
C HIS A 56 -7.94 -5.05 6.92
N PRO A 57 -8.79 -5.98 7.40
CA PRO A 57 -9.05 -7.24 6.72
C PRO A 57 -9.82 -7.07 5.42
N GLU A 58 -10.90 -6.30 5.48
CA GLU A 58 -11.72 -6.05 4.30
C GLU A 58 -10.91 -5.37 3.20
N GLU A 59 -10.03 -4.46 3.60
CA GLU A 59 -9.20 -3.75 2.65
C GLU A 59 -8.25 -4.69 1.93
N PHE A 60 -7.64 -5.60 2.70
CA PHE A 60 -6.70 -6.56 2.14
C PHE A 60 -7.35 -7.36 1.01
N CYS A 61 -8.55 -7.85 1.26
CA CYS A 61 -9.28 -8.63 0.26
C CYS A 61 -9.48 -7.82 -1.02
N GLU A 62 -9.96 -6.60 -0.86
CA GLU A 62 -10.21 -5.72 -2.01
C GLU A 62 -8.99 -5.69 -2.93
N PHE A 63 -7.81 -5.52 -2.35
CA PHE A 63 -6.58 -5.47 -3.12
C PHE A 63 -6.23 -6.85 -3.68
N VAL A 64 -6.71 -7.89 -3.02
CA VAL A 64 -6.45 -9.26 -3.45
C VAL A 64 -7.40 -9.66 -4.58
N LYS A 65 -7.13 -9.15 -5.78
CA LYS A 65 -7.96 -9.46 -6.94
C LYS A 65 -7.28 -10.47 -7.84
N SER A 66 -6.66 -11.48 -7.23
CA SER A 66 -5.96 -12.51 -7.98
C SER A 66 -6.64 -13.86 -7.80
N ASN A 67 -6.66 -14.65 -8.87
CA ASN A 67 -7.29 -15.98 -8.84
C ASN A 67 -6.77 -16.79 -7.65
N SER A 68 -7.41 -16.61 -6.50
CA SER A 68 -7.03 -17.33 -5.29
C SER A 68 -8.25 -17.80 -4.52
N GLY A 69 -8.02 -18.56 -3.45
CA GLY A 69 -9.12 -19.05 -2.64
C GLY A 69 -9.08 -18.53 -1.22
N PRO A 70 -10.27 -18.33 -0.63
CA PRO A 70 -10.40 -17.82 0.74
C PRO A 70 -9.95 -18.84 1.77
N SER A 71 -9.41 -18.34 2.89
CA SER A 71 -8.94 -19.21 3.96
C SER A 71 -10.08 -19.56 4.91
N SER A 72 -9.79 -20.45 5.87
CA SER A 72 -10.79 -20.87 6.84
C SER A 72 -10.32 -20.60 8.27
N GLY A 73 -9.07 -20.98 8.54
CA GLY A 73 -8.51 -20.77 9.87
C GLY A 73 -8.91 -19.43 10.47
N GLY A 1 16.35 -6.53 -9.10
CA GLY A 1 16.71 -6.33 -10.49
C GLY A 1 16.03 -5.11 -11.09
N SER A 2 15.22 -5.34 -12.12
CA SER A 2 14.52 -4.25 -12.80
C SER A 2 13.25 -3.86 -12.03
N SER A 3 13.30 -2.70 -11.38
CA SER A 3 12.16 -2.22 -10.61
C SER A 3 11.37 -1.17 -11.40
N GLY A 4 10.06 -1.34 -11.46
CA GLY A 4 9.22 -0.39 -12.18
C GLY A 4 7.77 -0.47 -11.76
N SER A 5 7.34 0.46 -10.92
CA SER A 5 5.96 0.49 -10.45
C SER A 5 5.01 0.89 -11.56
N SER A 6 4.40 -0.10 -12.19
CA SER A 6 3.45 0.14 -13.29
C SER A 6 2.02 0.22 -12.76
N GLY A 7 1.59 1.43 -12.44
CA GLY A 7 0.24 1.62 -11.93
C GLY A 7 -0.17 0.55 -10.93
N SER A 8 0.23 0.73 -9.68
CA SER A 8 -0.08 -0.23 -8.63
C SER A 8 -1.26 0.26 -7.79
N LYS A 9 -2.21 -0.64 -7.56
CA LYS A 9 -3.40 -0.31 -6.77
C LYS A 9 -3.04 -0.12 -5.30
N VAL A 10 -2.12 -0.95 -4.81
CA VAL A 10 -1.68 -0.87 -3.43
C VAL A 10 -1.45 0.58 -3.00
N TRP A 11 -1.17 1.44 -3.98
CA TRP A 11 -0.92 2.85 -3.71
C TRP A 11 -2.23 3.64 -3.73
N LYS A 12 -3.30 3.04 -3.23
CA LYS A 12 -4.60 3.68 -3.19
C LYS A 12 -4.97 4.09 -1.76
N TYR A 13 -4.59 3.26 -0.80
CA TYR A 13 -4.88 3.52 0.60
C TYR A 13 -3.73 4.29 1.26
N PHE A 14 -2.50 3.96 0.86
CA PHE A 14 -1.32 4.61 1.40
C PHE A 14 -0.99 5.88 0.62
N GLY A 15 -0.84 6.99 1.34
CA GLY A 15 -0.52 8.26 0.69
C GLY A 15 0.95 8.62 0.83
N PHE A 16 1.45 9.40 -0.13
CA PHE A 16 2.84 9.81 -0.12
C PHE A 16 3.00 11.17 0.58
N ASP A 17 4.22 11.44 1.05
CA ASP A 17 4.50 12.69 1.74
C ASP A 17 5.27 13.65 0.84
N THR A 18 4.57 14.24 -0.11
CA THR A 18 5.19 15.18 -1.05
C THR A 18 5.85 16.33 -0.31
N ASN A 19 7.14 16.52 -0.56
CA ASN A 19 7.89 17.60 0.08
C ASN A 19 7.90 18.86 -0.79
N ALA A 20 8.39 18.72 -2.02
CA ALA A 20 8.45 19.84 -2.95
C ALA A 20 7.53 19.60 -4.15
N GLU A 21 6.48 18.80 -3.95
CA GLU A 21 5.54 18.50 -5.02
C GLU A 21 6.25 18.44 -6.36
N GLY A 22 7.43 17.82 -6.38
CA GLY A 22 8.19 17.71 -7.61
C GLY A 22 8.52 16.27 -7.97
N CYS A 23 9.74 15.86 -7.68
CA CYS A 23 10.19 14.50 -7.97
C CYS A 23 9.75 13.54 -6.87
N ILE A 24 8.44 13.24 -6.84
CA ILE A 24 7.89 12.33 -5.84
C ILE A 24 8.78 11.10 -5.66
N LEU A 25 8.97 10.69 -4.42
CA LEU A 25 9.80 9.52 -4.11
C LEU A 25 9.06 8.58 -3.16
N GLN A 26 8.26 7.68 -3.73
CA GLN A 26 7.50 6.73 -2.94
C GLN A 26 8.36 5.52 -2.58
N TRP A 27 9.62 5.79 -2.22
CA TRP A 27 10.54 4.72 -1.85
C TRP A 27 11.32 5.10 -0.58
N LYS A 28 10.73 5.97 0.22
CA LYS A 28 11.36 6.40 1.47
C LYS A 28 10.56 5.95 2.67
N LYS A 29 9.36 6.52 2.83
CA LYS A 29 8.49 6.16 3.94
C LYS A 29 7.02 6.18 3.52
N ILE A 30 6.20 5.41 4.21
CA ILE A 30 4.78 5.34 3.91
C ILE A 30 3.94 5.29 5.17
N TYR A 31 2.68 5.69 5.06
CA TYR A 31 1.77 5.68 6.20
C TYR A 31 0.33 5.46 5.75
N CYS A 32 -0.43 4.73 6.57
CA CYS A 32 -1.82 4.43 6.26
C CYS A 32 -2.74 5.50 6.83
N ARG A 33 -3.11 6.45 5.98
CA ARG A 33 -3.99 7.55 6.39
C ARG A 33 -5.18 7.01 7.20
N ILE A 34 -5.82 5.97 6.68
CA ILE A 34 -6.97 5.37 7.36
C ILE A 34 -6.73 5.29 8.86
N CYS A 35 -5.70 4.55 9.26
CA CYS A 35 -5.38 4.40 10.67
C CYS A 35 -4.16 5.23 11.04
N MET A 36 -3.89 6.26 10.24
CA MET A 36 -2.75 7.14 10.49
C MET A 36 -1.58 6.36 11.10
N ALA A 37 -1.40 5.13 10.63
CA ALA A 37 -0.32 4.28 11.13
C ALA A 37 0.82 4.22 10.13
N GLN A 38 2.03 4.58 10.58
CA GLN A 38 3.21 4.56 9.73
C GLN A 38 3.62 3.13 9.40
N ILE A 39 4.05 2.91 8.17
CA ILE A 39 4.48 1.59 7.73
C ILE A 39 5.95 1.59 7.34
N ALA A 40 6.71 0.66 7.92
CA ALA A 40 8.14 0.55 7.64
C ALA A 40 8.38 -0.09 6.28
N TYR A 41 8.41 0.74 5.23
CA TYR A 41 8.63 0.27 3.88
C TYR A 41 10.04 -0.27 3.71
N SER A 42 10.17 -1.43 3.06
CA SER A 42 11.47 -2.04 2.84
C SER A 42 11.40 -3.06 1.71
N GLY A 43 12.07 -2.74 0.60
CA GLY A 43 12.07 -3.64 -0.54
C GLY A 43 10.98 -3.31 -1.54
N ASN A 44 9.97 -4.16 -1.63
CA ASN A 44 8.87 -3.95 -2.56
C ASN A 44 7.60 -3.55 -1.82
N THR A 45 6.52 -3.37 -2.57
CA THR A 45 5.25 -2.97 -1.98
C THR A 45 4.48 -4.18 -1.46
N SER A 46 5.20 -5.11 -0.83
CA SER A 46 4.60 -6.32 -0.30
C SER A 46 4.03 -6.07 1.10
N ASN A 47 4.83 -5.42 1.95
CA ASN A 47 4.41 -5.12 3.31
C ASN A 47 3.15 -4.24 3.31
N LEU A 48 3.02 -3.41 2.28
CA LEU A 48 1.87 -2.52 2.16
C LEU A 48 0.57 -3.27 2.46
N SER A 49 0.23 -4.21 1.58
CA SER A 49 -0.99 -4.98 1.75
C SER A 49 -0.97 -5.77 3.06
N TYR A 50 0.17 -6.38 3.35
CA TYR A 50 0.34 -7.16 4.57
C TYR A 50 -0.24 -6.41 5.76
N HIS A 51 -0.06 -5.10 5.79
CA HIS A 51 -0.56 -4.27 6.88
C HIS A 51 -2.08 -4.37 6.98
N LEU A 52 -2.76 -4.10 5.87
CA LEU A 52 -4.21 -4.15 5.85
C LEU A 52 -4.71 -5.56 6.17
N GLU A 53 -4.27 -6.54 5.39
CA GLU A 53 -4.66 -7.92 5.60
C GLU A 53 -4.97 -8.19 7.07
N LYS A 54 -4.04 -7.79 7.94
CA LYS A 54 -4.20 -7.98 9.37
C LYS A 54 -4.97 -6.81 9.99
N ASN A 55 -4.64 -5.60 9.57
CA ASN A 55 -5.30 -4.40 10.09
C ASN A 55 -6.73 -4.31 9.56
N HIS A 56 -6.85 -3.93 8.28
CA HIS A 56 -8.17 -3.80 7.67
C HIS A 56 -8.44 -4.97 6.72
N PRO A 57 -9.29 -5.91 7.16
CA PRO A 57 -9.65 -7.08 6.37
C PRO A 57 -10.52 -6.73 5.17
N GLU A 58 -11.52 -5.88 5.40
CA GLU A 58 -12.41 -5.47 4.32
C GLU A 58 -11.66 -4.73 3.23
N GLU A 59 -10.87 -3.72 3.62
CA GLU A 59 -10.10 -2.95 2.68
C GLU A 59 -9.16 -3.84 1.86
N PHE A 60 -8.45 -4.72 2.57
CA PHE A 60 -7.52 -5.64 1.92
C PHE A 60 -8.22 -6.46 0.84
N CYS A 61 -9.34 -7.08 1.21
CA CYS A 61 -10.11 -7.89 0.27
C CYS A 61 -10.28 -7.17 -1.07
N GLU A 62 -10.65 -5.90 -1.00
CA GLU A 62 -10.86 -5.10 -2.21
C GLU A 62 -9.58 -5.03 -3.03
N PHE A 63 -8.44 -4.95 -2.35
CA PHE A 63 -7.15 -4.88 -3.01
C PHE A 63 -6.85 -6.17 -3.77
N VAL A 64 -7.11 -7.30 -3.12
CA VAL A 64 -6.86 -8.60 -3.73
C VAL A 64 -7.89 -8.90 -4.82
N LYS A 65 -9.16 -8.88 -4.44
CA LYS A 65 -10.24 -9.14 -5.39
C LYS A 65 -9.81 -10.15 -6.44
N SER A 66 -9.20 -11.24 -6.00
CA SER A 66 -8.73 -12.29 -6.90
C SER A 66 -9.87 -13.25 -7.25
N ASN A 67 -10.64 -13.64 -6.25
CA ASN A 67 -11.76 -14.56 -6.46
C ASN A 67 -11.28 -15.85 -7.10
N SER A 68 -10.15 -16.36 -6.64
CA SER A 68 -9.59 -17.59 -7.18
C SER A 68 -9.88 -18.77 -6.26
N GLY A 69 -10.96 -19.48 -6.54
CA GLY A 69 -11.33 -20.63 -5.72
C GLY A 69 -12.32 -20.26 -4.63
N PRO A 70 -12.42 -21.13 -3.62
CA PRO A 70 -13.33 -20.92 -2.48
C PRO A 70 -12.87 -19.76 -1.59
N SER A 71 -13.83 -19.17 -0.87
CA SER A 71 -13.53 -18.06 0.02
C SER A 71 -12.49 -18.46 1.05
N SER A 72 -11.63 -17.50 1.43
CA SER A 72 -10.58 -17.76 2.40
C SER A 72 -10.31 -16.52 3.25
N GLY A 73 -9.57 -16.70 4.34
CA GLY A 73 -9.25 -15.58 5.20
C GLY A 73 -8.17 -15.93 6.23
N GLY A 1 21.63 2.46 -6.98
CA GLY A 1 20.74 3.26 -7.79
C GLY A 1 19.29 2.83 -7.66
N SER A 2 18.77 2.90 -6.44
CA SER A 2 17.39 2.50 -6.18
C SER A 2 16.42 3.50 -6.81
N SER A 3 15.67 3.04 -7.81
CA SER A 3 14.71 3.88 -8.50
C SER A 3 13.31 3.71 -7.91
N GLY A 4 12.40 4.60 -8.30
CA GLY A 4 11.04 4.53 -7.79
C GLY A 4 10.01 4.86 -8.85
N SER A 5 10.05 4.13 -9.96
CA SER A 5 9.12 4.36 -11.06
C SER A 5 8.24 3.13 -11.29
N SER A 6 7.05 3.14 -10.70
CA SER A 6 6.12 2.04 -10.84
C SER A 6 4.70 2.46 -10.47
N GLY A 7 3.72 1.72 -10.98
CA GLY A 7 2.33 2.05 -10.70
C GLY A 7 1.58 0.88 -10.08
N SER A 8 1.07 1.08 -8.87
CA SER A 8 0.34 0.04 -8.16
C SER A 8 -0.96 0.59 -7.58
N LYS A 9 -1.82 -0.31 -7.12
CA LYS A 9 -3.09 0.09 -6.52
C LYS A 9 -2.96 0.28 -5.02
N VAL A 10 -2.18 -0.58 -4.39
CA VAL A 10 -1.96 -0.50 -2.94
C VAL A 10 -1.72 0.94 -2.50
N TRP A 11 -1.26 1.77 -3.43
CA TRP A 11 -0.99 3.17 -3.13
C TRP A 11 -2.26 3.88 -2.67
N LYS A 12 -3.36 3.65 -3.37
CA LYS A 12 -4.64 4.26 -3.03
C LYS A 12 -4.81 4.35 -1.51
N TYR A 13 -4.47 3.26 -0.82
CA TYR A 13 -4.59 3.22 0.63
C TYR A 13 -3.47 4.01 1.30
N PHE A 14 -2.23 3.59 1.03
CA PHE A 14 -1.06 4.27 1.61
C PHE A 14 -0.58 5.39 0.69
N GLY A 15 -0.68 6.63 1.18
CA GLY A 15 -0.25 7.77 0.40
C GLY A 15 0.92 8.49 1.04
N PHE A 16 1.58 9.33 0.25
CA PHE A 16 2.73 10.09 0.74
C PHE A 16 2.29 11.45 1.30
N ASP A 17 2.55 11.66 2.58
CA ASP A 17 2.19 12.91 3.23
C ASP A 17 3.33 13.92 3.14
N THR A 18 4.00 13.95 1.99
CA THR A 18 5.10 14.87 1.77
C THR A 18 4.60 16.30 1.57
N ASN A 19 5.52 17.25 1.50
CA ASN A 19 5.17 18.65 1.32
C ASN A 19 4.42 19.19 2.52
N ALA A 20 4.92 18.87 3.71
CA ALA A 20 4.29 19.33 4.95
C ALA A 20 5.26 19.20 6.13
N GLU A 21 4.81 19.64 7.30
CA GLU A 21 5.63 19.58 8.51
C GLU A 21 5.62 18.17 9.09
N GLY A 22 6.81 17.68 9.44
CA GLY A 22 6.92 16.35 10.01
C GLY A 22 8.08 15.57 9.42
N CYS A 23 9.12 16.27 9.02
CA CYS A 23 10.29 15.63 8.44
C CYS A 23 9.89 14.52 7.48
N ILE A 24 8.90 14.80 6.64
CA ILE A 24 8.41 13.81 5.68
C ILE A 24 9.15 13.94 4.36
N LEU A 25 9.04 15.11 3.73
CA LEU A 25 9.70 15.36 2.46
C LEU A 25 11.10 14.76 2.44
N GLN A 26 11.82 14.91 3.54
CA GLN A 26 13.17 14.38 3.66
C GLN A 26 13.15 12.85 3.79
N TRP A 27 12.57 12.37 4.89
CA TRP A 27 12.48 10.94 5.13
C TRP A 27 11.37 10.30 4.30
N LYS A 28 11.76 9.47 3.34
CA LYS A 28 10.80 8.80 2.48
C LYS A 28 10.27 7.54 3.13
N LYS A 29 9.03 7.60 3.63
CA LYS A 29 8.40 6.46 4.28
C LYS A 29 6.92 6.40 3.96
N ILE A 30 6.35 5.19 4.02
CA ILE A 30 4.93 5.00 3.73
C ILE A 30 4.11 5.05 5.01
N TYR A 31 2.87 5.51 4.88
CA TYR A 31 1.97 5.59 6.04
C TYR A 31 0.53 5.30 5.63
N CYS A 32 -0.24 4.76 6.56
CA CYS A 32 -1.64 4.43 6.30
C CYS A 32 -2.55 5.56 6.76
N ARG A 33 -3.21 6.21 5.80
CA ARG A 33 -4.12 7.30 6.11
C ARG A 33 -5.38 6.79 6.81
N ILE A 34 -5.77 5.56 6.50
CA ILE A 34 -6.94 4.96 7.11
C ILE A 34 -6.84 4.96 8.64
N CYS A 35 -5.75 4.43 9.16
CA CYS A 35 -5.54 4.37 10.59
C CYS A 35 -4.43 5.34 11.01
N MET A 36 -4.16 6.33 10.17
CA MET A 36 -3.13 7.32 10.45
C MET A 36 -1.91 6.66 11.09
N ALA A 37 -1.52 5.50 10.58
CA ALA A 37 -0.38 4.78 11.11
C ALA A 37 0.85 4.96 10.22
N GLN A 38 1.96 4.34 10.60
CA GLN A 38 3.20 4.44 9.84
C GLN A 38 3.73 3.05 9.50
N ILE A 39 3.86 2.77 8.20
CA ILE A 39 4.36 1.48 7.75
C ILE A 39 5.74 1.62 7.13
N ALA A 40 6.70 0.84 7.63
CA ALA A 40 8.06 0.87 7.12
C ALA A 40 8.15 0.26 5.73
N TYR A 41 8.95 0.88 4.87
CA TYR A 41 9.11 0.39 3.50
C TYR A 41 10.52 -0.15 3.28
N SER A 42 10.62 -1.23 2.52
CA SER A 42 11.90 -1.86 2.23
C SER A 42 12.23 -1.77 0.74
N GLY A 43 11.52 -2.55 -0.06
CA GLY A 43 11.75 -2.54 -1.50
C GLY A 43 10.46 -2.54 -2.29
N ASN A 44 9.71 -3.65 -2.20
CA ASN A 44 8.45 -3.78 -2.91
C ASN A 44 7.27 -3.50 -1.99
N THR A 45 6.10 -3.29 -2.58
CA THR A 45 4.89 -3.02 -1.81
C THR A 45 4.26 -4.31 -1.30
N SER A 46 5.08 -5.17 -0.69
CA SER A 46 4.60 -6.44 -0.16
C SER A 46 4.04 -6.27 1.24
N ASN A 47 4.77 -5.51 2.07
CA ASN A 47 4.35 -5.27 3.45
C ASN A 47 3.07 -4.45 3.50
N LEU A 48 2.97 -3.46 2.60
CA LEU A 48 1.79 -2.60 2.54
C LEU A 48 0.52 -3.43 2.61
N SER A 49 0.36 -4.34 1.65
CA SER A 49 -0.83 -5.20 1.60
C SER A 49 -0.96 -6.02 2.88
N TYR A 50 0.18 -6.40 3.45
CA TYR A 50 0.19 -7.19 4.68
C TYR A 50 -0.38 -6.39 5.85
N HIS A 51 0.04 -5.13 5.94
CA HIS A 51 -0.42 -4.25 7.01
C HIS A 51 -1.95 -4.30 7.14
N LEU A 52 -2.63 -4.30 6.00
CA LEU A 52 -4.09 -4.34 5.99
C LEU A 52 -4.59 -5.74 6.35
N GLU A 53 -4.16 -6.74 5.60
CA GLU A 53 -4.56 -8.12 5.84
C GLU A 53 -4.57 -8.42 7.34
N LYS A 54 -3.77 -7.67 8.09
CA LYS A 54 -3.68 -7.86 9.54
C LYS A 54 -4.49 -6.81 10.27
N ASN A 55 -4.46 -5.58 9.76
CA ASN A 55 -5.20 -4.47 10.37
C ASN A 55 -6.60 -4.35 9.78
N HIS A 56 -6.66 -3.99 8.51
CA HIS A 56 -7.93 -3.84 7.81
C HIS A 56 -8.20 -5.02 6.89
N PRO A 57 -8.93 -6.02 7.39
CA PRO A 57 -9.27 -7.23 6.62
C PRO A 57 -10.25 -6.94 5.50
N GLU A 58 -11.24 -6.09 5.78
CA GLU A 58 -12.24 -5.74 4.78
C GLU A 58 -11.61 -5.03 3.59
N GLU A 59 -10.93 -3.92 3.87
CA GLU A 59 -10.27 -3.15 2.82
C GLU A 59 -9.35 -4.03 1.98
N PHE A 60 -8.57 -4.87 2.66
CA PHE A 60 -7.65 -5.78 1.98
C PHE A 60 -8.34 -6.51 0.85
N CYS A 61 -9.40 -7.26 1.18
CA CYS A 61 -10.14 -8.01 0.19
C CYS A 61 -10.40 -7.17 -1.06
N GLU A 62 -10.85 -5.94 -0.85
CA GLU A 62 -11.13 -5.03 -1.96
C GLU A 62 -9.90 -4.84 -2.83
N PHE A 63 -8.74 -4.78 -2.19
CA PHE A 63 -7.48 -4.59 -2.91
C PHE A 63 -7.09 -5.86 -3.67
N VAL A 64 -7.77 -6.96 -3.36
CA VAL A 64 -7.50 -8.23 -4.01
C VAL A 64 -8.78 -8.88 -4.52
N LYS A 65 -9.07 -8.69 -5.80
CA LYS A 65 -10.27 -9.25 -6.41
C LYS A 65 -9.90 -10.28 -7.49
N SER A 66 -9.60 -11.49 -7.07
CA SER A 66 -9.23 -12.56 -7.98
C SER A 66 -10.10 -13.79 -7.78
N ASN A 67 -10.27 -14.57 -8.83
CA ASN A 67 -11.08 -15.78 -8.76
C ASN A 67 -10.26 -16.96 -8.27
N SER A 68 -9.42 -16.72 -7.28
CA SER A 68 -8.58 -17.76 -6.71
C SER A 68 -9.42 -18.91 -6.16
N GLY A 69 -10.24 -18.59 -5.16
CA GLY A 69 -11.09 -19.60 -4.55
C GLY A 69 -11.47 -19.26 -3.12
N PRO A 70 -12.41 -20.03 -2.56
CA PRO A 70 -12.88 -19.83 -1.19
C PRO A 70 -11.82 -20.20 -0.15
N SER A 71 -10.73 -20.79 -0.61
CA SER A 71 -9.64 -21.20 0.27
C SER A 71 -9.32 -20.10 1.28
N SER A 72 -8.57 -20.46 2.32
CA SER A 72 -8.19 -19.51 3.35
C SER A 72 -6.78 -18.98 3.12
N GLY A 73 -5.85 -19.89 2.92
CA GLY A 73 -4.46 -19.51 2.69
C GLY A 73 -3.72 -19.18 3.97
N GLY A 1 9.00 1.81 -8.85
CA GLY A 1 9.09 3.08 -9.53
C GLY A 1 8.32 3.11 -10.83
N SER A 2 8.95 3.64 -11.88
CA SER A 2 8.30 3.73 -13.19
C SER A 2 8.63 2.50 -14.03
N SER A 3 7.70 1.54 -14.06
CA SER A 3 7.89 0.32 -14.82
C SER A 3 6.63 -0.54 -14.80
N GLY A 4 6.39 -1.26 -15.89
CA GLY A 4 5.22 -2.11 -15.97
C GLY A 4 4.01 -1.39 -16.56
N SER A 5 3.36 -2.02 -17.52
CA SER A 5 2.19 -1.44 -18.17
C SER A 5 1.09 -1.16 -17.15
N SER A 6 0.71 -2.18 -16.40
CA SER A 6 -0.35 -2.05 -15.40
C SER A 6 0.22 -1.48 -14.10
N GLY A 7 -0.54 -0.58 -13.49
CA GLY A 7 -0.10 0.04 -12.25
C GLY A 7 -0.57 -0.73 -11.02
N SER A 8 -0.39 -0.14 -9.85
CA SER A 8 -0.80 -0.79 -8.60
C SER A 8 -1.96 -0.04 -7.96
N LYS A 9 -2.59 -0.66 -6.98
CA LYS A 9 -3.71 -0.06 -6.29
C LYS A 9 -3.43 0.07 -4.79
N VAL A 10 -2.35 -0.56 -4.34
CA VAL A 10 -1.97 -0.52 -2.94
C VAL A 10 -1.50 0.89 -2.54
N TRP A 11 -1.34 1.75 -3.53
CA TRP A 11 -0.91 3.12 -3.29
C TRP A 11 -2.08 4.01 -2.90
N LYS A 12 -3.29 3.58 -3.26
CA LYS A 12 -4.49 4.33 -2.94
C LYS A 12 -4.70 4.43 -1.43
N TYR A 13 -4.28 3.40 -0.72
CA TYR A 13 -4.42 3.37 0.74
C TYR A 13 -3.21 4.02 1.41
N PHE A 14 -2.02 3.66 0.95
CA PHE A 14 -0.79 4.20 1.50
C PHE A 14 -0.07 5.06 0.48
N GLY A 15 0.48 6.19 0.93
CA GLY A 15 1.19 7.08 0.04
C GLY A 15 2.39 6.42 -0.62
N PHE A 16 3.01 7.13 -1.55
CA PHE A 16 4.17 6.60 -2.26
C PHE A 16 5.15 7.71 -2.60
N ASP A 17 6.36 7.33 -3.01
CA ASP A 17 7.39 8.30 -3.37
C ASP A 17 7.42 8.53 -4.88
N THR A 18 6.69 9.55 -5.32
CA THR A 18 6.63 9.89 -6.74
C THR A 18 6.38 11.38 -6.94
N ASN A 19 6.95 11.93 -8.01
CA ASN A 19 6.78 13.34 -8.32
C ASN A 19 5.37 13.63 -8.80
N ALA A 20 4.50 14.03 -7.87
CA ALA A 20 3.12 14.34 -8.20
C ALA A 20 2.60 15.51 -7.38
N GLU A 21 1.98 16.48 -8.06
CA GLU A 21 1.45 17.66 -7.38
C GLU A 21 0.75 17.27 -6.09
N GLY A 22 0.68 18.22 -5.15
CA GLY A 22 0.03 17.96 -3.88
C GLY A 22 0.68 16.81 -3.13
N CYS A 23 -0.10 16.17 -2.25
CA CYS A 23 0.40 15.06 -1.46
C CYS A 23 1.17 14.08 -2.34
N ILE A 24 1.90 13.17 -1.70
CA ILE A 24 2.69 12.17 -2.42
C ILE A 24 3.86 12.82 -3.15
N LEU A 25 4.63 13.63 -2.43
CA LEU A 25 5.77 14.32 -3.00
C LEU A 25 6.91 14.43 -1.97
N GLN A 26 8.09 14.80 -2.46
CA GLN A 26 9.25 14.95 -1.58
C GLN A 26 9.63 13.61 -0.96
N TRP A 27 9.67 12.57 -1.78
CA TRP A 27 10.01 11.24 -1.30
C TRP A 27 9.52 11.01 0.12
N LYS A 28 8.30 11.45 0.39
CA LYS A 28 7.71 11.29 1.71
C LYS A 28 7.73 9.83 2.15
N LYS A 29 7.25 9.58 3.36
CA LYS A 29 7.22 8.22 3.91
C LYS A 29 5.83 7.59 3.69
N ILE A 30 5.80 6.27 3.73
CA ILE A 30 4.53 5.54 3.55
C ILE A 30 3.80 5.37 4.87
N TYR A 31 2.51 5.67 4.88
CA TYR A 31 1.70 5.54 6.08
C TYR A 31 0.25 5.19 5.73
N CYS A 32 -0.48 4.67 6.70
CA CYS A 32 -1.87 4.29 6.50
C CYS A 32 -2.80 5.37 7.03
N ARG A 33 -3.09 6.36 6.19
CA ARG A 33 -3.98 7.46 6.58
C ARG A 33 -5.24 6.93 7.24
N ILE A 34 -5.70 5.77 6.78
CA ILE A 34 -6.91 5.15 7.32
C ILE A 34 -6.89 5.18 8.85
N CYS A 35 -5.91 4.50 9.43
CA CYS A 35 -5.78 4.44 10.88
C CYS A 35 -4.62 5.30 11.36
N MET A 36 -4.27 6.31 10.57
CA MET A 36 -3.18 7.21 10.91
C MET A 36 -1.98 6.42 11.43
N ALA A 37 -1.71 5.28 10.83
CA ALA A 37 -0.59 4.44 11.23
C ALA A 37 0.61 4.64 10.31
N GLN A 38 1.79 4.27 10.81
CA GLN A 38 3.02 4.42 10.03
C GLN A 38 3.53 3.07 9.56
N ILE A 39 3.71 2.92 8.25
CA ILE A 39 4.19 1.68 7.67
C ILE A 39 5.43 1.92 6.80
N ALA A 40 6.48 1.16 7.06
CA ALA A 40 7.73 1.29 6.30
C ALA A 40 7.58 0.68 4.92
N TYR A 41 8.62 0.80 4.10
CA TYR A 41 8.61 0.27 2.74
C TYR A 41 9.79 -0.67 2.51
N SER A 42 9.51 -1.85 1.99
CA SER A 42 10.55 -2.85 1.73
C SER A 42 10.08 -3.85 0.69
N GLY A 43 10.69 -3.81 -0.49
CA GLY A 43 10.32 -4.72 -1.56
C GLY A 43 9.17 -4.22 -2.38
N ASN A 44 8.47 -5.13 -3.06
CA ASN A 44 7.34 -4.77 -3.89
C ASN A 44 6.05 -4.67 -3.06
N THR A 45 5.81 -3.49 -2.50
CA THR A 45 4.63 -3.26 -1.69
C THR A 45 4.26 -4.50 -0.89
N SER A 46 5.27 -5.16 -0.34
CA SER A 46 5.05 -6.37 0.45
C SER A 46 4.37 -6.04 1.77
N ASN A 47 5.03 -5.24 2.59
CA ASN A 47 4.49 -4.85 3.89
C ASN A 47 3.20 -4.06 3.72
N LEU A 48 3.15 -3.22 2.70
CA LEU A 48 1.97 -2.40 2.42
C LEU A 48 0.69 -3.21 2.64
N SER A 49 0.45 -4.17 1.75
CA SER A 49 -0.74 -5.01 1.85
C SER A 49 -0.81 -5.69 3.21
N TYR A 50 0.31 -6.25 3.64
CA TYR A 50 0.38 -6.94 4.92
C TYR A 50 -0.34 -6.14 6.01
N HIS A 51 -0.10 -4.83 6.04
CA HIS A 51 -0.73 -3.96 7.02
C HIS A 51 -2.24 -4.11 6.99
N LEU A 52 -2.80 -4.25 5.80
CA LEU A 52 -4.24 -4.40 5.64
C LEU A 52 -4.71 -5.75 6.16
N GLU A 53 -4.20 -6.83 5.55
CA GLU A 53 -4.56 -8.18 5.96
C GLU A 53 -4.27 -8.40 7.44
N LYS A 54 -3.48 -7.50 8.02
CA LYS A 54 -3.13 -7.60 9.44
C LYS A 54 -4.02 -6.69 10.28
N ASN A 55 -4.35 -5.52 9.74
CA ASN A 55 -5.20 -4.57 10.44
C ASN A 55 -6.59 -4.50 9.82
N HIS A 56 -6.64 -4.20 8.52
CA HIS A 56 -7.91 -4.11 7.81
C HIS A 56 -8.10 -5.32 6.90
N PRO A 57 -8.90 -6.29 7.34
CA PRO A 57 -9.19 -7.50 6.57
C PRO A 57 -10.04 -7.23 5.35
N GLU A 58 -10.94 -6.24 5.46
CA GLU A 58 -11.81 -5.88 4.35
C GLU A 58 -11.02 -5.23 3.22
N GLU A 59 -10.45 -4.06 3.49
CA GLU A 59 -9.67 -3.34 2.50
C GLU A 59 -8.71 -4.28 1.77
N PHE A 60 -8.02 -5.11 2.54
CA PHE A 60 -7.06 -6.06 1.98
C PHE A 60 -7.68 -6.82 0.80
N CYS A 61 -8.89 -7.32 0.99
CA CYS A 61 -9.58 -8.06 -0.06
C CYS A 61 -9.72 -7.21 -1.31
N GLU A 62 -10.27 -6.02 -1.16
CA GLU A 62 -10.47 -5.11 -2.29
C GLU A 62 -9.22 -5.07 -3.18
N PHE A 63 -8.05 -5.17 -2.55
CA PHE A 63 -6.79 -5.15 -3.28
C PHE A 63 -6.41 -6.55 -3.75
N VAL A 64 -6.81 -7.56 -2.98
CA VAL A 64 -6.50 -8.94 -3.32
C VAL A 64 -7.54 -9.51 -4.29
N LYS A 65 -7.62 -8.91 -5.47
CA LYS A 65 -8.56 -9.36 -6.50
C LYS A 65 -7.85 -9.68 -7.80
N SER A 66 -8.63 -9.97 -8.84
CA SER A 66 -8.06 -10.31 -10.14
C SER A 66 -6.91 -11.29 -10.00
N ASN A 67 -7.11 -12.31 -9.17
CA ASN A 67 -6.08 -13.32 -8.94
C ASN A 67 -6.50 -14.66 -9.52
N SER A 68 -5.59 -15.64 -9.47
CA SER A 68 -5.87 -16.97 -9.99
C SER A 68 -5.79 -18.02 -8.88
N GLY A 69 -6.88 -18.19 -8.15
CA GLY A 69 -6.90 -19.15 -7.06
C GLY A 69 -7.74 -18.69 -5.90
N PRO A 70 -7.90 -19.57 -4.89
CA PRO A 70 -8.69 -19.27 -3.70
C PRO A 70 -8.02 -18.22 -2.81
N SER A 71 -8.63 -17.94 -1.66
CA SER A 71 -8.09 -16.96 -0.73
C SER A 71 -8.21 -17.46 0.71
N SER A 72 -7.32 -16.98 1.57
CA SER A 72 -7.32 -17.38 2.97
C SER A 72 -7.66 -16.19 3.87
N GLY A 73 -8.61 -16.41 4.78
CA GLY A 73 -9.02 -15.36 5.69
C GLY A 73 -9.13 -15.84 7.13
N GLY A 1 12.98 5.83 -18.39
CA GLY A 1 12.53 6.72 -19.44
C GLY A 1 11.47 7.69 -18.96
N SER A 2 10.75 8.29 -19.91
CA SER A 2 9.71 9.26 -19.57
C SER A 2 8.33 8.62 -19.68
N SER A 3 8.21 7.40 -19.19
CA SER A 3 6.93 6.68 -19.24
C SER A 3 6.73 5.87 -17.96
N GLY A 4 5.47 5.76 -17.54
CA GLY A 4 5.15 5.01 -16.33
C GLY A 4 4.60 5.90 -15.24
N SER A 5 3.72 6.83 -15.61
CA SER A 5 3.12 7.74 -14.64
C SER A 5 2.03 7.04 -13.83
N SER A 6 1.16 6.32 -14.52
CA SER A 6 0.07 5.60 -13.86
C SER A 6 0.57 4.91 -12.60
N GLY A 7 -0.07 5.22 -11.47
CA GLY A 7 0.32 4.62 -10.21
C GLY A 7 -0.23 3.22 -10.04
N SER A 8 -0.45 2.82 -8.79
CA SER A 8 -0.96 1.49 -8.49
C SER A 8 -2.14 1.57 -7.52
N LYS A 9 -2.87 0.47 -7.41
CA LYS A 9 -4.02 0.41 -6.50
C LYS A 9 -3.57 0.37 -5.05
N VAL A 10 -2.73 -0.60 -4.71
CA VAL A 10 -2.23 -0.74 -3.36
C VAL A 10 -1.81 0.60 -2.78
N TRP A 11 -1.43 1.53 -3.66
CA TRP A 11 -1.00 2.85 -3.24
C TRP A 11 -2.19 3.69 -2.82
N LYS A 12 -3.27 3.63 -3.60
CA LYS A 12 -4.48 4.39 -3.31
C LYS A 12 -4.69 4.51 -1.80
N TYR A 13 -4.34 3.46 -1.08
CA TYR A 13 -4.50 3.43 0.38
C TYR A 13 -3.33 4.13 1.05
N PHE A 14 -2.11 3.73 0.69
CA PHE A 14 -0.91 4.32 1.26
C PHE A 14 -0.24 5.27 0.28
N GLY A 15 -0.51 6.57 0.45
CA GLY A 15 0.07 7.57 -0.43
C GLY A 15 0.94 8.56 0.32
N PHE A 16 2.19 8.68 -0.13
CA PHE A 16 3.14 9.61 0.50
C PHE A 16 3.14 10.95 -0.21
N ASP A 17 2.84 12.01 0.54
CA ASP A 17 2.80 13.35 -0.01
C ASP A 17 4.22 13.84 -0.34
N THR A 18 4.82 13.23 -1.35
CA THR A 18 6.17 13.59 -1.77
C THR A 18 6.24 13.76 -3.29
N ASN A 19 6.04 14.99 -3.75
CA ASN A 19 6.08 15.29 -5.18
C ASN A 19 5.39 14.19 -5.98
N ALA A 20 4.27 13.69 -5.47
CA ALA A 20 3.51 12.64 -6.14
C ALA A 20 3.50 12.86 -7.65
N GLU A 21 3.28 14.10 -8.06
CA GLU A 21 3.24 14.44 -9.48
C GLU A 21 4.27 13.63 -10.27
N GLY A 22 5.48 13.55 -9.72
CA GLY A 22 6.54 12.80 -10.38
C GLY A 22 7.00 11.61 -9.57
N CYS A 23 8.15 11.74 -8.92
CA CYS A 23 8.69 10.66 -8.11
C CYS A 23 9.33 11.20 -6.84
N ILE A 24 9.02 10.56 -5.72
CA ILE A 24 9.56 10.99 -4.42
C ILE A 24 11.01 11.45 -4.56
N LEU A 25 11.40 12.40 -3.71
CA LEU A 25 12.76 12.93 -3.74
C LEU A 25 13.44 12.74 -2.38
N GLN A 26 12.68 12.90 -1.31
CA GLN A 26 13.21 12.74 0.03
C GLN A 26 13.02 11.31 0.53
N TRP A 27 13.52 11.04 1.74
CA TRP A 27 13.40 9.71 2.32
C TRP A 27 12.04 9.08 1.99
N LYS A 28 12.08 7.86 1.47
CA LYS A 28 10.86 7.15 1.11
C LYS A 28 10.20 6.53 2.34
N LYS A 29 9.04 7.07 2.72
CA LYS A 29 8.31 6.59 3.88
C LYS A 29 6.84 6.38 3.54
N ILE A 30 6.25 5.33 4.10
CA ILE A 30 4.84 5.04 3.87
C ILE A 30 4.06 5.01 5.17
N TYR A 31 2.83 5.52 5.13
CA TYR A 31 1.98 5.55 6.31
C TYR A 31 0.51 5.39 5.93
N CYS A 32 -0.21 4.60 6.71
CA CYS A 32 -1.63 4.36 6.46
C CYS A 32 -2.49 5.49 7.02
N ARG A 33 -3.18 6.19 6.14
CA ARG A 33 -4.04 7.30 6.54
C ARG A 33 -5.27 6.80 7.29
N ILE A 34 -5.89 5.74 6.75
CA ILE A 34 -7.08 5.17 7.36
C ILE A 34 -6.96 5.14 8.87
N CYS A 35 -6.02 4.34 9.37
CA CYS A 35 -5.79 4.22 10.81
C CYS A 35 -4.79 5.26 11.30
N MET A 36 -4.23 6.02 10.36
CA MET A 36 -3.26 7.05 10.68
C MET A 36 -2.05 6.46 11.39
N ALA A 37 -1.46 5.43 10.78
CA ALA A 37 -0.29 4.78 11.36
C ALA A 37 0.87 4.75 10.35
N GLN A 38 2.09 4.76 10.87
CA GLN A 38 3.28 4.74 10.03
C GLN A 38 3.66 3.31 9.67
N ILE A 39 4.16 3.12 8.44
CA ILE A 39 4.56 1.80 7.98
C ILE A 39 5.92 1.86 7.28
N ALA A 40 6.73 0.82 7.50
CA ALA A 40 8.05 0.75 6.90
C ALA A 40 7.99 0.12 5.51
N TYR A 41 8.70 0.71 4.56
CA TYR A 41 8.72 0.21 3.19
C TYR A 41 10.04 -0.48 2.88
N SER A 42 10.00 -1.80 2.72
CA SER A 42 11.19 -2.58 2.42
C SER A 42 10.94 -3.54 1.27
N GLY A 43 11.38 -3.16 0.07
CA GLY A 43 11.19 -4.00 -1.09
C GLY A 43 9.91 -3.68 -1.83
N ASN A 44 9.50 -4.60 -2.70
CA ASN A 44 8.28 -4.41 -3.49
C ASN A 44 7.12 -3.98 -2.59
N THR A 45 5.96 -3.76 -3.20
CA THR A 45 4.77 -3.34 -2.46
C THR A 45 4.03 -4.55 -1.90
N SER A 46 4.78 -5.49 -1.34
CA SER A 46 4.18 -6.69 -0.76
C SER A 46 3.63 -6.42 0.63
N ASN A 47 4.43 -5.76 1.46
CA ASN A 47 4.02 -5.43 2.82
C ASN A 47 2.78 -4.55 2.82
N LEU A 48 2.75 -3.58 1.90
CA LEU A 48 1.62 -2.67 1.78
C LEU A 48 0.30 -3.40 1.97
N SER A 49 0.05 -4.38 1.10
CA SER A 49 -1.18 -5.17 1.16
C SER A 49 -1.29 -5.88 2.50
N TYR A 50 -0.23 -6.61 2.88
CA TYR A 50 -0.22 -7.34 4.12
C TYR A 50 -0.78 -6.51 5.27
N HIS A 51 -0.31 -5.27 5.38
CA HIS A 51 -0.76 -4.37 6.42
C HIS A 51 -2.29 -4.40 6.54
N LEU A 52 -2.96 -4.45 5.39
CA LEU A 52 -4.42 -4.49 5.37
C LEU A 52 -4.94 -5.90 5.64
N GLU A 53 -4.41 -6.86 4.90
CA GLU A 53 -4.82 -8.26 5.06
C GLU A 53 -4.77 -8.66 6.54
N LYS A 54 -3.94 -7.97 7.31
CA LYS A 54 -3.80 -8.26 8.73
C LYS A 54 -4.62 -7.28 9.57
N ASN A 55 -4.70 -6.04 9.12
CA ASN A 55 -5.46 -5.01 9.83
C ASN A 55 -6.84 -4.83 9.20
N HIS A 56 -6.87 -4.26 8.01
CA HIS A 56 -8.13 -4.03 7.30
C HIS A 56 -8.44 -5.18 6.34
N PRO A 57 -9.39 -6.03 6.72
CA PRO A 57 -9.80 -7.18 5.91
C PRO A 57 -10.54 -6.77 4.64
N GLU A 58 -11.56 -5.92 4.82
CA GLU A 58 -12.34 -5.45 3.69
C GLU A 58 -11.47 -4.70 2.68
N GLU A 59 -10.63 -3.80 3.20
CA GLU A 59 -9.74 -3.01 2.34
C GLU A 59 -8.81 -3.92 1.55
N PHE A 60 -8.28 -4.94 2.21
CA PHE A 60 -7.37 -5.88 1.56
C PHE A 60 -8.11 -6.68 0.48
N CYS A 61 -9.09 -7.46 0.90
CA CYS A 61 -9.87 -8.28 -0.03
C CYS A 61 -10.26 -7.47 -1.27
N GLU A 62 -10.88 -6.31 -1.03
CA GLU A 62 -11.31 -5.45 -2.13
C GLU A 62 -10.15 -5.17 -3.09
N PHE A 63 -8.95 -5.06 -2.53
CA PHE A 63 -7.76 -4.77 -3.33
C PHE A 63 -7.34 -6.01 -4.11
N VAL A 64 -7.83 -7.17 -3.69
CA VAL A 64 -7.50 -8.43 -4.35
C VAL A 64 -8.75 -9.15 -4.83
N LYS A 65 -9.12 -8.91 -6.08
CA LYS A 65 -10.30 -9.53 -6.67
C LYS A 65 -10.10 -11.04 -6.81
N SER A 66 -10.62 -11.80 -5.86
CA SER A 66 -10.49 -13.25 -5.88
C SER A 66 -11.85 -13.91 -6.11
N ASN A 67 -11.84 -15.23 -6.30
CA ASN A 67 -13.07 -15.98 -6.53
C ASN A 67 -13.52 -16.68 -5.26
N SER A 68 -14.76 -16.41 -4.85
CA SER A 68 -15.31 -17.01 -3.64
C SER A 68 -15.29 -18.53 -3.74
N GLY A 69 -15.11 -19.19 -2.59
CA GLY A 69 -15.07 -20.64 -2.57
C GLY A 69 -16.45 -21.26 -2.45
N PRO A 70 -16.60 -22.49 -2.93
CA PRO A 70 -17.87 -23.22 -2.89
C PRO A 70 -18.26 -23.62 -1.47
N SER A 71 -17.42 -23.27 -0.50
CA SER A 71 -17.67 -23.58 0.89
C SER A 71 -17.59 -22.34 1.76
N SER A 72 -17.93 -22.49 3.03
CA SER A 72 -17.90 -21.37 3.97
C SER A 72 -17.31 -21.80 5.31
N GLY A 73 -16.78 -20.83 6.06
CA GLY A 73 -16.19 -21.11 7.35
C GLY A 73 -14.68 -20.94 7.34
N GLY A 1 15.92 0.05 -8.64
CA GLY A 1 16.09 -0.96 -9.68
C GLY A 1 14.84 -1.78 -9.91
N SER A 2 14.13 -1.48 -10.99
CA SER A 2 12.90 -2.20 -11.32
C SER A 2 13.21 -3.58 -11.90
N SER A 3 12.45 -4.58 -11.46
CA SER A 3 12.64 -5.94 -11.92
C SER A 3 11.48 -6.38 -12.82
N GLY A 4 10.27 -6.32 -12.27
CA GLY A 4 9.10 -6.72 -13.03
C GLY A 4 7.90 -5.82 -12.77
N SER A 5 7.46 -5.10 -13.79
CA SER A 5 6.34 -4.20 -13.66
C SER A 5 5.12 -4.93 -13.10
N SER A 6 4.25 -4.19 -12.42
CA SER A 6 3.05 -4.77 -11.84
C SER A 6 1.98 -3.70 -11.62
N GLY A 7 0.71 -4.11 -11.68
CA GLY A 7 -0.38 -3.17 -11.49
C GLY A 7 -0.47 -2.67 -10.06
N SER A 8 0.25 -1.59 -9.76
CA SER A 8 0.24 -1.02 -8.43
C SER A 8 -1.18 -0.71 -7.98
N LYS A 9 -1.69 -1.50 -7.02
CA LYS A 9 -3.03 -1.31 -6.50
C LYS A 9 -3.02 -1.26 -4.98
N VAL A 10 -1.98 -0.64 -4.42
CA VAL A 10 -1.84 -0.53 -2.97
C VAL A 10 -1.75 0.94 -2.55
N TRP A 11 -1.21 1.77 -3.43
CA TRP A 11 -1.06 3.19 -3.15
C TRP A 11 -2.40 3.81 -2.74
N LYS A 12 -3.46 3.43 -3.46
CA LYS A 12 -4.80 3.94 -3.16
C LYS A 12 -4.98 4.16 -1.67
N TYR A 13 -4.48 3.22 -0.87
CA TYR A 13 -4.59 3.31 0.58
C TYR A 13 -3.45 4.12 1.17
N PHE A 14 -2.22 3.63 0.99
CA PHE A 14 -1.04 4.30 1.50
C PHE A 14 -0.60 5.42 0.57
N GLY A 15 -0.65 6.66 1.08
CA GLY A 15 -0.26 7.80 0.26
C GLY A 15 1.09 8.35 0.66
N PHE A 16 1.89 8.72 -0.33
CA PHE A 16 3.22 9.26 -0.09
C PHE A 16 3.20 10.78 -0.07
N ASP A 17 4.13 11.38 0.65
CA ASP A 17 4.22 12.83 0.77
C ASP A 17 5.55 13.34 0.21
N THR A 18 5.53 13.73 -1.06
CA THR A 18 6.73 14.24 -1.72
C THR A 18 6.60 15.72 -2.05
N ASN A 19 7.72 16.36 -2.35
CA ASN A 19 7.73 17.78 -2.69
C ASN A 19 7.85 17.98 -4.20
N ALA A 20 8.87 17.35 -4.79
CA ALA A 20 9.11 17.47 -6.23
C ALA A 20 8.04 16.70 -7.01
N GLU A 21 8.07 16.85 -8.34
CA GLU A 21 7.11 16.18 -9.21
C GLU A 21 7.78 15.05 -9.97
N GLY A 22 6.97 14.20 -10.59
CA GLY A 22 7.49 13.08 -11.35
C GLY A 22 7.44 11.77 -10.58
N CYS A 23 8.60 11.30 -10.14
CA CYS A 23 8.68 10.05 -9.39
C CYS A 23 8.81 10.31 -7.89
N ILE A 24 8.85 9.25 -7.11
CA ILE A 24 8.98 9.37 -5.66
C ILE A 24 10.10 10.32 -5.28
N LEU A 25 10.25 10.58 -3.98
CA LEU A 25 11.29 11.48 -3.49
C LEU A 25 12.43 10.68 -2.86
N GLN A 26 13.63 11.25 -2.89
CA GLN A 26 14.81 10.59 -2.33
C GLN A 26 14.43 9.75 -1.12
N TRP A 27 13.86 10.40 -0.11
CA TRP A 27 13.44 9.71 1.11
C TRP A 27 12.15 8.92 0.88
N LYS A 28 12.18 7.65 1.24
CA LYS A 28 11.01 6.79 1.07
C LYS A 28 10.30 6.57 2.41
N LYS A 29 9.06 7.04 2.50
CA LYS A 29 8.26 6.90 3.71
C LYS A 29 6.80 6.63 3.39
N ILE A 30 6.26 5.56 3.96
CA ILE A 30 4.87 5.21 3.74
C ILE A 30 4.07 5.25 5.03
N TYR A 31 2.80 5.65 4.93
CA TYR A 31 1.93 5.74 6.09
C TYR A 31 0.48 5.47 5.71
N CYS A 32 -0.25 4.80 6.60
CA CYS A 32 -1.65 4.48 6.35
C CYS A 32 -2.56 5.57 6.91
N ARG A 33 -3.11 6.38 6.02
CA ARG A 33 -4.00 7.47 6.42
C ARG A 33 -5.28 6.92 7.04
N ILE A 34 -5.72 5.76 6.57
CA ILE A 34 -6.93 5.13 7.08
C ILE A 34 -6.91 5.06 8.60
N CYS A 35 -5.83 4.50 9.15
CA CYS A 35 -5.68 4.37 10.59
C CYS A 35 -4.56 5.28 11.11
N MET A 36 -4.27 6.33 10.35
CA MET A 36 -3.22 7.27 10.72
C MET A 36 -2.03 6.55 11.34
N ALA A 37 -1.55 5.52 10.65
CA ALA A 37 -0.41 4.75 11.13
C ALA A 37 0.78 4.87 10.17
N GLN A 38 1.89 4.24 10.54
CA GLN A 38 3.09 4.29 9.71
C GLN A 38 3.54 2.87 9.33
N ILE A 39 4.10 2.75 8.13
CA ILE A 39 4.57 1.45 7.65
C ILE A 39 6.02 1.54 7.18
N ALA A 40 6.84 0.60 7.63
CA ALA A 40 8.25 0.57 7.26
C ALA A 40 8.42 0.07 5.82
N TYR A 41 8.62 1.00 4.90
CA TYR A 41 8.80 0.66 3.49
C TYR A 41 10.20 0.12 3.23
N SER A 42 10.32 -1.20 3.11
CA SER A 42 11.61 -1.83 2.86
C SER A 42 11.62 -2.55 1.51
N GLY A 43 10.73 -3.52 1.37
CA GLY A 43 10.64 -4.27 0.11
C GLY A 43 9.64 -3.67 -0.85
N ASN A 44 9.53 -4.26 -2.04
CA ASN A 44 8.61 -3.78 -3.05
C ASN A 44 7.17 -3.88 -2.57
N THR A 45 6.73 -2.85 -1.85
CA THR A 45 5.36 -2.83 -1.33
C THR A 45 4.95 -4.19 -0.78
N SER A 46 5.89 -4.86 -0.13
CA SER A 46 5.64 -6.18 0.44
C SER A 46 4.88 -6.06 1.76
N ASN A 47 5.38 -5.22 2.65
CA ASN A 47 4.77 -5.01 3.96
C ASN A 47 3.43 -4.28 3.81
N LEU A 48 3.38 -3.33 2.88
CA LEU A 48 2.16 -2.57 2.65
C LEU A 48 0.92 -3.45 2.82
N SER A 49 0.79 -4.45 1.95
CA SER A 49 -0.35 -5.36 2.00
C SER A 49 -0.39 -6.11 3.32
N TYR A 50 0.79 -6.52 3.80
CA TYR A 50 0.90 -7.25 5.06
C TYR A 50 0.22 -6.49 6.19
N HIS A 51 0.42 -5.18 6.22
CA HIS A 51 -0.18 -4.33 7.25
C HIS A 51 -1.69 -4.45 7.25
N LEU A 52 -2.29 -4.42 6.06
CA LEU A 52 -3.73 -4.53 5.92
C LEU A 52 -4.21 -5.95 6.24
N GLU A 53 -3.53 -6.94 5.64
CA GLU A 53 -3.89 -8.33 5.86
C GLU A 53 -4.13 -8.61 7.34
N LYS A 54 -3.48 -7.82 8.19
CA LYS A 54 -3.63 -7.98 9.64
C LYS A 54 -4.54 -6.89 10.21
N ASN A 55 -4.35 -5.67 9.75
CA ASN A 55 -5.16 -4.54 10.21
C ASN A 55 -6.50 -4.50 9.50
N HIS A 56 -6.49 -4.06 8.24
CA HIS A 56 -7.71 -3.98 7.46
C HIS A 56 -7.86 -5.20 6.55
N PRO A 57 -8.75 -6.12 6.94
CA PRO A 57 -9.00 -7.35 6.18
C PRO A 57 -9.72 -7.08 4.85
N GLU A 58 -10.71 -6.19 4.89
CA GLU A 58 -11.45 -5.84 3.70
C GLU A 58 -10.57 -5.15 2.68
N GLU A 59 -9.86 -4.11 3.12
CA GLU A 59 -8.96 -3.37 2.23
C GLU A 59 -7.95 -4.29 1.57
N PHE A 60 -7.41 -5.22 2.36
CA PHE A 60 -6.43 -6.17 1.85
C PHE A 60 -6.98 -6.96 0.66
N CYS A 61 -8.05 -7.72 0.91
CA CYS A 61 -8.67 -8.52 -0.13
C CYS A 61 -8.73 -7.75 -1.44
N GLU A 62 -9.23 -6.52 -1.38
CA GLU A 62 -9.34 -5.69 -2.57
C GLU A 62 -8.00 -5.59 -3.30
N PHE A 63 -6.93 -5.46 -2.52
CA PHE A 63 -5.59 -5.36 -3.09
C PHE A 63 -5.14 -6.69 -3.68
N VAL A 64 -5.84 -7.76 -3.31
CA VAL A 64 -5.52 -9.09 -3.81
C VAL A 64 -6.76 -9.80 -4.35
N LYS A 65 -6.95 -9.74 -5.66
CA LYS A 65 -8.09 -10.37 -6.30
C LYS A 65 -7.91 -11.89 -6.37
N SER A 66 -8.11 -12.56 -5.25
CA SER A 66 -7.96 -14.01 -5.19
C SER A 66 -8.89 -14.61 -4.14
N ASN A 67 -9.86 -15.40 -4.61
CA ASN A 67 -10.82 -16.03 -3.71
C ASN A 67 -10.12 -16.93 -2.71
N SER A 68 -9.71 -16.36 -1.58
CA SER A 68 -9.02 -17.10 -0.53
C SER A 68 -8.96 -16.30 0.76
N GLY A 69 -9.75 -16.71 1.75
CA GLY A 69 -9.77 -16.03 3.02
C GLY A 69 -10.13 -16.94 4.17
N PRO A 70 -9.36 -16.86 5.27
CA PRO A 70 -9.60 -17.69 6.45
C PRO A 70 -10.86 -17.28 7.21
N SER A 71 -11.08 -17.91 8.36
CA SER A 71 -12.26 -17.62 9.17
C SER A 71 -11.86 -17.00 10.50
N SER A 72 -12.86 -16.54 11.26
CA SER A 72 -12.61 -15.92 12.56
C SER A 72 -13.90 -15.81 13.35
N GLY A 73 -13.78 -15.78 14.67
CA GLY A 73 -14.95 -15.68 15.53
C GLY A 73 -14.68 -14.83 16.76
N GLY A 1 4.12 9.03 -16.25
CA GLY A 1 3.81 8.36 -15.01
C GLY A 1 2.48 7.62 -15.06
N SER A 2 2.54 6.35 -15.48
CA SER A 2 1.33 5.53 -15.58
C SER A 2 1.48 4.26 -14.75
N SER A 3 0.34 3.66 -14.39
CA SER A 3 0.32 2.45 -13.59
C SER A 3 1.40 1.48 -14.07
N GLY A 4 1.90 0.66 -13.15
CA GLY A 4 2.92 -0.31 -13.50
C GLY A 4 2.35 -1.58 -14.08
N SER A 5 2.51 -2.69 -13.37
CA SER A 5 2.00 -3.98 -13.83
C SER A 5 1.07 -4.61 -12.80
N SER A 6 1.58 -4.74 -11.57
CA SER A 6 0.80 -5.33 -10.49
C SER A 6 1.25 -4.80 -9.13
N GLY A 7 0.43 -5.00 -8.12
CA GLY A 7 0.76 -4.54 -6.79
C GLY A 7 0.94 -3.03 -6.72
N SER A 8 0.06 -2.30 -7.41
CA SER A 8 0.13 -0.85 -7.43
C SER A 8 -1.08 -0.24 -6.71
N LYS A 9 -2.22 -0.91 -6.81
CA LYS A 9 -3.44 -0.45 -6.17
C LYS A 9 -3.21 -0.17 -4.68
N VAL A 10 -2.18 -0.80 -4.13
CA VAL A 10 -1.84 -0.62 -2.72
C VAL A 10 -1.41 0.81 -2.44
N TRP A 11 -1.25 1.59 -3.49
CA TRP A 11 -0.84 2.99 -3.35
C TRP A 11 -2.02 3.87 -2.99
N LYS A 12 -3.21 3.51 -3.48
CA LYS A 12 -4.41 4.28 -3.20
C LYS A 12 -4.72 4.30 -1.71
N TYR A 13 -4.34 3.22 -1.02
CA TYR A 13 -4.57 3.12 0.42
C TYR A 13 -3.51 3.91 1.20
N PHE A 14 -2.25 3.65 0.88
CA PHE A 14 -1.14 4.32 1.55
C PHE A 14 -0.59 5.45 0.68
N GLY A 15 -0.47 6.64 1.27
CA GLY A 15 0.06 7.77 0.53
C GLY A 15 1.46 7.54 0.01
N PHE A 16 1.93 8.45 -0.83
CA PHE A 16 3.27 8.34 -1.40
C PHE A 16 4.06 9.62 -1.20
N ASP A 17 5.38 9.53 -1.32
CA ASP A 17 6.25 10.68 -1.15
C ASP A 17 6.64 11.28 -2.51
N THR A 18 5.84 12.22 -2.99
CA THR A 18 6.10 12.85 -4.27
C THR A 18 7.07 14.03 -4.11
N ASN A 19 7.30 14.76 -5.20
CA ASN A 19 8.19 15.90 -5.18
C ASN A 19 7.42 17.21 -5.32
N ALA A 20 6.32 17.16 -6.09
CA ALA A 20 5.49 18.33 -6.29
C ALA A 20 5.24 19.08 -4.99
N GLU A 21 5.74 20.31 -4.90
CA GLU A 21 5.57 21.12 -3.71
C GLU A 21 4.16 21.01 -3.16
N GLY A 22 4.03 21.10 -1.84
CA GLY A 22 2.72 21.00 -1.21
C GLY A 22 2.51 19.67 -0.52
N CYS A 23 1.25 19.24 -0.42
CA CYS A 23 0.92 17.98 0.23
C CYS A 23 1.74 16.83 -0.37
N ILE A 24 1.49 15.62 0.11
CA ILE A 24 2.19 14.45 -0.37
C ILE A 24 3.66 14.75 -0.63
N LEU A 25 4.29 15.45 0.31
CA LEU A 25 5.70 15.81 0.19
C LEU A 25 6.42 15.65 1.53
N GLN A 26 7.27 14.63 1.62
CA GLN A 26 8.02 14.37 2.84
C GLN A 26 9.02 13.24 2.62
N TRP A 27 9.90 13.04 3.60
CA TRP A 27 10.91 11.99 3.53
C TRP A 27 10.33 10.71 2.93
N LYS A 28 11.17 9.94 2.27
CA LYS A 28 10.73 8.69 1.66
C LYS A 28 10.18 7.74 2.71
N LYS A 29 8.96 8.00 3.16
CA LYS A 29 8.31 7.16 4.16
C LYS A 29 6.81 7.05 3.89
N ILE A 30 6.29 5.83 3.90
CA ILE A 30 4.88 5.59 3.67
C ILE A 30 4.10 5.58 4.98
N TYR A 31 2.81 5.86 4.89
CA TYR A 31 1.95 5.89 6.07
C TYR A 31 0.53 5.43 5.72
N CYS A 32 -0.28 5.18 6.75
CA CYS A 32 -1.65 4.75 6.56
C CYS A 32 -2.62 5.89 6.81
N ARG A 33 -3.28 6.35 5.76
CA ARG A 33 -4.25 7.45 5.88
C ARG A 33 -5.60 6.93 6.33
N ILE A 34 -5.61 5.72 6.87
CA ILE A 34 -6.85 5.11 7.36
C ILE A 34 -6.86 5.02 8.88
N CYS A 35 -5.75 4.54 9.44
CA CYS A 35 -5.64 4.39 10.89
C CYS A 35 -4.42 5.15 11.41
N MET A 36 -4.14 6.30 10.79
CA MET A 36 -3.00 7.12 11.20
C MET A 36 -1.84 6.25 11.69
N ALA A 37 -1.55 5.19 10.93
CA ALA A 37 -0.47 4.29 11.28
C ALA A 37 0.62 4.30 10.22
N GLN A 38 1.86 4.47 10.65
CA GLN A 38 3.00 4.49 9.73
C GLN A 38 3.26 3.12 9.15
N ILE A 39 3.95 3.08 8.01
CA ILE A 39 4.27 1.82 7.35
C ILE A 39 5.75 1.75 6.99
N ALA A 40 6.36 0.59 7.23
CA ALA A 40 7.77 0.39 6.92
C ALA A 40 7.94 -0.26 5.56
N TYR A 41 8.42 0.52 4.59
CA TYR A 41 8.64 0.02 3.24
C TYR A 41 9.89 -0.85 3.17
N SER A 42 9.73 -2.08 2.68
CA SER A 42 10.84 -3.01 2.56
C SER A 42 10.92 -3.58 1.16
N GLY A 43 11.53 -2.83 0.24
CA GLY A 43 11.66 -3.28 -1.12
C GLY A 43 10.36 -3.19 -1.89
N ASN A 44 9.61 -4.29 -1.94
CA ASN A 44 8.34 -4.32 -2.65
C ASN A 44 7.19 -3.96 -1.71
N THR A 45 5.96 -3.98 -2.25
CA THR A 45 4.79 -3.66 -1.47
C THR A 45 4.25 -4.89 -0.75
N SER A 46 5.16 -5.69 -0.19
CA SER A 46 4.77 -6.90 0.52
C SER A 46 4.34 -6.58 1.94
N ASN A 47 5.02 -5.60 2.55
CA ASN A 47 4.71 -5.20 3.92
C ASN A 47 3.47 -4.31 3.96
N LEU A 48 3.16 -3.70 2.83
CA LEU A 48 1.99 -2.83 2.72
C LEU A 48 0.70 -3.60 3.00
N SER A 49 0.45 -4.61 2.17
CA SER A 49 -0.75 -5.42 2.32
C SER A 49 -0.81 -6.05 3.71
N TYR A 50 0.24 -6.78 4.07
CA TYR A 50 0.31 -7.44 5.37
C TYR A 50 -0.37 -6.59 6.44
N HIS A 51 -0.09 -5.29 6.42
CA HIS A 51 -0.67 -4.37 7.39
C HIS A 51 -2.20 -4.45 7.38
N LEU A 52 -2.79 -4.07 6.25
CA LEU A 52 -4.25 -4.10 6.10
C LEU A 52 -4.79 -5.49 6.41
N GLU A 53 -4.11 -6.52 5.91
CA GLU A 53 -4.53 -7.89 6.14
C GLU A 53 -5.08 -8.07 7.55
N LYS A 54 -4.22 -7.82 8.55
CA LYS A 54 -4.62 -7.95 9.94
C LYS A 54 -5.34 -6.70 10.42
N ASN A 55 -4.81 -5.53 10.06
CA ASN A 55 -5.41 -4.26 10.45
C ASN A 55 -6.80 -4.10 9.83
N HIS A 56 -6.84 -3.95 8.52
CA HIS A 56 -8.10 -3.78 7.81
C HIS A 56 -8.39 -4.99 6.92
N PRO A 57 -9.16 -5.96 7.46
CA PRO A 57 -9.52 -7.17 6.73
C PRO A 57 -10.49 -6.90 5.59
N GLU A 58 -11.34 -5.90 5.76
CA GLU A 58 -12.33 -5.53 4.75
C GLU A 58 -11.65 -4.84 3.57
N GLU A 59 -10.82 -3.84 3.86
CA GLU A 59 -10.12 -3.10 2.82
C GLU A 59 -9.18 -4.02 2.04
N PHE A 60 -8.45 -4.86 2.76
CA PHE A 60 -7.51 -5.79 2.14
C PHE A 60 -8.17 -6.53 1.00
N CYS A 61 -9.36 -7.09 1.25
CA CYS A 61 -10.09 -7.84 0.24
C CYS A 61 -10.13 -7.07 -1.07
N GLU A 62 -10.81 -5.93 -1.06
CA GLU A 62 -10.92 -5.09 -2.25
C GLU A 62 -9.60 -5.03 -3.01
N PHE A 63 -8.55 -4.61 -2.31
CA PHE A 63 -7.23 -4.50 -2.92
C PHE A 63 -6.81 -5.83 -3.54
N VAL A 64 -7.23 -6.93 -2.92
CA VAL A 64 -6.90 -8.25 -3.43
C VAL A 64 -8.02 -8.82 -4.29
N LYS A 65 -8.06 -8.39 -5.55
CA LYS A 65 -9.07 -8.84 -6.49
C LYS A 65 -8.47 -9.76 -7.54
N SER A 66 -7.55 -10.61 -7.12
CA SER A 66 -6.89 -11.55 -8.03
C SER A 66 -7.01 -12.98 -7.53
N ASN A 67 -8.16 -13.30 -6.95
CA ASN A 67 -8.40 -14.64 -6.42
C ASN A 67 -8.29 -15.68 -7.52
N SER A 68 -8.35 -16.96 -7.13
CA SER A 68 -8.26 -18.05 -8.09
C SER A 68 -8.47 -19.40 -7.39
N GLY A 69 -9.12 -20.31 -8.10
CA GLY A 69 -9.39 -21.63 -7.53
C GLY A 69 -10.46 -21.60 -6.47
N PRO A 70 -10.37 -22.53 -5.51
CA PRO A 70 -11.35 -22.63 -4.41
C PRO A 70 -11.22 -21.47 -3.43
N SER A 71 -12.36 -21.00 -2.93
CA SER A 71 -12.39 -19.90 -1.98
C SER A 71 -12.37 -20.41 -0.55
N SER A 72 -12.36 -19.49 0.41
CA SER A 72 -12.34 -19.84 1.82
C SER A 72 -13.69 -19.57 2.47
N GLY A 73 -13.91 -20.17 3.64
CA GLY A 73 -15.16 -19.99 4.35
C GLY A 73 -15.08 -18.90 5.40
N GLY A 1 14.83 12.09 -13.73
CA GLY A 1 13.41 11.86 -13.51
C GLY A 1 12.84 10.82 -14.45
N SER A 2 11.62 11.06 -14.91
CA SER A 2 10.94 10.14 -15.82
C SER A 2 11.08 8.70 -15.33
N SER A 3 10.94 8.50 -14.03
CA SER A 3 11.05 7.18 -13.44
C SER A 3 9.90 6.29 -13.86
N GLY A 4 10.22 5.09 -14.34
CA GLY A 4 9.19 4.16 -14.77
C GLY A 4 8.05 4.04 -13.78
N SER A 5 6.88 3.66 -14.26
CA SER A 5 5.70 3.52 -13.41
C SER A 5 5.14 2.11 -13.50
N SER A 6 4.74 1.57 -12.36
CA SER A 6 4.18 0.22 -12.30
C SER A 6 2.69 0.25 -11.96
N GLY A 7 1.91 -0.57 -12.66
CA GLY A 7 0.48 -0.61 -12.42
C GLY A 7 0.13 -1.41 -11.18
N SER A 8 0.15 -0.75 -10.03
CA SER A 8 -0.17 -1.41 -8.77
C SER A 8 -1.24 -0.64 -8.02
N LYS A 9 -2.40 -1.28 -7.82
CA LYS A 9 -3.51 -0.66 -7.12
C LYS A 9 -3.34 -0.80 -5.61
N VAL A 10 -2.10 -0.66 -5.15
CA VAL A 10 -1.81 -0.76 -3.72
C VAL A 10 -1.54 0.61 -3.11
N TRP A 11 -1.12 1.55 -3.95
CA TRP A 11 -0.83 2.91 -3.49
C TRP A 11 -2.10 3.76 -3.49
N LYS A 12 -3.23 3.11 -3.25
CA LYS A 12 -4.52 3.80 -3.21
C LYS A 12 -4.92 4.10 -1.78
N TYR A 13 -4.61 3.20 -0.87
CA TYR A 13 -4.94 3.38 0.54
C TYR A 13 -3.82 4.11 1.29
N PHE A 14 -2.58 3.72 0.98
CA PHE A 14 -1.42 4.35 1.62
C PHE A 14 -0.90 5.52 0.78
N GLY A 15 -0.83 6.69 1.40
CA GLY A 15 -0.36 7.88 0.71
C GLY A 15 1.04 8.27 1.13
N PHE A 16 1.75 8.97 0.25
CA PHE A 16 3.11 9.41 0.54
C PHE A 16 3.12 10.82 1.11
N ASP A 17 4.20 11.17 1.81
CA ASP A 17 4.32 12.49 2.40
C ASP A 17 5.43 13.29 1.72
N THR A 18 5.05 14.36 1.04
CA THR A 18 6.02 15.21 0.35
C THR A 18 6.02 16.62 0.92
N ASN A 19 7.15 17.01 1.51
CA ASN A 19 7.29 18.33 2.09
C ASN A 19 6.62 19.39 1.22
N ALA A 20 7.12 19.53 -0.01
CA ALA A 20 6.56 20.50 -0.94
C ALA A 20 6.02 19.82 -2.20
N GLU A 21 4.88 20.29 -2.68
CA GLU A 21 4.26 19.72 -3.87
C GLU A 21 4.99 20.17 -5.13
N GLY A 22 5.57 19.21 -5.85
CA GLY A 22 6.29 19.52 -7.07
C GLY A 22 7.57 18.71 -7.21
N CYS A 23 8.31 18.58 -6.12
CA CYS A 23 9.56 17.83 -6.14
C CYS A 23 9.29 16.35 -5.92
N ILE A 24 8.30 16.04 -5.10
CA ILE A 24 7.94 14.66 -4.81
C ILE A 24 9.19 13.80 -4.65
N LEU A 25 10.10 14.23 -3.79
CA LEU A 25 11.33 13.49 -3.55
C LEU A 25 11.06 12.00 -3.38
N GLN A 26 12.07 11.18 -3.64
CA GLN A 26 11.93 9.74 -3.51
C GLN A 26 11.35 9.36 -2.16
N TRP A 27 10.29 8.56 -2.18
CA TRP A 27 9.64 8.13 -0.94
C TRP A 27 10.32 6.88 -0.38
N LYS A 28 10.54 6.88 0.93
CA LYS A 28 11.18 5.75 1.60
C LYS A 28 10.25 5.15 2.66
N LYS A 29 9.47 6.01 3.31
CA LYS A 29 8.54 5.56 4.34
C LYS A 29 7.10 5.74 3.88
N ILE A 30 6.26 4.75 4.18
CA ILE A 30 4.86 4.79 3.80
C ILE A 30 3.96 4.81 5.03
N TYR A 31 2.96 5.70 5.01
CA TYR A 31 2.03 5.82 6.13
C TYR A 31 0.60 5.49 5.68
N CYS A 32 -0.17 4.91 6.60
CA CYS A 32 -1.55 4.55 6.30
C CYS A 32 -2.49 5.70 6.61
N ARG A 33 -3.04 6.31 5.55
CA ARG A 33 -3.95 7.44 5.71
C ARG A 33 -5.37 6.95 6.02
N ILE A 34 -5.46 5.91 6.84
CA ILE A 34 -6.75 5.35 7.22
C ILE A 34 -6.89 5.27 8.73
N CYS A 35 -5.84 4.84 9.40
CA CYS A 35 -5.85 4.72 10.85
C CYS A 35 -4.62 5.37 11.47
N MET A 36 -4.11 6.40 10.79
CA MET A 36 -2.93 7.12 11.27
C MET A 36 -1.86 6.15 11.78
N ALA A 37 -1.48 5.20 10.93
CA ALA A 37 -0.47 4.21 11.29
C ALA A 37 0.73 4.28 10.35
N GLN A 38 1.90 4.50 10.92
CA GLN A 38 3.13 4.59 10.13
C GLN A 38 3.59 3.21 9.68
N ILE A 39 4.10 3.12 8.46
CA ILE A 39 4.58 1.85 7.92
C ILE A 39 5.94 2.02 7.24
N ALA A 40 6.78 1.00 7.38
CA ALA A 40 8.11 1.03 6.78
C ALA A 40 8.14 0.25 5.47
N TYR A 41 8.57 0.91 4.39
CA TYR A 41 8.65 0.28 3.09
C TYR A 41 9.86 -0.66 3.01
N SER A 42 9.64 -1.83 2.43
CA SER A 42 10.70 -2.83 2.30
C SER A 42 10.70 -3.43 0.90
N GLY A 43 11.28 -2.70 -0.06
CA GLY A 43 11.34 -3.18 -1.43
C GLY A 43 9.96 -3.41 -2.02
N ASN A 44 9.56 -4.67 -2.11
CA ASN A 44 8.25 -5.01 -2.66
C ASN A 44 7.12 -4.43 -1.82
N THR A 45 5.96 -4.26 -2.43
CA THR A 45 4.80 -3.71 -1.73
C THR A 45 4.09 -4.78 -0.91
N SER A 46 4.87 -5.64 -0.27
CA SER A 46 4.32 -6.71 0.55
C SER A 46 3.73 -6.16 1.85
N ASN A 47 4.52 -5.37 2.57
CA ASN A 47 4.06 -4.77 3.82
C ASN A 47 2.81 -3.94 3.60
N LEU A 48 2.80 -3.15 2.53
CA LEU A 48 1.66 -2.30 2.22
C LEU A 48 0.35 -3.05 2.41
N SER A 49 0.13 -4.06 1.58
CA SER A 49 -1.09 -4.85 1.66
C SER A 49 -1.18 -5.58 3.00
N TYR A 50 -0.08 -6.19 3.40
CA TYR A 50 -0.02 -6.93 4.67
C TYR A 50 -0.66 -6.11 5.80
N HIS A 51 -0.38 -4.81 5.81
CA HIS A 51 -0.92 -3.93 6.83
C HIS A 51 -2.44 -4.06 6.92
N LEU A 52 -3.09 -4.17 5.77
CA LEU A 52 -4.53 -4.32 5.71
C LEU A 52 -4.97 -5.69 6.23
N GLU A 53 -4.54 -6.73 5.53
CA GLU A 53 -4.88 -8.10 5.91
C GLU A 53 -4.70 -8.29 7.42
N LYS A 54 -3.82 -7.51 8.01
CA LYS A 54 -3.55 -7.60 9.44
C LYS A 54 -4.41 -6.60 10.23
N ASN A 55 -4.56 -5.40 9.67
CA ASN A 55 -5.36 -4.36 10.31
C ASN A 55 -6.73 -4.25 9.66
N HIS A 56 -6.75 -3.75 8.42
CA HIS A 56 -8.00 -3.57 7.69
C HIS A 56 -8.31 -4.82 6.86
N PRO A 57 -9.33 -5.58 7.31
CA PRO A 57 -9.75 -6.81 6.63
C PRO A 57 -10.42 -6.53 5.29
N GLU A 58 -11.36 -5.60 5.27
CA GLU A 58 -12.06 -5.25 4.05
C GLU A 58 -11.11 -4.66 3.02
N GLU A 59 -10.55 -3.49 3.33
CA GLU A 59 -9.62 -2.82 2.44
C GLU A 59 -8.68 -3.84 1.78
N PHE A 60 -8.21 -4.80 2.56
CA PHE A 60 -7.31 -5.83 2.05
C PHE A 60 -7.96 -6.61 0.92
N CYS A 61 -9.13 -7.17 1.19
CA CYS A 61 -9.86 -7.95 0.20
C CYS A 61 -10.06 -7.15 -1.09
N GLU A 62 -10.56 -5.92 -0.95
CA GLU A 62 -10.79 -5.07 -2.09
C GLU A 62 -9.60 -5.08 -3.05
N PHE A 63 -8.41 -4.90 -2.49
CA PHE A 63 -7.19 -4.91 -3.29
C PHE A 63 -6.87 -6.30 -3.80
N VAL A 64 -7.07 -7.30 -2.94
CA VAL A 64 -6.80 -8.68 -3.31
C VAL A 64 -7.97 -9.29 -4.08
N LYS A 65 -8.16 -8.82 -5.31
CA LYS A 65 -9.24 -9.32 -6.15
C LYS A 65 -8.71 -10.29 -7.22
N SER A 66 -8.72 -11.57 -6.90
CA SER A 66 -8.25 -12.59 -7.82
C SER A 66 -8.66 -13.99 -7.36
N ASN A 67 -8.32 -14.99 -8.16
CA ASN A 67 -8.65 -16.37 -7.83
C ASN A 67 -7.46 -17.08 -7.19
N SER A 68 -6.33 -17.08 -7.89
CA SER A 68 -5.12 -17.73 -7.38
C SER A 68 -4.51 -16.92 -6.24
N GLY A 69 -5.01 -17.16 -5.03
CA GLY A 69 -4.50 -16.45 -3.87
C GLY A 69 -4.70 -17.22 -2.58
N PRO A 70 -3.70 -17.19 -1.70
CA PRO A 70 -3.74 -17.88 -0.41
C PRO A 70 -4.74 -17.25 0.55
N SER A 71 -5.93 -17.86 0.67
CA SER A 71 -6.96 -17.35 1.55
C SER A 71 -7.14 -18.26 2.76
N SER A 72 -6.01 -18.70 3.32
CA SER A 72 -6.03 -19.58 4.49
C SER A 72 -5.43 -18.87 5.70
N GLY A 73 -6.02 -19.12 6.87
CA GLY A 73 -5.53 -18.50 8.09
C GLY A 73 -6.51 -17.49 8.65
N GLY A 1 15.51 11.16 -15.54
CA GLY A 1 14.64 11.01 -14.39
C GLY A 1 13.99 9.64 -14.32
N SER A 2 13.69 9.20 -13.11
CA SER A 2 13.07 7.89 -12.90
C SER A 2 11.81 8.01 -12.03
N SER A 3 10.66 7.82 -12.66
CA SER A 3 9.39 7.91 -11.94
C SER A 3 9.04 6.58 -11.28
N GLY A 4 9.19 5.49 -12.04
CA GLY A 4 8.90 4.18 -11.51
C GLY A 4 7.43 3.82 -11.66
N SER A 5 6.98 2.84 -10.87
CA SER A 5 5.59 2.39 -10.92
C SER A 5 4.69 3.35 -10.14
N SER A 6 4.27 4.43 -10.78
CA SER A 6 3.41 5.42 -10.15
C SER A 6 1.97 5.28 -10.64
N GLY A 7 1.09 4.82 -9.75
CA GLY A 7 -0.30 4.65 -10.12
C GLY A 7 -0.74 3.19 -10.08
N SER A 8 -0.65 2.58 -8.90
CA SER A 8 -1.03 1.18 -8.75
C SER A 8 -2.19 1.04 -7.75
N LYS A 9 -2.59 -0.20 -7.50
CA LYS A 9 -3.68 -0.46 -6.57
C LYS A 9 -3.23 -0.27 -5.12
N VAL A 10 -2.24 -1.06 -4.70
CA VAL A 10 -1.71 -0.97 -3.34
C VAL A 10 -1.34 0.47 -3.00
N TRP A 11 -1.18 1.29 -4.02
CA TRP A 11 -0.82 2.69 -3.82
C TRP A 11 -2.06 3.58 -3.77
N LYS A 12 -3.15 3.03 -3.23
CA LYS A 12 -4.40 3.77 -3.13
C LYS A 12 -4.71 4.12 -1.67
N TYR A 13 -4.33 3.22 -0.76
CA TYR A 13 -4.55 3.44 0.66
C TYR A 13 -3.47 4.31 1.26
N PHE A 14 -2.23 4.08 0.85
CA PHE A 14 -1.10 4.86 1.35
C PHE A 14 -0.59 5.82 0.28
N GLY A 15 -0.88 7.10 0.47
CA GLY A 15 -0.44 8.10 -0.49
C GLY A 15 0.61 9.03 0.09
N PHE A 16 1.78 9.06 -0.54
CA PHE A 16 2.88 9.90 -0.09
C PHE A 16 2.78 11.30 -0.70
N ASP A 17 2.45 12.28 0.14
CA ASP A 17 2.33 13.67 -0.33
C ASP A 17 3.63 14.42 -0.13
N THR A 18 4.41 14.53 -1.20
CA THR A 18 5.68 15.24 -1.14
C THR A 18 5.78 16.30 -2.24
N ASN A 19 5.36 15.94 -3.44
CA ASN A 19 5.39 16.86 -4.57
C ASN A 19 4.74 16.25 -5.80
N ALA A 20 4.24 17.09 -6.69
CA ALA A 20 3.59 16.63 -7.92
C ALA A 20 4.61 16.37 -9.02
N GLU A 21 5.58 17.29 -9.15
CA GLU A 21 6.61 17.16 -10.17
C GLU A 21 8.00 17.26 -9.54
N GLY A 22 8.52 16.11 -9.11
CA GLY A 22 9.84 16.09 -8.49
C GLY A 22 10.12 14.78 -7.77
N CYS A 23 11.38 14.36 -7.78
CA CYS A 23 11.77 13.12 -7.13
C CYS A 23 11.46 13.17 -5.63
N ILE A 24 11.00 12.05 -5.10
CA ILE A 24 10.67 11.97 -3.68
C ILE A 24 11.82 12.46 -2.82
N LEU A 25 11.56 13.49 -2.03
CA LEU A 25 12.58 14.07 -1.15
C LEU A 25 12.31 13.69 0.30
N GLN A 26 11.63 12.56 0.50
CA GLN A 26 11.32 12.09 1.84
C GLN A 26 12.12 10.83 2.18
N TRP A 27 12.10 10.44 3.44
CA TRP A 27 12.82 9.25 3.90
C TRP A 27 12.08 7.98 3.48
N LYS A 28 11.70 7.92 2.22
CA LYS A 28 10.99 6.75 1.70
C LYS A 28 10.09 6.13 2.76
N LYS A 29 9.31 6.98 3.43
CA LYS A 29 8.40 6.53 4.48
C LYS A 29 6.96 6.60 4.01
N ILE A 30 6.18 5.57 4.32
CA ILE A 30 4.77 5.52 3.94
C ILE A 30 3.86 5.58 5.16
N TYR A 31 2.79 6.35 5.05
CA TYR A 31 1.84 6.51 6.14
C TYR A 31 0.44 6.10 5.72
N CYS A 32 -0.30 5.46 6.62
CA CYS A 32 -1.65 5.02 6.33
C CYS A 32 -2.66 6.11 6.66
N ARG A 33 -3.54 6.42 5.71
CA ARG A 33 -4.56 7.44 5.90
C ARG A 33 -5.84 6.84 6.46
N ILE A 34 -5.73 5.63 7.00
CA ILE A 34 -6.88 4.94 7.57
C ILE A 34 -6.77 4.84 9.08
N CYS A 35 -5.62 4.37 9.56
CA CYS A 35 -5.39 4.23 10.99
C CYS A 35 -4.24 5.13 11.44
N MET A 36 -3.97 6.18 10.67
CA MET A 36 -2.90 7.11 10.99
C MET A 36 -1.73 6.39 11.63
N ALA A 37 -1.34 5.25 11.05
CA ALA A 37 -0.22 4.47 11.57
C ALA A 37 0.95 4.49 10.61
N GLN A 38 2.14 4.17 11.12
CA GLN A 38 3.35 4.15 10.30
C GLN A 38 3.42 2.87 9.47
N ILE A 39 4.29 2.88 8.47
CA ILE A 39 4.46 1.72 7.59
C ILE A 39 5.93 1.40 7.39
N ALA A 40 6.26 0.11 7.39
CA ALA A 40 7.63 -0.33 7.21
C ALA A 40 7.90 -0.69 5.74
N TYR A 41 8.15 0.32 4.93
CA TYR A 41 8.41 0.12 3.51
C TYR A 41 9.78 -0.54 3.30
N SER A 42 9.79 -1.60 2.50
CA SER A 42 11.03 -2.33 2.22
C SER A 42 11.30 -2.38 0.72
N GLY A 43 10.36 -2.92 -0.04
CA GLY A 43 10.51 -3.01 -1.47
C GLY A 43 9.43 -3.86 -2.12
N ASN A 44 8.91 -3.38 -3.25
CA ASN A 44 7.86 -4.08 -3.97
C ASN A 44 6.56 -4.08 -3.17
N THR A 45 6.26 -2.95 -2.54
CA THR A 45 5.04 -2.82 -1.75
C THR A 45 4.72 -4.12 -1.02
N SER A 46 5.73 -4.74 -0.44
CA SER A 46 5.54 -6.00 0.27
C SER A 46 4.88 -5.76 1.62
N ASN A 47 5.28 -4.69 2.31
CA ASN A 47 4.73 -4.35 3.61
C ASN A 47 3.39 -3.66 3.46
N LEU A 48 3.30 -2.73 2.51
CA LEU A 48 2.07 -1.99 2.26
C LEU A 48 0.86 -2.87 2.48
N SER A 49 0.84 -4.02 1.80
CA SER A 49 -0.27 -4.96 1.91
C SER A 49 -0.30 -5.60 3.30
N TYR A 50 0.84 -6.09 3.74
CA TYR A 50 0.94 -6.73 5.05
C TYR A 50 0.26 -5.88 6.12
N HIS A 51 0.64 -4.61 6.19
CA HIS A 51 0.07 -3.70 7.16
C HIS A 51 -1.45 -3.89 7.28
N LEU A 52 -2.12 -3.95 6.13
CA LEU A 52 -3.56 -4.13 6.10
C LEU A 52 -3.94 -5.54 6.54
N GLU A 53 -3.40 -6.54 5.86
CA GLU A 53 -3.68 -7.92 6.19
C GLU A 53 -3.84 -8.11 7.70
N LYS A 54 -3.04 -7.38 8.47
CA LYS A 54 -3.09 -7.45 9.92
C LYS A 54 -3.97 -6.36 10.50
N ASN A 55 -3.85 -5.15 9.95
CA ASN A 55 -4.65 -4.01 10.41
C ASN A 55 -6.06 -4.09 9.85
N HIS A 56 -6.20 -3.80 8.56
CA HIS A 56 -7.50 -3.83 7.91
C HIS A 56 -7.69 -5.12 7.11
N PRO A 57 -8.40 -6.09 7.71
CA PRO A 57 -8.65 -7.38 7.07
C PRO A 57 -9.60 -7.27 5.88
N GLU A 58 -10.61 -6.42 6.01
CA GLU A 58 -11.60 -6.22 4.95
C GLU A 58 -10.97 -5.49 3.76
N GLU A 59 -10.35 -4.35 4.04
CA GLU A 59 -9.71 -3.56 2.99
C GLU A 59 -8.70 -4.39 2.22
N PHE A 60 -7.89 -5.15 2.95
CA PHE A 60 -6.88 -6.00 2.33
C PHE A 60 -7.46 -6.77 1.15
N CYS A 61 -8.61 -7.41 1.37
CA CYS A 61 -9.27 -8.17 0.32
C CYS A 61 -9.51 -7.32 -0.93
N GLU A 62 -9.99 -6.11 -0.71
CA GLU A 62 -10.26 -5.19 -1.82
C GLU A 62 -9.07 -5.11 -2.76
N PHE A 63 -7.88 -5.04 -2.18
CA PHE A 63 -6.65 -4.95 -2.98
C PHE A 63 -6.33 -6.29 -3.62
N VAL A 64 -6.93 -7.35 -3.11
CA VAL A 64 -6.72 -8.69 -3.64
C VAL A 64 -8.04 -9.42 -3.87
N LYS A 65 -8.51 -9.40 -5.12
CA LYS A 65 -9.76 -10.06 -5.46
C LYS A 65 -9.61 -11.58 -5.44
N SER A 66 -10.07 -12.19 -4.35
CA SER A 66 -9.98 -13.64 -4.20
C SER A 66 -10.90 -14.12 -3.08
N ASN A 67 -11.73 -15.11 -3.39
CA ASN A 67 -12.66 -15.65 -2.40
C ASN A 67 -11.95 -16.63 -1.47
N SER A 68 -11.61 -16.16 -0.28
CA SER A 68 -10.92 -16.99 0.71
C SER A 68 -11.64 -16.95 2.05
N GLY A 69 -11.94 -18.13 2.58
CA GLY A 69 -12.63 -18.20 3.86
C GLY A 69 -12.00 -17.31 4.91
N PRO A 70 -12.83 -16.75 5.81
CA PRO A 70 -12.38 -15.86 6.87
C PRO A 70 -11.58 -16.60 7.94
N SER A 71 -11.17 -15.87 8.98
CA SER A 71 -10.41 -16.45 10.07
C SER A 71 -10.54 -15.63 11.34
N SER A 72 -10.20 -16.23 12.47
CA SER A 72 -10.28 -15.54 13.75
C SER A 72 -9.32 -14.36 13.80
N GLY A 73 -9.87 -13.16 13.67
CA GLY A 73 -9.05 -11.96 13.70
C GLY A 73 -8.94 -11.36 15.09
N GLY A 1 9.42 11.38 -15.53
CA GLY A 1 8.89 10.36 -16.41
C GLY A 1 9.67 9.06 -16.32
N SER A 2 9.08 7.99 -16.82
CA SER A 2 9.72 6.67 -16.80
C SER A 2 9.99 6.24 -15.36
N SER A 3 9.01 6.44 -14.49
CA SER A 3 9.13 6.06 -13.09
C SER A 3 8.52 4.69 -12.83
N GLY A 4 7.25 4.54 -13.18
CA GLY A 4 6.56 3.28 -12.99
C GLY A 4 5.49 3.03 -14.02
N SER A 5 5.65 1.97 -14.79
CA SER A 5 4.70 1.62 -15.84
C SER A 5 3.40 1.11 -15.22
N SER A 6 3.51 0.16 -14.30
CA SER A 6 2.34 -0.41 -13.65
C SER A 6 2.30 -0.02 -12.17
N GLY A 7 1.73 1.15 -11.89
CA GLY A 7 1.64 1.62 -10.52
C GLY A 7 0.91 0.63 -9.62
N SER A 8 1.47 0.41 -8.43
CA SER A 8 0.87 -0.52 -7.48
C SER A 8 -0.40 0.07 -6.87
N LYS A 9 -1.55 -0.43 -7.31
CA LYS A 9 -2.83 0.04 -6.81
C LYS A 9 -2.79 0.26 -5.30
N VAL A 10 -1.97 -0.54 -4.62
CA VAL A 10 -1.83 -0.43 -3.17
C VAL A 10 -1.64 1.03 -2.75
N TRP A 11 -0.77 1.73 -3.46
CA TRP A 11 -0.48 3.13 -3.15
C TRP A 11 -1.74 3.84 -2.68
N LYS A 12 -2.88 3.50 -3.28
CA LYS A 12 -4.15 4.10 -2.92
C LYS A 12 -4.37 4.04 -1.42
N TYR A 13 -4.34 2.82 -0.87
CA TYR A 13 -4.55 2.62 0.56
C TYR A 13 -3.58 3.49 1.37
N PHE A 14 -2.31 3.45 0.99
CA PHE A 14 -1.28 4.23 1.69
C PHE A 14 -0.76 5.36 0.80
N GLY A 15 -1.40 6.52 0.90
CA GLY A 15 -0.99 7.66 0.12
C GLY A 15 0.17 8.43 0.73
N PHE A 16 1.04 8.98 -0.11
CA PHE A 16 2.19 9.72 0.36
C PHE A 16 1.96 11.22 0.23
N ASP A 17 2.63 12.00 1.08
CA ASP A 17 2.50 13.45 1.08
C ASP A 17 3.72 14.10 0.44
N THR A 18 3.53 14.69 -0.74
CA THR A 18 4.62 15.34 -1.46
C THR A 18 4.17 16.67 -2.04
N ASN A 19 5.01 17.69 -1.93
CA ASN A 19 4.70 19.01 -2.46
C ASN A 19 5.09 19.12 -3.93
N ALA A 20 6.26 18.59 -4.26
CA ALA A 20 6.76 18.63 -5.63
C ALA A 20 6.61 17.26 -6.31
N GLU A 21 6.01 17.25 -7.49
CA GLU A 21 5.80 16.02 -8.23
C GLU A 21 7.14 15.43 -8.69
N GLY A 22 8.04 16.30 -9.13
CA GLY A 22 9.34 15.85 -9.58
C GLY A 22 9.85 14.65 -8.81
N CYS A 23 10.07 14.84 -7.51
CA CYS A 23 10.56 13.75 -6.66
C CYS A 23 10.09 13.95 -5.22
N ILE A 24 9.84 12.84 -4.53
CA ILE A 24 9.39 12.88 -3.14
C ILE A 24 10.40 13.61 -2.27
N LEU A 25 9.92 14.59 -1.52
CA LEU A 25 10.78 15.37 -0.62
C LEU A 25 11.24 14.52 0.56
N GLN A 26 10.29 13.86 1.21
CA GLN A 26 10.61 13.01 2.36
C GLN A 26 11.27 11.72 1.91
N TRP A 27 12.04 11.11 2.81
CA TRP A 27 12.73 9.87 2.51
C TRP A 27 11.75 8.77 2.12
N LYS A 28 12.28 7.65 1.65
CA LYS A 28 11.45 6.52 1.24
C LYS A 28 10.68 5.95 2.44
N LYS A 29 9.53 6.54 2.73
CA LYS A 29 8.70 6.09 3.84
C LYS A 29 7.21 6.18 3.49
N ILE A 30 6.42 5.25 4.03
CA ILE A 30 5.00 5.23 3.76
C ILE A 30 4.20 5.15 5.07
N TYR A 31 3.01 5.74 5.07
CA TYR A 31 2.16 5.74 6.25
C TYR A 31 0.70 5.46 5.87
N CYS A 32 -0.07 4.97 6.83
CA CYS A 32 -1.48 4.67 6.60
C CYS A 32 -2.37 5.82 7.04
N ARG A 33 -3.09 6.40 6.09
CA ARG A 33 -3.97 7.52 6.39
C ARG A 33 -5.29 7.03 6.98
N ILE A 34 -5.67 5.81 6.64
CA ILE A 34 -6.91 5.22 7.14
C ILE A 34 -7.01 5.36 8.65
N CYS A 35 -6.01 4.83 9.36
CA CYS A 35 -5.99 4.89 10.82
C CYS A 35 -4.77 5.67 11.30
N MET A 36 -4.24 6.54 10.44
CA MET A 36 -3.08 7.34 10.79
C MET A 36 -1.97 6.47 11.36
N ALA A 37 -1.57 5.45 10.61
CA ALA A 37 -0.53 4.54 11.05
C ALA A 37 0.77 4.78 10.26
N GLN A 38 1.77 3.94 10.50
CA GLN A 38 3.05 4.06 9.82
C GLN A 38 3.49 2.71 9.25
N ILE A 39 3.87 2.71 7.97
CA ILE A 39 4.31 1.50 7.31
C ILE A 39 5.72 1.65 6.75
N ALA A 40 6.61 0.75 7.14
CA ALA A 40 7.99 0.79 6.67
C ALA A 40 8.12 0.17 5.28
N TYR A 41 8.66 0.94 4.34
CA TYR A 41 8.83 0.46 2.97
C TYR A 41 10.13 -0.33 2.83
N SER A 42 10.01 -1.55 2.35
CA SER A 42 11.16 -2.42 2.16
C SER A 42 11.16 -3.06 0.79
N GLY A 43 11.85 -2.42 -0.16
CA GLY A 43 11.90 -2.94 -1.51
C GLY A 43 10.64 -2.63 -2.31
N ASN A 44 9.74 -3.59 -2.39
CA ASN A 44 8.49 -3.42 -3.12
C ASN A 44 7.33 -3.16 -2.17
N THR A 45 6.12 -3.06 -2.73
CA THR A 45 4.93 -2.82 -1.93
C THR A 45 4.35 -4.13 -1.40
N SER A 46 5.20 -4.95 -0.82
CA SER A 46 4.78 -6.24 -0.27
C SER A 46 4.19 -6.06 1.13
N ASN A 47 5.00 -5.55 2.04
CA ASN A 47 4.56 -5.34 3.42
C ASN A 47 3.35 -4.40 3.47
N LEU A 48 3.36 -3.40 2.59
CA LEU A 48 2.26 -2.44 2.53
C LEU A 48 0.92 -3.13 2.77
N SER A 49 0.60 -4.09 1.90
CA SER A 49 -0.66 -4.82 2.01
C SER A 49 -0.77 -5.52 3.36
N TYR A 50 0.37 -6.02 3.85
CA TYR A 50 0.39 -6.72 5.13
C TYR A 50 -0.29 -5.89 6.22
N HIS A 51 -0.04 -4.58 6.20
CA HIS A 51 -0.64 -3.69 7.18
C HIS A 51 -2.14 -3.91 7.29
N LEU A 52 -2.80 -3.99 6.14
CA LEU A 52 -4.25 -4.21 6.10
C LEU A 52 -4.61 -5.58 6.67
N GLU A 53 -4.09 -6.63 6.04
CA GLU A 53 -4.36 -7.99 6.48
C GLU A 53 -4.08 -8.14 7.97
N LYS A 54 -3.26 -7.25 8.50
CA LYS A 54 -2.90 -7.28 9.92
C LYS A 54 -3.80 -6.35 10.73
N ASN A 55 -4.19 -5.23 10.11
CA ASN A 55 -5.06 -4.26 10.77
C ASN A 55 -6.45 -4.25 10.14
N HIS A 56 -6.51 -3.90 8.86
CA HIS A 56 -7.77 -3.86 8.14
C HIS A 56 -8.03 -5.17 7.41
N PRO A 57 -8.99 -5.95 7.93
CA PRO A 57 -9.36 -7.25 7.34
C PRO A 57 -10.06 -7.09 6.00
N GLU A 58 -10.95 -6.10 5.91
CA GLU A 58 -11.69 -5.85 4.69
C GLU A 58 -10.79 -5.27 3.60
N GLU A 59 -10.28 -4.07 3.84
CA GLU A 59 -9.40 -3.40 2.88
C GLU A 59 -8.48 -4.41 2.21
N PHE A 60 -7.95 -5.35 2.99
CA PHE A 60 -7.06 -6.38 2.48
C PHE A 60 -7.75 -7.20 1.40
N CYS A 61 -8.99 -7.57 1.65
CA CYS A 61 -9.77 -8.37 0.71
C CYS A 61 -9.78 -7.72 -0.67
N GLU A 62 -10.33 -6.52 -0.74
CA GLU A 62 -10.41 -5.78 -2.00
C GLU A 62 -9.12 -5.95 -2.81
N PHE A 63 -7.99 -5.60 -2.20
CA PHE A 63 -6.71 -5.71 -2.86
C PHE A 63 -6.35 -7.18 -3.13
N VAL A 64 -6.78 -8.05 -2.23
CA VAL A 64 -6.52 -9.48 -2.36
C VAL A 64 -7.64 -10.19 -3.12
N LYS A 65 -7.64 -10.03 -4.44
CA LYS A 65 -8.66 -10.65 -5.28
C LYS A 65 -8.24 -12.06 -5.70
N SER A 66 -8.44 -13.01 -4.81
CA SER A 66 -8.09 -14.40 -5.08
C SER A 66 -8.91 -14.96 -6.23
N ASN A 67 -8.62 -16.20 -6.62
CA ASN A 67 -9.33 -16.85 -7.71
C ASN A 67 -10.59 -17.55 -7.19
N SER A 68 -11.33 -18.17 -8.11
CA SER A 68 -12.56 -18.87 -7.75
C SER A 68 -12.41 -19.54 -6.38
N GLY A 69 -11.26 -20.16 -6.15
CA GLY A 69 -11.02 -20.83 -4.88
C GLY A 69 -11.30 -19.92 -3.70
N PRO A 70 -11.56 -20.53 -2.53
CA PRO A 70 -11.84 -19.81 -1.29
C PRO A 70 -10.61 -19.09 -0.75
N SER A 71 -9.50 -19.80 -0.68
CA SER A 71 -8.25 -19.23 -0.17
C SER A 71 -8.52 -18.30 1.00
N SER A 72 -9.37 -18.73 1.91
CA SER A 72 -9.72 -17.93 3.08
C SER A 72 -9.32 -18.65 4.36
N GLY A 73 -9.40 -17.93 5.48
CA GLY A 73 -9.05 -18.52 6.76
C GLY A 73 -7.96 -17.73 7.48
N GLY A 1 7.11 6.05 -22.75
CA GLY A 1 5.95 5.90 -23.62
C GLY A 1 5.21 4.61 -23.38
N SER A 2 5.79 3.50 -23.85
CA SER A 2 5.18 2.19 -23.68
C SER A 2 6.07 1.26 -22.87
N SER A 3 5.89 1.29 -21.54
CA SER A 3 6.68 0.45 -20.65
C SER A 3 5.79 -0.52 -19.88
N GLY A 4 5.43 -1.62 -20.51
CA GLY A 4 4.58 -2.60 -19.87
C GLY A 4 3.29 -2.01 -19.35
N SER A 5 2.64 -2.72 -18.44
CA SER A 5 1.38 -2.25 -17.85
C SER A 5 1.60 -1.74 -16.43
N SER A 6 1.13 -0.53 -16.17
CA SER A 6 1.27 0.07 -14.84
C SER A 6 -0.03 -0.02 -14.06
N GLY A 7 -0.04 -0.84 -13.02
CA GLY A 7 -1.23 -1.00 -12.20
C GLY A 7 -0.96 -0.78 -10.73
N SER A 8 -0.62 0.45 -10.37
CA SER A 8 -0.32 0.79 -8.99
C SER A 8 -1.62 0.99 -8.19
N LYS A 9 -2.17 -0.11 -7.69
CA LYS A 9 -3.40 -0.07 -6.91
C LYS A 9 -3.09 -0.01 -5.41
N VAL A 10 -2.18 -0.86 -4.97
CA VAL A 10 -1.79 -0.91 -3.56
C VAL A 10 -1.46 0.47 -3.03
N TRP A 11 -1.13 1.38 -3.94
CA TRP A 11 -0.78 2.75 -3.57
C TRP A 11 -2.03 3.63 -3.54
N LYS A 12 -3.17 3.04 -3.21
CA LYS A 12 -4.42 3.77 -3.14
C LYS A 12 -4.79 4.10 -1.69
N TYR A 13 -4.54 3.16 -0.79
CA TYR A 13 -4.83 3.36 0.62
C TYR A 13 -3.75 4.20 1.29
N PHE A 14 -2.50 3.88 1.01
CA PHE A 14 -1.37 4.60 1.58
C PHE A 14 -0.79 5.59 0.57
N GLY A 15 -0.16 6.65 1.08
CA GLY A 15 0.43 7.65 0.21
C GLY A 15 1.93 7.75 0.38
N PHE A 16 2.60 8.38 -0.58
CA PHE A 16 4.05 8.54 -0.52
C PHE A 16 4.43 10.02 -0.62
N ASP A 17 5.64 10.34 -0.19
CA ASP A 17 6.13 11.71 -0.24
C ASP A 17 7.01 11.93 -1.46
N THR A 18 6.43 12.53 -2.50
CA THR A 18 7.16 12.80 -3.74
C THR A 18 7.39 14.29 -3.92
N ASN A 19 8.24 14.64 -4.88
CA ASN A 19 8.54 16.05 -5.16
C ASN A 19 7.77 16.54 -6.38
N ALA A 20 7.56 17.85 -6.46
CA ALA A 20 6.83 18.44 -7.57
C ALA A 20 7.32 17.89 -8.90
N GLU A 21 8.64 17.79 -9.05
CA GLU A 21 9.23 17.28 -10.28
C GLU A 21 10.37 16.31 -9.98
N GLY A 22 10.13 15.03 -10.22
CA GLY A 22 11.15 14.03 -9.96
C GLY A 22 10.55 12.68 -9.58
N CYS A 23 11.00 12.14 -8.45
CA CYS A 23 10.51 10.86 -7.98
C CYS A 23 11.01 10.57 -6.56
N ILE A 24 10.68 9.39 -6.04
CA ILE A 24 11.10 9.00 -4.70
C ILE A 24 12.61 8.89 -4.61
N LEU A 25 13.24 9.92 -4.09
CA LEU A 25 14.70 9.94 -3.95
C LEU A 25 15.09 10.29 -2.52
N GLN A 26 14.24 11.06 -1.84
CA GLN A 26 14.50 11.46 -0.46
C GLN A 26 14.10 10.36 0.51
N TRP A 27 14.35 9.11 0.13
CA TRP A 27 14.03 7.97 0.98
C TRP A 27 12.75 8.23 1.77
N LYS A 28 11.73 8.74 1.09
CA LYS A 28 10.46 9.04 1.74
C LYS A 28 9.97 7.85 2.56
N LYS A 29 8.81 8.00 3.19
CA LYS A 29 8.23 6.94 4.00
C LYS A 29 6.73 6.85 3.80
N ILE A 30 6.18 5.64 3.89
CA ILE A 30 4.75 5.43 3.72
C ILE A 30 4.03 5.49 5.06
N TYR A 31 2.87 6.14 5.07
CA TYR A 31 2.07 6.27 6.28
C TYR A 31 0.62 5.91 6.03
N CYS A 32 0.04 5.13 6.93
CA CYS A 32 -1.36 4.71 6.79
C CYS A 32 -2.30 5.84 7.20
N ARG A 33 -3.09 6.31 6.24
CA ARG A 33 -4.04 7.39 6.48
C ARG A 33 -5.32 6.85 7.12
N ILE A 34 -5.71 5.65 6.72
CA ILE A 34 -6.91 5.02 7.27
C ILE A 34 -6.92 5.06 8.78
N CYS A 35 -5.87 4.50 9.39
CA CYS A 35 -5.75 4.46 10.84
C CYS A 35 -4.56 5.31 11.31
N MET A 36 -4.25 6.36 10.55
CA MET A 36 -3.15 7.24 10.89
C MET A 36 -2.01 6.46 11.53
N ALA A 37 -1.61 5.36 10.89
CA ALA A 37 -0.53 4.53 11.41
C ALA A 37 0.74 4.70 10.57
N GLN A 38 1.79 3.99 10.95
CA GLN A 38 3.06 4.06 10.24
C GLN A 38 3.26 2.84 9.36
N ILE A 39 3.93 3.02 8.22
CA ILE A 39 4.19 1.93 7.30
C ILE A 39 5.64 1.92 6.85
N ALA A 40 6.28 0.76 6.98
CA ALA A 40 7.68 0.62 6.59
C ALA A 40 7.80 0.00 5.20
N TYR A 41 7.94 0.85 4.19
CA TYR A 41 8.06 0.37 2.81
C TYR A 41 9.42 -0.24 2.57
N SER A 42 9.44 -1.51 2.17
CA SER A 42 10.68 -2.22 1.90
C SER A 42 10.83 -2.51 0.41
N GLY A 43 9.96 -3.37 -0.11
CA GLY A 43 10.00 -3.72 -1.52
C GLY A 43 8.79 -4.52 -1.96
N ASN A 44 8.60 -4.63 -3.27
CA ASN A 44 7.47 -5.37 -3.82
C ASN A 44 6.21 -5.12 -3.00
N THR A 45 6.05 -3.88 -2.54
CA THR A 45 4.89 -3.51 -1.74
C THR A 45 4.44 -4.67 -0.86
N SER A 46 5.40 -5.38 -0.28
CA SER A 46 5.11 -6.52 0.58
C SER A 46 4.47 -6.06 1.89
N ASN A 47 5.01 -4.98 2.45
CA ASN A 47 4.51 -4.44 3.70
C ASN A 47 3.12 -3.81 3.51
N LEU A 48 3.02 -2.95 2.50
CA LEU A 48 1.76 -2.28 2.20
C LEU A 48 0.57 -3.21 2.47
N SER A 49 0.44 -4.24 1.64
CA SER A 49 -0.65 -5.21 1.78
C SER A 49 -0.60 -5.89 3.14
N TYR A 50 0.59 -6.35 3.52
CA TYR A 50 0.79 -7.03 4.79
C TYR A 50 0.10 -6.26 5.93
N HIS A 51 0.15 -4.93 5.84
CA HIS A 51 -0.46 -4.08 6.86
C HIS A 51 -1.97 -4.32 6.93
N LEU A 52 -2.66 -4.11 5.81
CA LEU A 52 -4.10 -4.30 5.76
C LEU A 52 -4.48 -5.72 6.20
N GLU A 53 -3.99 -6.71 5.48
CA GLU A 53 -4.27 -8.10 5.81
C GLU A 53 -3.99 -8.39 7.27
N LYS A 54 -3.23 -7.51 7.90
CA LYS A 54 -2.89 -7.65 9.31
C LYS A 54 -3.87 -6.91 10.20
N ASN A 55 -4.23 -5.70 9.79
CA ASN A 55 -5.17 -4.88 10.55
C ASN A 55 -6.50 -4.75 9.80
N HIS A 56 -6.44 -4.29 8.56
CA HIS A 56 -7.63 -4.12 7.75
C HIS A 56 -7.85 -5.34 6.85
N PRO A 57 -8.83 -6.17 7.22
CA PRO A 57 -9.17 -7.39 6.47
C PRO A 57 -9.82 -7.07 5.13
N GLU A 58 -10.84 -6.23 5.16
CA GLU A 58 -11.56 -5.84 3.94
C GLU A 58 -10.64 -5.10 2.99
N GLU A 59 -10.29 -3.86 3.36
CA GLU A 59 -9.41 -3.04 2.53
C GLU A 59 -8.36 -3.89 1.84
N PHE A 60 -7.90 -4.93 2.53
CA PHE A 60 -6.89 -5.83 1.98
C PHE A 60 -7.44 -6.62 0.80
N CYS A 61 -8.53 -7.33 1.02
CA CYS A 61 -9.15 -8.13 -0.03
C CYS A 61 -9.46 -7.27 -1.25
N GLU A 62 -10.01 -6.09 -1.02
CA GLU A 62 -10.35 -5.18 -2.11
C GLU A 62 -9.19 -5.04 -3.08
N PHE A 63 -7.97 -5.10 -2.55
CA PHE A 63 -6.77 -4.98 -3.37
C PHE A 63 -6.40 -6.31 -4.00
N VAL A 64 -6.87 -7.40 -3.39
CA VAL A 64 -6.59 -8.74 -3.88
C VAL A 64 -7.88 -9.54 -4.06
N LYS A 65 -8.40 -9.55 -5.29
CA LYS A 65 -9.62 -10.28 -5.59
C LYS A 65 -9.31 -11.64 -6.21
N SER A 66 -9.29 -12.67 -5.38
CA SER A 66 -9.00 -14.02 -5.85
C SER A 66 -9.99 -15.02 -5.26
N ASN A 67 -10.83 -15.60 -6.11
CA ASN A 67 -11.82 -16.57 -5.68
C ASN A 67 -11.28 -17.99 -5.80
N SER A 68 -10.02 -18.18 -5.40
CA SER A 68 -9.38 -19.48 -5.46
C SER A 68 -8.77 -19.85 -4.11
N GLY A 69 -9.51 -19.57 -3.03
CA GLY A 69 -9.02 -19.88 -1.70
C GLY A 69 -9.96 -19.40 -0.62
N PRO A 70 -9.84 -19.98 0.58
CA PRO A 70 -10.68 -19.63 1.73
C PRO A 70 -10.37 -18.24 2.26
N SER A 71 -9.09 -17.88 2.27
CA SER A 71 -8.66 -16.57 2.77
C SER A 71 -9.53 -16.11 3.93
N SER A 72 -9.84 -17.05 4.83
CA SER A 72 -10.67 -16.74 5.99
C SER A 72 -9.81 -16.52 7.23
N GLY A 73 -10.43 -15.99 8.28
CA GLY A 73 -9.71 -15.75 9.52
C GLY A 73 -10.64 -15.41 10.67
N GLY A 1 -6.72 2.05 -22.33
CA GLY A 1 -6.93 3.30 -23.04
C GLY A 1 -5.64 3.91 -23.54
N SER A 2 -5.49 5.22 -23.34
CA SER A 2 -4.29 5.92 -23.79
C SER A 2 -3.42 6.31 -22.60
N SER A 3 -4.02 7.02 -21.65
CA SER A 3 -3.30 7.47 -20.46
C SER A 3 -3.68 6.63 -19.24
N GLY A 4 -2.73 6.43 -18.34
CA GLY A 4 -2.98 5.65 -17.15
C GLY A 4 -1.76 4.90 -16.67
N SER A 5 -1.55 4.88 -15.36
CA SER A 5 -0.40 4.19 -14.77
C SER A 5 -0.80 2.82 -14.23
N SER A 6 0.12 1.87 -14.31
CA SER A 6 -0.14 0.52 -13.81
C SER A 6 0.99 0.05 -12.90
N GLY A 7 1.47 0.94 -12.05
CA GLY A 7 2.55 0.60 -11.13
C GLY A 7 2.12 -0.40 -10.09
N SER A 8 1.29 0.03 -9.16
CA SER A 8 0.80 -0.85 -8.10
C SER A 8 -0.58 -0.41 -7.61
N LYS A 9 -1.41 -1.38 -7.26
CA LYS A 9 -2.76 -1.10 -6.79
C LYS A 9 -2.82 -1.13 -5.27
N VAL A 10 -1.77 -0.61 -4.63
CA VAL A 10 -1.70 -0.56 -3.18
C VAL A 10 -1.62 0.87 -2.67
N TRP A 11 -0.81 1.69 -3.35
CA TRP A 11 -0.64 3.09 -2.97
C TRP A 11 -1.98 3.70 -2.59
N LYS A 12 -2.99 3.49 -3.42
CA LYS A 12 -4.32 4.03 -3.16
C LYS A 12 -4.61 4.09 -1.67
N TYR A 13 -4.41 2.97 -0.99
CA TYR A 13 -4.64 2.90 0.45
C TYR A 13 -3.74 3.87 1.20
N PHE A 14 -2.44 3.75 0.99
CA PHE A 14 -1.47 4.62 1.65
C PHE A 14 -0.76 5.50 0.63
N GLY A 15 -1.11 6.79 0.61
CA GLY A 15 -0.49 7.72 -0.32
C GLY A 15 0.57 8.59 0.34
N PHE A 16 1.76 8.62 -0.24
CA PHE A 16 2.86 9.40 0.29
C PHE A 16 2.82 10.83 -0.27
N ASP A 17 2.79 11.81 0.62
CA ASP A 17 2.76 13.21 0.21
C ASP A 17 4.11 13.88 0.47
N THR A 18 5.18 13.22 0.04
CA THR A 18 6.53 13.75 0.23
C THR A 18 6.77 14.94 -0.68
N ASN A 19 6.75 16.15 -0.10
CA ASN A 19 6.97 17.36 -0.87
C ASN A 19 7.97 18.27 -0.16
N ALA A 20 8.28 19.41 -0.78
CA ALA A 20 9.23 20.36 -0.22
C ALA A 20 8.60 21.12 0.95
N GLU A 21 8.17 20.39 1.97
CA GLU A 21 7.55 21.00 3.14
C GLU A 21 7.73 20.11 4.37
N GLY A 22 7.63 20.72 5.55
CA GLY A 22 7.79 19.97 6.78
C GLY A 22 9.06 19.17 6.82
N CYS A 23 8.98 17.96 7.40
CA CYS A 23 10.14 17.09 7.48
C CYS A 23 9.79 15.67 7.04
N ILE A 24 9.11 15.56 5.91
CA ILE A 24 8.72 14.27 5.37
C ILE A 24 9.54 13.90 4.14
N LEU A 25 10.10 14.92 3.49
CA LEU A 25 10.91 14.71 2.29
C LEU A 25 12.34 14.38 2.66
N GLN A 26 12.53 13.26 3.36
CA GLN A 26 13.86 12.83 3.77
C GLN A 26 14.24 11.51 3.11
N TRP A 27 13.36 10.52 3.24
CA TRP A 27 13.60 9.21 2.66
C TRP A 27 12.30 8.44 2.46
N LYS A 28 12.25 7.61 1.43
CA LYS A 28 11.06 6.83 1.13
C LYS A 28 10.38 6.35 2.42
N LYS A 29 9.16 6.81 2.65
CA LYS A 29 8.41 6.42 3.84
C LYS A 29 6.94 6.23 3.52
N ILE A 30 6.32 5.23 4.14
CA ILE A 30 4.91 4.96 3.92
C ILE A 30 4.12 5.04 5.22
N TYR A 31 2.92 5.61 5.14
CA TYR A 31 2.06 5.76 6.32
C TYR A 31 0.61 5.52 5.96
N CYS A 32 -0.13 4.87 6.86
CA CYS A 32 -1.54 4.58 6.64
C CYS A 32 -2.40 5.78 7.00
N ARG A 33 -3.18 6.25 6.03
CA ARG A 33 -4.06 7.40 6.25
C ARG A 33 -5.39 6.95 6.85
N ILE A 34 -5.70 5.67 6.72
CA ILE A 34 -6.93 5.13 7.26
C ILE A 34 -6.96 5.22 8.77
N CYS A 35 -5.94 4.66 9.42
CA CYS A 35 -5.85 4.68 10.87
C CYS A 35 -4.65 5.51 11.33
N MET A 36 -4.22 6.43 10.47
CA MET A 36 -3.09 7.29 10.79
C MET A 36 -1.94 6.49 11.40
N ALA A 37 -1.50 5.47 10.69
CA ALA A 37 -0.41 4.62 11.16
C ALA A 37 0.84 4.83 10.31
N GLN A 38 1.92 4.11 10.66
CA GLN A 38 3.17 4.22 9.94
C GLN A 38 3.63 2.85 9.44
N ILE A 39 3.93 2.76 8.16
CA ILE A 39 4.37 1.51 7.55
C ILE A 39 5.73 1.68 6.89
N ALA A 40 6.63 0.71 7.11
CA ALA A 40 7.96 0.76 6.53
C ALA A 40 7.99 0.09 5.16
N TYR A 41 8.98 0.44 4.37
CA TYR A 41 9.11 -0.13 3.02
C TYR A 41 10.40 -0.93 2.90
N SER A 42 10.25 -2.25 2.71
CA SER A 42 11.40 -3.13 2.58
C SER A 42 11.54 -3.64 1.15
N GLY A 43 10.60 -4.48 0.73
CA GLY A 43 10.62 -5.01 -0.62
C GLY A 43 9.58 -4.38 -1.52
N ASN A 44 9.31 -5.03 -2.65
CA ASN A 44 8.33 -4.53 -3.61
C ASN A 44 6.93 -4.55 -3.00
N THR A 45 6.55 -3.44 -2.37
CA THR A 45 5.24 -3.33 -1.75
C THR A 45 4.83 -4.64 -1.09
N SER A 46 5.75 -5.24 -0.35
CA SER A 46 5.50 -6.49 0.35
C SER A 46 4.97 -6.25 1.75
N ASN A 47 5.55 -5.26 2.43
CA ASN A 47 5.14 -4.91 3.79
C ASN A 47 3.90 -4.02 3.77
N LEU A 48 3.71 -3.30 2.68
CA LEU A 48 2.57 -2.40 2.53
C LEU A 48 1.28 -3.11 2.94
N SER A 49 0.82 -4.01 2.07
CA SER A 49 -0.41 -4.75 2.32
C SER A 49 -0.37 -5.41 3.69
N TYR A 50 0.73 -6.08 3.99
CA TYR A 50 0.90 -6.77 5.26
C TYR A 50 0.25 -5.97 6.40
N HIS A 51 0.45 -4.66 6.38
CA HIS A 51 -0.11 -3.78 7.39
C HIS A 51 -1.61 -4.02 7.54
N LEU A 52 -2.31 -4.10 6.42
CA LEU A 52 -3.76 -4.32 6.42
C LEU A 52 -4.09 -5.73 6.90
N GLU A 53 -3.49 -6.72 6.25
CA GLU A 53 -3.71 -8.12 6.60
C GLU A 53 -3.81 -8.28 8.12
N LYS A 54 -3.10 -7.42 8.84
CA LYS A 54 -3.10 -7.47 10.31
C LYS A 54 -4.02 -6.39 10.88
N ASN A 55 -3.95 -5.20 10.31
CA ASN A 55 -4.77 -4.08 10.78
C ASN A 55 -6.18 -4.17 10.20
N HIS A 56 -6.31 -3.81 8.92
CA HIS A 56 -7.60 -3.85 8.24
C HIS A 56 -7.72 -5.10 7.37
N PRO A 57 -8.45 -6.10 7.87
CA PRO A 57 -8.66 -7.37 7.16
C PRO A 57 -9.56 -7.20 5.93
N GLU A 58 -10.54 -6.31 6.03
CA GLU A 58 -11.46 -6.06 4.93
C GLU A 58 -10.76 -5.33 3.79
N GLU A 59 -9.87 -4.40 4.15
CA GLU A 59 -9.13 -3.63 3.15
C GLU A 59 -8.14 -4.51 2.41
N PHE A 60 -7.54 -5.46 3.14
CA PHE A 60 -6.57 -6.38 2.55
C PHE A 60 -7.23 -7.29 1.52
N CYS A 61 -8.21 -8.07 1.98
CA CYS A 61 -8.92 -8.99 1.09
C CYS A 61 -9.36 -8.28 -0.18
N GLU A 62 -10.09 -7.18 -0.04
CA GLU A 62 -10.57 -6.42 -1.18
C GLU A 62 -9.43 -6.12 -2.16
N PHE A 63 -8.26 -5.84 -1.61
CA PHE A 63 -7.08 -5.54 -2.43
C PHE A 63 -6.56 -6.79 -3.13
N VAL A 64 -6.91 -7.94 -2.58
CA VAL A 64 -6.48 -9.22 -3.15
C VAL A 64 -7.68 -10.10 -3.51
N LYS A 65 -8.13 -9.98 -4.76
CA LYS A 65 -9.27 -10.75 -5.23
C LYS A 65 -8.96 -12.24 -5.19
N SER A 66 -7.80 -12.62 -5.72
CA SER A 66 -7.40 -14.02 -5.74
C SER A 66 -7.49 -14.64 -4.35
N ASN A 67 -8.19 -15.76 -4.25
CA ASN A 67 -8.37 -16.45 -2.98
C ASN A 67 -7.44 -17.66 -2.89
N SER A 68 -7.33 -18.23 -1.69
CA SER A 68 -6.47 -19.39 -1.46
C SER A 68 -7.05 -20.28 -0.38
N GLY A 69 -6.68 -21.56 -0.42
CA GLY A 69 -7.16 -22.50 0.58
C GLY A 69 -6.32 -22.50 1.85
N PRO A 70 -6.99 -22.48 3.00
CA PRO A 70 -6.32 -22.47 4.31
C PRO A 70 -5.63 -23.80 4.61
N SER A 71 -4.36 -23.89 4.28
CA SER A 71 -3.58 -25.10 4.52
C SER A 71 -3.98 -25.75 5.84
N SER A 72 -4.06 -24.95 6.89
CA SER A 72 -4.43 -25.44 8.22
C SER A 72 -5.18 -24.37 9.00
N GLY A 73 -5.97 -24.81 9.97
CA GLY A 73 -6.73 -23.88 10.79
C GLY A 73 -8.15 -23.70 10.30
N GLY A 1 10.57 5.16 -16.62
CA GLY A 1 11.45 4.02 -16.42
C GLY A 1 11.06 3.21 -15.19
N SER A 2 10.85 3.90 -14.07
CA SER A 2 10.48 3.24 -12.83
C SER A 2 8.98 2.97 -12.78
N SER A 3 8.61 1.76 -12.38
CA SER A 3 7.20 1.38 -12.30
C SER A 3 6.36 2.53 -11.79
N GLY A 4 5.19 2.71 -12.40
CA GLY A 4 4.30 3.79 -11.99
C GLY A 4 2.84 3.45 -12.22
N SER A 5 2.15 4.31 -12.98
CA SER A 5 0.73 4.09 -13.27
C SER A 5 0.43 2.61 -13.40
N SER A 6 1.27 1.90 -14.14
CA SER A 6 1.08 0.46 -14.35
C SER A 6 0.68 -0.23 -13.04
N GLY A 7 -0.51 -0.83 -13.04
CA GLY A 7 -0.99 -1.51 -11.85
C GLY A 7 -0.55 -0.84 -10.57
N SER A 8 -0.10 -1.63 -9.61
CA SER A 8 0.35 -1.10 -8.32
C SER A 8 -0.79 -0.38 -7.60
N LYS A 9 -1.96 -1.02 -7.58
CA LYS A 9 -3.14 -0.45 -6.93
C LYS A 9 -3.07 -0.66 -5.42
N VAL A 10 -1.91 -0.41 -4.84
CA VAL A 10 -1.72 -0.57 -3.40
C VAL A 10 -1.54 0.77 -2.71
N TRP A 11 -0.99 1.75 -3.44
CA TRP A 11 -0.78 3.08 -2.89
C TRP A 11 -2.08 3.71 -2.45
N LYS A 12 -3.14 3.50 -3.23
CA LYS A 12 -4.46 4.05 -2.90
C LYS A 12 -4.67 4.08 -1.40
N TYR A 13 -4.42 2.95 -0.74
CA TYR A 13 -4.59 2.85 0.70
C TYR A 13 -3.56 3.69 1.43
N PHE A 14 -2.30 3.59 1.01
CA PHE A 14 -1.22 4.34 1.64
C PHE A 14 -0.81 5.51 0.75
N GLY A 15 -1.24 6.71 1.12
CA GLY A 15 -0.91 7.89 0.36
C GLY A 15 0.25 8.66 0.95
N PHE A 16 1.21 9.03 0.10
CA PHE A 16 2.38 9.78 0.56
C PHE A 16 2.24 11.27 0.24
N ASP A 17 2.49 12.10 1.23
CA ASP A 17 2.39 13.55 1.05
C ASP A 17 3.75 14.14 0.69
N THR A 18 3.98 14.34 -0.60
CA THR A 18 5.24 14.91 -1.08
C THR A 18 5.21 15.13 -2.58
N ASN A 19 6.23 15.80 -3.10
CA ASN A 19 6.32 16.08 -4.53
C ASN A 19 5.86 14.88 -5.35
N ALA A 20 5.56 15.12 -6.62
CA ALA A 20 5.11 14.06 -7.51
C ALA A 20 5.95 14.02 -8.78
N GLU A 21 7.26 13.84 -8.61
CA GLU A 21 8.17 13.79 -9.75
C GLU A 21 9.31 12.81 -9.48
N GLY A 22 9.40 11.76 -10.30
CA GLY A 22 10.45 10.78 -10.14
C GLY A 22 10.81 10.55 -8.68
N CYS A 23 11.90 11.16 -8.24
CA CYS A 23 12.35 11.03 -6.86
C CYS A 23 11.58 11.97 -5.94
N ILE A 24 10.32 11.64 -5.67
CA ILE A 24 9.48 12.44 -4.81
C ILE A 24 10.30 13.10 -3.70
N LEU A 25 11.19 12.33 -3.09
CA LEU A 25 12.03 12.83 -2.01
C LEU A 25 13.02 11.77 -1.55
N GLN A 26 14.10 12.21 -0.92
CA GLN A 26 15.12 11.29 -0.43
C GLN A 26 14.49 10.16 0.39
N TRP A 27 15.32 9.21 0.81
CA TRP A 27 14.85 8.07 1.60
C TRP A 27 13.68 8.49 2.50
N LYS A 28 12.51 7.91 2.25
CA LYS A 28 11.32 8.21 3.03
C LYS A 28 10.54 6.94 3.35
N LYS A 29 9.57 7.05 4.25
CA LYS A 29 8.75 5.91 4.63
C LYS A 29 7.29 6.15 4.29
N ILE A 30 6.51 5.07 4.20
CA ILE A 30 5.10 5.17 3.88
C ILE A 30 4.25 5.27 5.14
N TYR A 31 3.01 5.74 4.99
CA TYR A 31 2.11 5.87 6.12
C TYR A 31 0.66 5.64 5.69
N CYS A 32 -0.11 5.00 6.56
CA CYS A 32 -1.51 4.72 6.28
C CYS A 32 -2.41 5.82 6.81
N ARG A 33 -3.19 6.43 5.92
CA ARG A 33 -4.10 7.50 6.30
C ARG A 33 -5.35 6.95 6.96
N ILE A 34 -5.77 5.76 6.52
CA ILE A 34 -6.96 5.12 7.08
C ILE A 34 -6.92 5.10 8.60
N CYS A 35 -5.84 4.54 9.15
CA CYS A 35 -5.69 4.47 10.60
C CYS A 35 -4.57 5.40 11.08
N MET A 36 -4.22 6.37 10.24
CA MET A 36 -3.17 7.33 10.57
C MET A 36 -1.98 6.63 11.22
N ALA A 37 -1.51 5.56 10.58
CA ALA A 37 -0.37 4.81 11.10
C ALA A 37 0.81 4.86 10.13
N GLN A 38 1.95 4.32 10.56
CA GLN A 38 3.14 4.31 9.73
C GLN A 38 3.55 2.88 9.38
N ILE A 39 4.01 2.68 8.15
CA ILE A 39 4.44 1.37 7.70
C ILE A 39 5.82 1.43 7.06
N ALA A 40 6.67 0.46 7.41
CA ALA A 40 8.02 0.40 6.87
C ALA A 40 8.00 0.00 5.39
N TYR A 41 8.79 0.71 4.58
CA TYR A 41 8.86 0.43 3.16
C TYR A 41 10.17 -0.26 2.79
N SER A 42 10.07 -1.48 2.28
CA SER A 42 11.25 -2.25 1.91
C SER A 42 11.30 -2.45 0.39
N GLY A 43 11.70 -1.42 -0.33
CA GLY A 43 11.79 -1.50 -1.78
C GLY A 43 10.44 -1.75 -2.42
N ASN A 44 10.01 -3.01 -2.42
CA ASN A 44 8.72 -3.38 -3.02
C ASN A 44 7.59 -3.11 -2.04
N THR A 45 6.35 -3.18 -2.55
CA THR A 45 5.17 -2.95 -1.72
C THR A 45 4.81 -4.21 -0.93
N SER A 46 5.82 -4.87 -0.38
CA SER A 46 5.62 -6.08 0.40
C SER A 46 4.91 -5.76 1.71
N ASN A 47 5.51 -4.88 2.50
CA ASN A 47 4.95 -4.49 3.79
C ASN A 47 3.62 -3.77 3.60
N LEU A 48 3.52 -2.98 2.53
CA LEU A 48 2.30 -2.24 2.24
C LEU A 48 1.07 -3.11 2.43
N SER A 49 0.96 -4.17 1.63
CA SER A 49 -0.17 -5.08 1.72
C SER A 49 -0.24 -5.72 3.10
N TYR A 50 0.91 -6.11 3.64
CA TYR A 50 0.96 -6.73 4.95
C TYR A 50 0.18 -5.92 5.99
N HIS A 51 0.49 -4.63 6.07
CA HIS A 51 -0.19 -3.74 7.01
C HIS A 51 -1.70 -3.94 6.95
N LEU A 52 -2.22 -4.11 5.74
CA LEU A 52 -3.65 -4.30 5.55
C LEU A 52 -4.06 -5.71 5.97
N GLU A 53 -3.46 -6.71 5.34
CA GLU A 53 -3.77 -8.10 5.65
C GLU A 53 -3.63 -8.38 7.15
N LYS A 54 -2.88 -7.52 7.82
CA LYS A 54 -2.67 -7.66 9.26
C LYS A 54 -3.63 -6.79 10.04
N ASN A 55 -3.84 -5.56 9.56
CA ASN A 55 -4.75 -4.63 10.22
C ASN A 55 -6.08 -4.56 9.47
N HIS A 56 -6.03 -4.17 8.21
CA HIS A 56 -7.23 -4.06 7.39
C HIS A 56 -7.36 -5.25 6.45
N PRO A 57 -8.16 -6.24 6.87
CA PRO A 57 -8.38 -7.45 6.09
C PRO A 57 -9.21 -7.19 4.83
N GLU A 58 -10.25 -6.36 4.97
CA GLU A 58 -11.11 -6.03 3.85
C GLU A 58 -10.36 -5.22 2.80
N GLU A 59 -9.45 -4.35 3.26
CA GLU A 59 -8.66 -3.53 2.36
C GLU A 59 -7.63 -4.36 1.61
N PHE A 60 -7.15 -5.42 2.25
CA PHE A 60 -6.16 -6.30 1.66
C PHE A 60 -6.81 -7.20 0.60
N CYS A 61 -7.87 -7.89 0.98
CA CYS A 61 -8.57 -8.78 0.07
C CYS A 61 -8.85 -8.09 -1.26
N GLU A 62 -9.64 -7.01 -1.20
CA GLU A 62 -9.98 -6.26 -2.42
C GLU A 62 -8.75 -6.05 -3.29
N PHE A 63 -7.61 -5.76 -2.65
CA PHE A 63 -6.37 -5.54 -3.38
C PHE A 63 -5.89 -6.82 -4.06
N VAL A 64 -5.73 -7.87 -3.26
CA VAL A 64 -5.28 -9.15 -3.78
C VAL A 64 -6.33 -9.78 -4.71
N LYS A 65 -7.50 -10.08 -4.16
CA LYS A 65 -8.58 -10.66 -4.94
C LYS A 65 -9.42 -9.58 -5.61
N SER A 66 -9.23 -9.40 -6.92
CA SER A 66 -9.97 -8.41 -7.67
C SER A 66 -11.36 -8.92 -8.03
N ASN A 67 -12.03 -9.55 -7.07
CA ASN A 67 -13.36 -10.08 -7.29
C ASN A 67 -14.37 -9.46 -6.34
N SER A 68 -13.94 -9.23 -5.09
CA SER A 68 -14.80 -8.63 -4.09
C SER A 68 -16.00 -9.52 -3.80
N GLY A 69 -15.74 -10.82 -3.63
CA GLY A 69 -16.81 -11.77 -3.35
C GLY A 69 -17.06 -11.93 -1.87
N PRO A 70 -18.00 -12.82 -1.52
CA PRO A 70 -18.36 -13.10 -0.13
C PRO A 70 -17.25 -13.84 0.62
N SER A 71 -16.94 -13.39 1.82
CA SER A 71 -15.90 -14.01 2.63
C SER A 71 -16.41 -14.31 4.04
N SER A 72 -15.93 -15.41 4.62
CA SER A 72 -16.34 -15.80 5.96
C SER A 72 -16.18 -14.64 6.94
N GLY A 73 -15.01 -14.00 6.89
CA GLY A 73 -14.75 -12.88 7.78
C GLY A 73 -15.99 -12.04 8.03
#